data_7FGA
#
_entry.id   7FGA
#
_cell.length_a   157.712
_cell.length_b   157.712
_cell.length_c   187.803
_cell.angle_alpha   90.000
_cell.angle_beta   90.000
_cell.angle_gamma   120.000
#
_symmetry.space_group_name_H-M   'P 65'
#
loop_
_entity.id
_entity.type
_entity.pdbx_description
1 polymer 'Glycosyl transferase'
2 branched alpha-D-glucopyranose-(1-1)-alpha-D-fructofuranose
3 non-polymer "URIDINE-5'-DIPHOSPHATE"
#
_entity_poly.entity_id   1
_entity_poly.type   'polypeptide(L)'
_entity_poly.pdbx_seq_one_letter_code
;GSHMRIAQVAPLWERVPPPAYGGVELVVSLLTEELVKRGHEVTLFASGDSMTQAKLVSTYPHAIRLDPNVQEYAVYEALQ
LGEVFSRANEFDVIHSHVGYTALPYTSLVKTPVVHTLHGRFTADNERIFSQYRNQNYVSISHSQRQLRELNYIATVYNAI
AVETHHFYPQPSDPPYLAFLGRLSPEKGPHHAIEIAKRVGIPLRMAGKVDRVDRDYFKELIEPHIDGEFIQFIGEADHPT
KNALLGGAIAMLFPITWQEPFGLVMIESMAAGTPVVAIAKGAAPEVIEHGKTGFLCHSVEDCVAAVAQVPQLDRMACRDY
VWQRFSVERMVSEYEAVYDTVLANTFVHNGHRRGTIELMAS
;
_entity_poly.pdbx_strand_id   A,B,C,D
#
# COMPACT_ATOMS: atom_id res chain seq x y z
N GLY A 1 -23.45 34.64 1.23
CA GLY A 1 -23.12 33.32 1.74
C GLY A 1 -21.65 33.00 1.67
N SER A 2 -20.96 33.60 0.70
CA SER A 2 -19.52 33.41 0.50
C SER A 2 -18.79 34.74 0.54
N HIS A 3 -19.25 35.66 1.39
CA HIS A 3 -18.63 36.97 1.55
C HIS A 3 -18.78 37.37 3.02
N MET A 4 -17.95 36.76 3.86
CA MET A 4 -17.99 36.98 5.29
C MET A 4 -16.88 37.93 5.73
N ARG A 5 -17.01 38.41 6.97
CA ARG A 5 -16.01 39.29 7.58
C ARG A 5 -15.38 38.52 8.74
N ILE A 6 -14.28 37.84 8.44
CA ILE A 6 -13.60 36.99 9.42
C ILE A 6 -12.70 37.85 10.29
N ALA A 7 -12.60 37.46 11.57
CA ALA A 7 -11.73 38.13 12.53
C ALA A 7 -10.75 37.10 13.08
N GLN A 8 -9.53 37.09 12.57
CA GLN A 8 -8.50 36.16 13.01
C GLN A 8 -7.77 36.73 14.21
N VAL A 9 -7.85 36.04 15.34
CA VAL A 9 -7.16 36.44 16.57
C VAL A 9 -6.01 35.48 16.76
N ALA A 10 -4.77 35.98 16.66
CA ALA A 10 -3.58 35.16 16.70
C ALA A 10 -2.74 35.45 17.94
N PRO A 11 -1.94 34.49 18.40
CA PRO A 11 -1.03 34.75 19.52
C PRO A 11 0.02 35.78 19.14
N LEU A 12 0.71 36.30 20.18
CA LEU A 12 1.71 37.32 20.02
C LEU A 12 3.12 36.85 20.33
N TRP A 13 3.29 35.57 20.70
CA TRP A 13 4.61 35.07 21.04
C TRP A 13 5.52 35.03 19.82
N GLU A 14 4.95 34.71 18.65
CA GLU A 14 5.70 34.68 17.41
C GLU A 14 4.90 35.38 16.32
N ARG A 15 5.60 35.87 15.30
CA ARG A 15 4.90 36.59 14.24
C ARG A 15 4.16 35.62 13.33
N VAL A 16 3.12 36.10 12.65
CA VAL A 16 2.49 35.23 11.60
C VAL A 16 3.59 35.11 10.54
N PRO A 18 5.77 32.89 10.57
CA PRO A 18 6.81 32.80 11.58
C PRO A 18 8.16 32.42 10.96
N PRO A 19 9.28 33.00 11.41
CA PRO A 19 10.57 32.74 10.77
C PRO A 19 11.04 31.30 11.00
N ALA A 20 11.13 30.87 12.26
CA ALA A 20 11.49 29.49 12.61
C ALA A 20 10.38 28.83 13.43
N TYR A 21 10.55 28.79 14.74
CA TYR A 21 9.56 28.16 15.61
C TYR A 21 8.25 28.91 15.52
N GLY A 22 7.17 28.19 15.19
CA GLY A 22 5.86 28.78 15.07
C GLY A 22 4.78 27.75 14.79
N GLY A 23 4.11 27.29 15.83
CA GLY A 23 3.06 26.30 15.68
C GLY A 23 1.73 26.90 15.27
N VAL A 24 1.04 27.53 16.24
CA VAL A 24 -0.26 28.12 15.96
C VAL A 24 -0.14 29.27 14.98
N GLU A 25 1.01 29.94 14.96
CA GLU A 25 1.18 31.10 14.08
C GLU A 25 1.26 30.68 12.62
N LEU A 26 1.69 29.46 12.34
CA LEU A 26 1.74 28.99 10.96
C LEU A 26 0.36 28.60 10.45
N VAL A 27 -0.46 27.98 11.30
CA VAL A 27 -1.80 27.59 10.89
C VAL A 27 -2.65 28.83 10.59
N VAL A 28 -2.52 29.86 11.44
CA VAL A 28 -3.24 31.11 11.19
C VAL A 28 -2.76 31.75 9.90
N SER A 29 -1.47 31.62 9.59
CA SER A 29 -0.91 32.20 8.37
C SER A 29 -1.61 31.63 7.14
N LEU A 30 -1.52 30.31 6.94
CA LEU A 30 -2.11 29.69 5.76
C LEU A 30 -3.62 29.87 5.74
N LEU A 31 -4.27 29.92 6.90
CA LEU A 31 -5.71 30.15 6.93
C LEU A 31 -6.05 31.58 6.53
N THR A 32 -5.21 32.54 6.93
CA THR A 32 -5.48 33.93 6.59
C THR A 32 -5.19 34.21 5.12
N GLU A 33 -4.02 33.77 4.64
CA GLU A 33 -3.64 34.03 3.26
C GLU A 33 -4.59 33.36 2.27
N GLU A 34 -5.20 32.23 2.66
CA GLU A 34 -6.12 31.54 1.75
C GLU A 34 -7.49 32.20 1.76
N LEU A 35 -8.04 32.49 2.94
CA LEU A 35 -9.37 33.11 3.00
C LEU A 35 -9.40 34.46 2.30
N VAL A 36 -8.29 35.21 2.36
CA VAL A 36 -8.20 36.45 1.59
C VAL A 36 -8.23 36.15 0.09
N LYS A 37 -7.58 35.06 -0.31
CA LYS A 37 -7.50 34.69 -1.71
C LYS A 37 -8.82 34.11 -2.24
N ARG A 38 -9.80 33.88 -1.37
CA ARG A 38 -11.12 33.41 -1.79
C ARG A 38 -12.18 34.51 -1.77
N GLY A 39 -11.87 35.67 -1.20
CA GLY A 39 -12.77 36.82 -1.26
C GLY A 39 -13.31 37.29 0.06
N HIS A 40 -13.00 36.63 1.17
CA HIS A 40 -13.51 37.02 2.47
C HIS A 40 -12.78 38.26 2.99
N GLU A 41 -13.47 39.01 3.85
CA GLU A 41 -12.92 40.23 4.45
C GLU A 41 -12.31 39.83 5.79
N VAL A 42 -11.04 39.44 5.76
CA VAL A 42 -10.34 38.95 6.94
C VAL A 42 -9.76 40.13 7.70
N THR A 43 -9.75 40.02 9.03
CA THR A 43 -9.13 41.01 9.89
C THR A 43 -8.23 40.26 10.88
N LEU A 44 -6.93 40.44 10.74
CA LEU A 44 -5.94 39.74 11.55
C LEU A 44 -5.54 40.61 12.75
N PHE A 45 -5.46 39.99 13.92
CA PHE A 45 -5.01 40.66 15.13
C PHE A 45 -3.75 39.93 15.62
N ALA A 46 -2.62 40.30 15.04
CA ALA A 46 -1.35 39.65 15.38
C ALA A 46 -0.34 40.67 15.86
N SER A 47 0.94 40.44 15.54
CA SER A 47 1.99 41.40 15.89
C SER A 47 1.99 42.56 14.92
N GLY A 48 3.14 43.18 14.70
CA GLY A 48 3.23 44.29 13.78
C GLY A 48 4.00 43.94 12.53
N ASP A 49 5.05 43.13 12.68
CA ASP A 49 5.89 42.72 11.56
C ASP A 49 5.27 41.58 10.74
N SER A 50 4.12 41.09 11.18
CA SER A 50 3.43 39.98 10.49
C SER A 50 3.17 40.39 9.05
N MET A 51 3.32 39.45 8.12
CA MET A 51 3.17 39.82 6.70
C MET A 51 1.89 39.19 6.14
N THR A 52 0.81 39.97 6.12
CA THR A 52 -0.47 39.48 5.58
C THR A 52 -1.10 40.47 4.61
N GLN A 53 -2.10 40.02 3.88
CA GLN A 53 -2.84 40.87 2.96
C GLN A 53 -4.12 41.42 3.56
N ALA A 54 -4.59 40.86 4.67
CA ALA A 54 -5.78 41.38 5.33
C ALA A 54 -5.43 42.56 6.23
N LYS A 55 -6.44 43.39 6.48
CA LYS A 55 -6.23 44.56 7.34
C LYS A 55 -5.88 44.12 8.75
N LEU A 56 -4.59 43.99 9.04
CA LEU A 56 -4.15 43.57 10.36
C LEU A 56 -4.27 44.74 11.35
N VAL A 57 -4.44 44.38 12.62
CA VAL A 57 -4.54 45.36 13.71
C VAL A 57 -3.44 45.02 14.68
N SER A 58 -2.32 45.74 14.60
CA SER A 58 -1.16 45.46 15.43
C SER A 58 -1.33 46.06 16.81
N THR A 59 -0.92 45.31 17.83
CA THR A 59 -0.87 45.81 19.20
C THR A 59 0.54 45.90 19.77
N TYR A 60 1.51 45.23 19.14
CA TYR A 60 2.93 45.35 19.47
C TYR A 60 3.73 44.91 18.24
N PRO A 61 4.70 45.72 17.81
CA PRO A 61 5.31 45.51 16.48
C PRO A 61 6.34 44.39 16.41
N HIS A 62 6.44 43.52 17.40
CA HIS A 62 7.41 42.43 17.35
C HIS A 62 6.86 41.22 18.09
N ALA A 63 7.53 40.09 17.90
CA ALA A 63 7.22 38.89 18.66
C ALA A 63 7.74 39.04 20.07
N ILE A 64 6.86 38.84 21.06
CA ILE A 64 7.22 39.07 22.45
C ILE A 64 8.25 38.05 22.93
N ARG A 65 8.22 36.83 22.39
CA ARG A 65 9.18 35.82 22.80
C ARG A 65 10.61 36.23 22.45
N LEU A 66 10.80 36.86 21.29
CA LEU A 66 12.13 37.27 20.87
C LEU A 66 12.52 38.63 21.45
N ASP A 67 11.56 39.54 21.55
CA ASP A 67 11.85 40.88 22.09
C ASP A 67 12.07 40.80 23.59
N PRO A 68 13.23 41.20 24.11
CA PRO A 68 13.48 41.12 25.55
C PRO A 68 12.97 42.32 26.35
N ASN A 69 12.52 43.38 25.68
CA ASN A 69 12.03 44.56 26.40
C ASN A 69 10.72 44.29 27.13
N VAL A 70 10.02 43.20 26.80
CA VAL A 70 8.75 42.87 27.42
C VAL A 70 8.99 41.82 28.49
N GLN A 71 8.53 42.11 29.72
CA GLN A 71 8.63 41.18 30.83
C GLN A 71 7.27 40.64 31.26
N GLU A 72 6.17 41.21 30.76
CA GLU A 72 4.82 40.76 31.11
C GLU A 72 4.06 40.55 29.80
N TYR A 73 3.89 39.30 29.41
CA TYR A 73 3.11 38.99 28.21
C TYR A 73 1.62 39.28 28.44
N ALA A 74 1.15 39.14 29.69
CA ALA A 74 -0.25 39.35 30.01
C ALA A 74 -0.71 40.78 29.78
N VAL A 75 0.21 41.72 29.62
CA VAL A 75 -0.17 43.12 29.37
C VAL A 75 -0.81 43.24 28.00
N TYR A 76 -0.09 42.84 26.95
CA TYR A 76 -0.59 42.94 25.59
C TYR A 76 -1.66 41.91 25.29
N GLU A 77 -1.89 40.93 26.17
CA GLU A 77 -3.01 40.03 26.01
C GLU A 77 -4.33 40.78 26.11
N ALA A 78 -4.53 41.48 27.23
CA ALA A 78 -5.76 42.24 27.43
C ALA A 78 -5.89 43.40 26.46
N LEU A 79 -4.79 43.82 25.83
CA LEU A 79 -4.85 44.87 24.81
C LEU A 79 -5.41 44.32 23.51
N GLN A 80 -4.89 43.17 23.04
CA GLN A 80 -5.40 42.58 21.81
C GLN A 80 -6.85 42.16 21.96
N LEU A 81 -7.17 41.46 23.05
CA LEU A 81 -8.54 41.02 23.26
C LEU A 81 -9.48 42.21 23.51
N GLY A 82 -8.95 43.32 24.01
CA GLY A 82 -9.77 44.51 24.16
C GLY A 82 -10.12 45.16 22.86
N GLU A 83 -9.25 45.04 21.85
CA GLU A 83 -9.50 45.65 20.54
C GLU A 83 -10.37 44.76 19.67
N VAL A 84 -10.33 43.44 19.88
CA VAL A 84 -11.15 42.52 19.10
C VAL A 84 -12.63 42.73 19.42
N PHE A 85 -12.98 42.57 20.69
CA PHE A 85 -14.38 42.60 21.11
C PHE A 85 -14.93 44.01 21.25
N SER A 86 -14.11 45.04 21.04
CA SER A 86 -14.63 46.40 20.90
C SER A 86 -15.11 46.67 19.49
N ARG A 87 -14.63 45.91 18.51
CA ARG A 87 -15.06 46.01 17.12
C ARG A 87 -15.78 44.75 16.67
N ALA A 88 -16.38 44.02 17.61
CA ALA A 88 -17.06 42.79 17.27
C ALA A 88 -18.26 43.03 16.36
N ASN A 89 -18.88 44.22 16.46
CA ASN A 89 -20.01 44.54 15.61
C ASN A 89 -19.61 44.67 14.14
N GLU A 90 -18.34 44.89 13.85
CA GLU A 90 -17.85 45.02 12.48
C GLU A 90 -17.55 43.66 11.83
N PHE A 91 -17.73 42.57 12.56
CA PHE A 91 -17.41 41.24 12.05
C PHE A 91 -18.68 40.39 11.98
N ASP A 92 -18.60 39.33 11.18
CA ASP A 92 -19.66 38.32 11.14
C ASP A 92 -19.37 37.15 12.07
N VAL A 93 -18.09 36.78 12.20
CA VAL A 93 -17.69 35.70 13.08
C VAL A 93 -16.24 35.93 13.47
N ILE A 94 -15.88 35.56 14.70
CA ILE A 94 -14.54 35.76 15.24
C ILE A 94 -13.91 34.39 15.44
N HIS A 95 -12.72 34.20 14.88
CA HIS A 95 -11.98 32.95 14.98
C HIS A 95 -10.82 33.16 15.96
N SER A 96 -10.99 32.65 17.18
CA SER A 96 -10.00 32.83 18.24
C SER A 96 -9.01 31.69 18.25
N HIS A 97 -7.73 32.03 18.42
CA HIS A 97 -6.66 31.05 18.55
C HIS A 97 -5.86 31.24 19.84
N VAL A 98 -6.31 32.12 20.73
CA VAL A 98 -5.54 32.44 21.92
C VAL A 98 -5.79 31.49 23.09
N GLY A 99 -6.95 30.83 23.13
CA GLY A 99 -7.23 29.89 24.19
C GLY A 99 -8.33 30.32 25.13
N TYR A 100 -8.21 29.94 26.41
CA TYR A 100 -9.26 30.22 27.38
C TYR A 100 -9.35 31.68 27.77
N THR A 101 -8.40 32.52 27.36
CA THR A 101 -8.42 33.93 27.73
C THR A 101 -9.55 34.69 27.08
N ALA A 102 -10.13 34.17 26.00
CA ALA A 102 -11.20 34.83 25.27
C ALA A 102 -12.58 34.24 25.55
N LEU A 103 -12.68 33.27 26.48
CA LEU A 103 -13.98 32.67 26.75
C LEU A 103 -14.92 33.62 27.48
N PRO A 104 -14.52 34.32 28.54
CA PRO A 104 -15.45 35.28 29.17
C PRO A 104 -15.82 36.44 28.26
N TYR A 105 -15.00 36.75 27.24
CA TYR A 105 -15.32 37.84 26.33
C TYR A 105 -16.51 37.49 25.45
N THR A 106 -16.60 36.22 25.03
CA THR A 106 -17.70 35.81 24.14
C THR A 106 -19.05 35.98 24.82
N SER A 107 -19.11 35.79 26.13
CA SER A 107 -20.36 35.93 26.87
C SER A 107 -20.67 37.38 27.19
N LEU A 108 -20.22 38.30 26.33
CA LEU A 108 -20.46 39.73 26.54
C LEU A 108 -20.90 40.46 25.28
N VAL A 109 -20.78 39.86 24.09
CA VAL A 109 -21.16 40.53 22.85
C VAL A 109 -22.20 39.68 22.12
N LYS A 110 -22.53 40.08 20.89
CA LYS A 110 -23.48 39.34 20.07
C LYS A 110 -22.83 38.68 18.86
N THR A 111 -21.55 38.93 18.60
CA THR A 111 -20.87 38.28 17.49
C THR A 111 -20.41 36.90 17.92
N PRO A 112 -20.79 35.83 17.20
CA PRO A 112 -20.36 34.49 17.61
C PRO A 112 -18.87 34.29 17.36
N VAL A 113 -18.22 33.62 18.31
CA VAL A 113 -16.78 33.40 18.28
C VAL A 113 -16.53 31.91 18.14
N VAL A 114 -15.64 31.55 17.21
CA VAL A 114 -15.24 30.17 16.98
C VAL A 114 -13.87 29.96 17.64
N HIS A 115 -13.81 29.03 18.59
CA HIS A 115 -12.60 28.80 19.37
C HIS A 115 -11.91 27.54 18.87
N THR A 116 -10.73 27.71 18.28
CA THR A 116 -9.90 26.59 17.85
C THR A 116 -8.91 26.26 18.96
N LEU A 117 -9.02 25.05 19.50
CA LEU A 117 -8.19 24.64 20.62
C LEU A 117 -6.84 24.15 20.13
N HIS A 118 -5.77 24.59 20.80
CA HIS A 118 -4.42 24.22 20.42
C HIS A 118 -3.60 23.59 21.55
N GLY A 119 -4.18 23.45 22.74
CA GLY A 119 -3.44 22.96 23.88
C GLY A 119 -4.17 21.83 24.60
N ARG A 120 -3.45 21.23 25.55
CA ARG A 120 -3.99 20.15 26.35
C ARG A 120 -4.92 20.68 27.43
N PHE A 121 -5.86 19.85 27.85
CA PHE A 121 -6.77 20.19 28.95
C PHE A 121 -6.07 19.84 30.26
N THR A 122 -5.34 20.81 30.80
CA THR A 122 -4.66 20.63 32.07
C THR A 122 -5.68 20.55 33.21
N ALA A 123 -5.23 20.12 34.38
CA ALA A 123 -6.10 20.02 35.54
C ALA A 123 -6.70 21.37 35.95
N ASP A 124 -6.24 22.47 35.37
CA ASP A 124 -6.75 23.81 35.69
C ASP A 124 -7.72 24.34 34.65
N ASN A 125 -7.35 24.33 33.36
CA ASN A 125 -8.23 24.86 32.34
C ASN A 125 -9.45 23.99 32.09
N GLU A 126 -9.50 22.78 32.66
CA GLU A 126 -10.71 21.99 32.64
C GLU A 126 -11.84 22.66 33.40
N ARG A 127 -11.52 23.61 34.29
CA ARG A 127 -12.55 24.32 35.03
C ARG A 127 -13.16 25.44 34.22
N ILE A 128 -12.35 26.13 33.41
CA ILE A 128 -12.87 27.24 32.62
C ILE A 128 -13.57 26.75 31.35
N PHE A 129 -13.10 25.65 30.77
CA PHE A 129 -13.70 25.16 29.53
C PHE A 129 -15.09 24.58 29.77
N SER A 130 -15.32 23.97 30.93
CA SER A 130 -16.64 23.48 31.28
C SER A 130 -17.58 24.60 31.68
N GLN A 131 -17.05 25.76 32.09
CA GLN A 131 -17.90 26.90 32.41
C GLN A 131 -18.55 27.45 31.15
N TYR A 132 -17.73 27.68 30.12
CA TYR A 132 -18.22 28.10 28.80
C TYR A 132 -18.38 26.90 27.88
N ARG A 133 -18.98 25.84 28.43
CA ARG A 133 -19.16 24.59 27.70
C ARG A 133 -20.02 24.78 26.46
N ASN A 134 -21.10 25.54 26.58
CA ASN A 134 -22.06 25.69 25.49
C ASN A 134 -21.64 26.84 24.57
N GLN A 135 -20.46 26.69 23.97
CA GLN A 135 -19.97 27.66 22.99
C GLN A 135 -19.61 26.96 21.69
N ASN A 136 -18.68 27.53 20.93
CA ASN A 136 -18.31 27.01 19.61
C ASN A 136 -16.83 26.65 19.63
N TYR A 137 -16.53 25.35 19.75
CA TYR A 137 -15.16 24.87 19.79
C TYR A 137 -14.86 24.03 18.56
N VAL A 138 -13.65 24.17 18.04
CA VAL A 138 -13.18 23.41 16.88
C VAL A 138 -11.86 22.78 17.26
N SER A 139 -11.85 21.45 17.40
CA SER A 139 -10.63 20.73 17.74
C SER A 139 -9.73 20.61 16.51
N ILE A 140 -8.49 20.20 16.77
CA ILE A 140 -7.51 19.95 15.72
C ILE A 140 -7.18 18.48 15.57
N SER A 141 -7.69 17.62 16.44
CA SER A 141 -7.52 16.19 16.33
C SER A 141 -8.55 15.52 17.23
N HIS A 142 -8.82 14.24 16.96
CA HIS A 142 -9.82 13.52 17.74
C HIS A 142 -9.32 13.21 19.15
N SER A 143 -8.04 12.89 19.28
CA SER A 143 -7.47 12.61 20.60
C SER A 143 -7.40 13.85 21.47
N GLN A 144 -7.41 15.04 20.87
CA GLN A 144 -7.35 16.28 21.66
C GLN A 144 -8.60 16.47 22.50
N ARG A 145 -9.74 15.95 22.04
CA ARG A 145 -10.98 16.03 22.81
C ARG A 145 -10.86 15.13 24.04
N GLN A 146 -10.71 15.75 25.21
CA GLN A 146 -10.62 15.01 26.46
C GLN A 146 -11.71 15.37 27.47
N LEU A 147 -12.53 16.39 27.19
CA LEU A 147 -13.67 16.70 28.04
C LEU A 147 -14.96 16.06 27.55
N ARG A 148 -15.09 15.83 26.23
CA ARG A 148 -16.23 15.16 25.62
C ARG A 148 -17.53 15.94 25.82
N GLU A 149 -17.81 16.39 27.04
CA GLU A 149 -19.06 17.07 27.35
C GLU A 149 -19.14 18.48 26.77
N LEU A 150 -18.12 18.95 26.06
CA LEU A 150 -18.12 20.30 25.50
C LEU A 150 -19.07 20.42 24.31
N ASN A 151 -18.86 21.45 23.49
CA ASN A 151 -19.67 21.69 22.30
C ASN A 151 -18.73 21.86 21.10
N TYR A 152 -18.09 20.75 20.72
CA TYR A 152 -17.18 20.76 19.58
C TYR A 152 -17.97 20.94 18.28
N ILE A 153 -17.67 22.01 17.55
CA ILE A 153 -18.35 22.24 16.27
C ILE A 153 -17.86 21.24 15.23
N ALA A 154 -16.54 21.05 15.16
CA ALA A 154 -15.94 20.12 14.21
C ALA A 154 -14.50 19.86 14.65
N THR A 155 -13.82 18.99 13.90
CA THR A 155 -12.41 18.70 14.12
C THR A 155 -11.69 18.89 12.80
N VAL A 156 -10.94 19.99 12.69
CA VAL A 156 -10.22 20.34 11.47
C VAL A 156 -8.74 20.11 11.73
N TYR A 157 -8.18 19.09 11.09
CA TYR A 157 -6.75 18.82 11.23
C TYR A 157 -5.94 19.93 10.59
N ASN A 158 -4.86 20.33 11.25
CA ASN A 158 -3.99 21.37 10.72
C ASN A 158 -3.33 20.91 9.42
N ALA A 159 -2.89 21.89 8.64
CA ALA A 159 -2.30 21.60 7.34
C ALA A 159 -1.18 22.59 7.06
N ILE A 160 -0.24 22.16 6.22
CA ILE A 160 0.90 22.97 5.82
C ILE A 160 0.92 23.09 4.31
N ALA A 161 1.65 24.09 3.83
CA ALA A 161 1.86 24.28 2.40
C ALA A 161 2.95 23.32 1.94
N VAL A 162 2.55 22.24 1.27
CA VAL A 162 3.51 21.20 0.89
C VAL A 162 4.40 21.69 -0.25
N GLU A 163 3.88 22.54 -1.12
CA GLU A 163 4.67 23.02 -2.27
C GLU A 163 5.86 23.85 -1.86
N THR A 164 5.86 24.41 -0.64
CA THR A 164 6.99 25.19 -0.15
C THR A 164 8.04 24.33 0.52
N HIS A 165 7.89 23.01 0.52
CA HIS A 165 8.85 22.09 1.12
C HIS A 165 9.49 21.28 0.00
N HIS A 166 10.77 21.54 -0.26
CA HIS A 166 11.49 20.81 -1.30
C HIS A 166 11.51 19.32 -0.98
N PHE A 167 11.22 18.51 -2.00
CA PHE A 167 11.19 17.06 -1.84
C PHE A 167 12.60 16.49 -2.04
N TYR A 168 13.16 15.91 -0.99
CA TYR A 168 14.41 15.18 -1.09
C TYR A 168 14.11 13.71 -1.24
N PRO A 169 14.55 13.06 -2.33
CA PRO A 169 14.27 11.62 -2.48
C PRO A 169 15.15 10.80 -1.54
N GLN A 170 16.24 10.25 -2.05
CA GLN A 170 17.21 9.62 -1.17
C GLN A 170 17.94 10.71 -0.37
N PRO A 171 18.20 10.49 0.91
CA PRO A 171 18.83 11.53 1.73
C PRO A 171 20.32 11.66 1.47
N SER A 172 21.05 12.16 2.47
CA SER A 172 22.50 12.26 2.38
C SER A 172 23.11 10.88 2.58
N ASP A 173 24.17 10.59 1.83
CA ASP A 173 24.81 9.28 1.92
C ASP A 173 25.36 8.98 3.31
N PRO A 174 26.02 9.91 4.01
CA PRO A 174 26.27 9.69 5.45
C PRO A 174 24.97 9.80 6.22
N PRO A 175 24.47 8.69 6.76
CA PRO A 175 23.12 8.70 7.34
C PRO A 175 23.07 9.36 8.70
N TYR A 176 21.96 10.05 8.96
CA TYR A 176 21.73 10.68 10.25
C TYR A 176 20.23 10.71 10.52
N LEU A 177 19.87 11.02 11.76
CA LEU A 177 18.50 11.11 12.19
C LEU A 177 18.09 12.59 12.27
N ALA A 178 16.97 12.88 12.93
CA ALA A 178 16.49 14.25 13.05
C ALA A 178 15.54 14.36 14.22
N PHE A 179 15.58 15.53 14.87
CA PHE A 179 14.65 15.87 15.93
C PHE A 179 14.18 17.30 15.71
N LEU A 180 12.86 17.50 15.69
CA LEU A 180 12.29 18.82 15.47
C LEU A 180 11.27 19.11 16.57
N GLY A 181 11.14 20.39 16.90
CA GLY A 181 10.30 20.83 17.99
C GLY A 181 11.11 21.32 19.17
N ARG A 182 10.42 21.98 20.09
CA ARG A 182 11.07 22.54 21.26
C ARG A 182 11.65 21.44 22.14
N LEU A 183 12.76 21.74 22.80
CA LEU A 183 13.41 20.79 23.70
C LEU A 183 12.75 20.85 25.07
N SER A 184 11.54 20.30 25.12
CA SER A 184 10.74 20.23 26.33
C SER A 184 10.51 18.78 26.73
N PRO A 185 10.47 18.48 28.03
CA PRO A 185 10.19 17.10 28.46
C PRO A 185 8.86 16.56 27.94
N GLU A 186 7.96 17.43 27.49
CA GLU A 186 6.72 16.97 26.90
C GLU A 186 6.97 16.28 25.57
N LYS A 187 7.70 16.93 24.66
CA LYS A 187 7.99 16.36 23.36
C LYS A 187 9.14 15.37 23.38
N GLY A 188 9.78 15.17 24.54
CA GLY A 188 10.77 14.13 24.71
C GLY A 188 11.95 14.20 23.77
N PRO A 189 12.93 15.03 24.10
CA PRO A 189 14.17 15.04 23.31
C PRO A 189 15.21 14.08 23.87
N HIS A 190 15.08 13.73 25.15
CA HIS A 190 16.02 12.81 25.78
C HIS A 190 15.88 11.40 25.23
N HIS A 191 14.67 11.00 24.82
CA HIS A 191 14.47 9.67 24.27
C HIS A 191 15.13 9.52 22.91
N ALA A 192 15.28 10.62 22.17
CA ALA A 192 15.81 10.55 20.82
C ALA A 192 17.30 10.20 20.81
N ILE A 193 18.04 10.63 21.83
CA ILE A 193 19.48 10.36 21.86
C ILE A 193 19.74 8.90 22.23
N GLU A 194 18.94 8.34 23.14
CA GLU A 194 19.13 6.93 23.51
C GLU A 194 18.91 6.01 22.32
N ILE A 195 17.93 6.33 21.46
CA ILE A 195 17.74 5.55 20.25
C ILE A 195 18.91 5.76 19.29
N ALA A 196 19.47 6.97 19.25
CA ALA A 196 20.62 7.24 18.39
C ALA A 196 21.85 6.44 18.82
N LYS A 197 21.88 5.96 20.06
CA LYS A 197 22.99 5.13 20.53
C LYS A 197 22.76 3.65 20.22
N ARG A 198 21.53 3.15 20.41
CA ARG A 198 21.25 1.76 20.13
C ARG A 198 21.25 1.49 18.63
N VAL A 199 20.75 2.43 17.83
CA VAL A 199 20.85 2.31 16.38
C VAL A 199 22.26 2.64 15.92
N GLY A 200 22.98 3.49 16.65
CA GLY A 200 24.34 3.87 16.29
C GLY A 200 24.45 4.96 15.25
N ILE A 201 23.34 5.43 14.70
CA ILE A 201 23.34 6.46 13.68
C ILE A 201 23.29 7.82 14.36
N PRO A 202 24.11 8.79 13.95
CA PRO A 202 24.09 10.11 14.59
C PRO A 202 22.74 10.79 14.45
N LEU A 203 22.47 11.71 15.38
CA LEU A 203 21.21 12.43 15.45
C LEU A 203 21.51 13.93 15.35
N ARG A 204 20.97 14.56 14.31
CA ARG A 204 21.14 16.03 14.13
C ARG A 204 19.88 16.70 14.65
N MET A 205 19.99 17.47 15.73
CA MET A 205 18.80 18.08 16.36
C MET A 205 18.55 19.49 15.82
N ALA A 206 17.49 20.16 16.30
CA ALA A 206 17.13 21.55 15.91
C ALA A 206 15.82 21.88 16.62
N GLY A 207 15.87 22.70 17.66
CA GLY A 207 14.69 23.08 18.40
C GLY A 207 14.85 24.39 19.12
N LYS A 208 13.96 24.62 20.09
CA LYS A 208 13.91 25.84 20.85
C LYS A 208 13.89 25.50 22.34
N VAL A 209 14.64 26.28 23.13
CA VAL A 209 14.70 26.12 24.58
C VAL A 209 14.32 27.44 25.22
N ASP A 210 13.44 27.39 26.22
CA ASP A 210 12.95 28.57 26.91
C ASP A 210 12.97 28.31 28.41
N ARG A 211 12.52 29.31 29.17
CA ARG A 211 12.50 29.20 30.62
C ARG A 211 11.54 28.10 31.06
N VAL A 212 11.64 27.74 32.34
CA VAL A 212 10.91 26.63 32.98
C VAL A 212 11.49 25.31 32.52
N ASP A 213 12.11 25.29 31.33
CA ASP A 213 12.76 24.12 30.79
C ASP A 213 14.25 24.33 30.55
N ARG A 214 14.81 25.47 30.96
CA ARG A 214 16.24 25.68 30.80
C ARG A 214 17.05 24.79 31.73
N ASP A 215 16.50 24.45 32.90
CA ASP A 215 17.18 23.52 33.79
C ASP A 215 17.24 22.12 33.19
N TYR A 216 16.22 21.74 32.41
CA TYR A 216 16.20 20.42 31.79
C TYR A 216 17.22 20.32 30.67
N PHE A 217 17.41 21.40 29.92
CA PHE A 217 18.34 21.38 28.78
C PHE A 217 19.78 21.20 29.26
N LYS A 218 20.18 21.97 30.28
CA LYS A 218 21.55 21.88 30.77
C LYS A 218 21.83 20.61 31.56
N GLU A 219 20.79 19.84 31.91
CA GLU A 219 20.96 18.62 32.70
C GLU A 219 21.06 17.38 31.83
N LEU A 220 20.03 17.10 31.03
CA LEU A 220 19.93 15.85 30.28
C LEU A 220 20.46 15.94 28.86
N ILE A 221 20.20 17.04 28.17
CA ILE A 221 20.58 17.14 26.77
C ILE A 221 21.99 17.71 26.58
N GLU A 222 22.41 18.64 27.45
CA GLU A 222 23.68 19.32 27.25
C GLU A 222 24.88 18.38 27.28
N PRO A 223 25.05 17.47 28.25
CA PRO A 223 26.26 16.65 28.27
C PRO A 223 26.29 15.54 27.22
N HIS A 224 25.69 15.78 26.06
CA HIS A 224 25.67 14.78 24.99
C HIS A 224 25.76 15.38 23.60
N ILE A 225 26.02 16.67 23.46
CA ILE A 225 26.05 17.32 22.15
C ILE A 225 27.41 17.86 21.77
N ASP A 226 28.37 17.91 22.69
CA ASP A 226 29.69 18.45 22.37
C ASP A 226 30.48 17.47 21.52
N GLY A 227 30.03 17.26 20.29
CA GLY A 227 30.72 16.34 19.40
C GLY A 227 30.00 16.27 18.07
N GLU A 228 30.70 15.69 17.08
CA GLU A 228 30.13 15.53 15.75
C GLU A 228 29.00 14.53 15.72
N PHE A 229 28.93 13.64 16.71
CA PHE A 229 27.83 12.66 16.76
C PHE A 229 26.48 13.34 16.92
N ILE A 230 26.43 14.45 17.65
CA ILE A 230 25.20 15.21 17.88
C ILE A 230 25.51 16.67 17.58
N GLN A 231 25.16 17.11 16.37
CA GLN A 231 25.28 18.52 16.02
C GLN A 231 23.95 19.21 16.31
N PHE A 232 24.01 20.31 17.07
CA PHE A 232 22.79 20.94 17.59
C PHE A 232 22.16 21.90 16.58
N ILE A 233 22.83 23.04 16.33
CA ILE A 233 22.30 24.18 15.58
C ILE A 233 20.80 24.32 15.83
N GLY A 234 20.44 24.90 16.97
CA GLY A 234 19.05 24.95 17.37
C GLY A 234 18.28 26.06 16.68
N GLU A 235 16.96 25.84 16.58
CA GLU A 235 16.03 26.78 15.95
C GLU A 235 16.44 27.09 14.52
N ALA A 236 15.93 26.31 13.57
CA ALA A 236 16.23 26.49 12.16
C ALA A 236 15.02 27.07 11.43
N ASP A 237 15.29 27.93 10.45
CA ASP A 237 14.22 28.56 9.67
C ASP A 237 13.65 27.54 8.68
N HIS A 238 12.85 28.03 7.73
CA HIS A 238 12.21 27.12 6.78
C HIS A 238 13.23 26.48 5.84
N PRO A 239 14.11 27.22 5.15
CA PRO A 239 15.06 26.56 4.24
C PRO A 239 16.07 25.67 4.94
N THR A 240 16.28 25.84 6.25
CA THR A 240 17.26 25.03 6.97
C THR A 240 16.66 23.75 7.53
N LYS A 241 15.52 23.86 8.22
CA LYS A 241 14.88 22.67 8.77
C LYS A 241 14.31 21.77 7.69
N ASN A 242 14.12 22.30 6.47
CA ASN A 242 13.63 21.47 5.37
C ASN A 242 14.70 20.46 4.93
N ALA A 243 15.93 20.93 4.73
CA ALA A 243 17.02 20.03 4.39
C ALA A 243 17.38 19.10 5.54
N LEU A 244 17.08 19.49 6.78
CA LEU A 244 17.35 18.63 7.92
C LEU A 244 16.46 17.39 7.89
N LEU A 245 15.16 17.59 7.66
CA LEU A 245 14.23 16.47 7.62
C LEU A 245 14.30 15.73 6.29
N GLY A 246 14.51 16.46 5.19
CA GLY A 246 14.63 15.80 3.91
C GLY A 246 15.86 14.91 3.81
N GLY A 247 16.96 15.34 4.42
CA GLY A 247 18.16 14.54 4.46
C GLY A 247 18.21 13.52 5.56
N ALA A 248 17.15 13.41 6.36
CA ALA A 248 17.08 12.43 7.43
C ALA A 248 16.44 11.15 6.92
N ILE A 249 17.01 10.02 7.33
CA ILE A 249 16.45 8.73 6.93
C ILE A 249 15.11 8.48 7.62
N ALA A 250 14.94 9.05 8.81
CA ALA A 250 13.67 8.90 9.56
C ALA A 250 13.62 9.91 10.69
N MET A 251 12.50 10.61 10.86
CA MET A 251 12.48 11.65 11.90
C MET A 251 12.15 10.99 13.23
N LEU A 252 12.91 11.31 14.28
CA LEU A 252 12.57 10.80 15.62
C LEU A 252 11.62 11.77 16.30
N PHE A 253 10.43 11.29 16.68
CA PHE A 253 9.42 12.09 17.38
C PHE A 253 8.93 11.35 18.62
N PRO A 254 9.83 11.14 19.60
CA PRO A 254 9.42 10.39 20.80
C PRO A 254 8.77 11.29 21.84
N ILE A 255 7.45 11.26 21.91
CA ILE A 255 6.70 12.16 22.80
C ILE A 255 6.26 11.39 24.03
N THR A 256 6.14 12.13 25.14
CA THR A 256 5.64 11.63 26.41
C THR A 256 4.58 12.58 26.96
N TRP A 257 3.70 13.06 26.08
CA TRP A 257 2.73 14.07 26.45
C TRP A 257 1.58 14.02 25.46
N GLN A 258 0.37 14.30 25.96
CA GLN A 258 -0.83 14.29 25.13
C GLN A 258 -0.75 15.35 24.04
N GLU A 259 -0.13 15.00 22.92
CA GLU A 259 0.07 15.96 21.84
C GLU A 259 -1.26 16.30 21.17
N PRO A 260 -1.62 17.57 21.03
CA PRO A 260 -2.84 17.90 20.29
C PRO A 260 -2.70 17.64 18.80
N PHE A 261 -1.53 17.94 18.23
CA PHE A 261 -1.27 17.62 16.83
C PHE A 261 0.22 17.39 16.60
N GLY A 262 0.99 18.46 16.51
CA GLY A 262 2.41 18.35 16.22
C GLY A 262 2.70 18.51 14.74
N LEU A 263 2.82 19.77 14.30
CA LEU A 263 3.07 20.06 12.89
C LEU A 263 4.42 19.54 12.41
N VAL A 264 5.28 19.13 13.33
CA VAL A 264 6.64 18.71 12.92
C VAL A 264 6.51 17.39 12.15
N MET A 265 5.44 16.64 12.40
CA MET A 265 5.26 15.31 11.79
C MET A 265 4.95 15.48 10.31
N ILE A 266 3.92 16.25 9.98
CA ILE A 266 3.50 16.42 8.56
C ILE A 266 4.52 17.23 7.77
N GLU A 267 5.44 17.91 8.43
CA GLU A 267 6.50 18.64 7.71
C GLU A 267 7.59 17.67 7.30
N SER A 268 7.85 16.64 8.12
CA SER A 268 8.87 15.63 7.80
C SER A 268 8.41 14.86 6.57
N MET A 269 7.19 14.38 6.62
CA MET A 269 6.63 13.58 5.51
C MET A 269 6.49 14.44 4.24
N ALA A 270 6.31 15.74 4.36
CA ALA A 270 6.23 16.62 3.17
C ALA A 270 7.53 16.54 2.38
N ALA A 271 8.68 16.65 3.03
CA ALA A 271 9.92 16.53 2.28
C ALA A 271 10.29 15.08 1.98
N GLY A 272 9.41 14.13 2.30
CA GLY A 272 9.68 12.73 2.06
C GLY A 272 10.56 12.09 3.11
N THR A 273 10.03 11.88 4.31
CA THR A 273 10.77 11.27 5.40
C THR A 273 9.81 10.69 6.43
N PRO A 274 9.86 9.39 6.69
CA PRO A 274 8.96 8.79 7.68
C PRO A 274 9.28 9.25 9.10
N VAL A 275 8.30 9.07 9.98
CA VAL A 275 8.40 9.51 11.37
C VAL A 275 8.13 8.31 12.27
N VAL A 276 8.97 8.13 13.28
CA VAL A 276 8.80 7.08 14.27
C VAL A 276 8.45 7.77 15.58
N ALA A 277 7.18 7.71 15.97
CA ALA A 277 6.69 8.40 17.14
C ALA A 277 6.17 7.39 18.17
N ILE A 278 6.16 7.81 19.43
CA ILE A 278 5.60 7.00 20.50
C ILE A 278 4.09 7.06 20.42
N ALA A 279 3.44 5.91 20.61
CA ALA A 279 1.99 5.82 20.54
C ALA A 279 1.34 6.58 21.69
N LYS A 280 1.10 7.88 21.49
CA LYS A 280 0.48 8.71 22.50
C LYS A 280 -0.04 9.97 21.83
N GLY A 281 -1.13 10.51 22.39
CA GLY A 281 -1.70 11.72 21.85
C GLY A 281 -2.32 11.48 20.48
N ALA A 282 -2.11 12.44 19.58
CA ALA A 282 -2.66 12.38 18.23
C ALA A 282 -1.63 11.87 17.22
N ALA A 283 -0.84 10.87 17.59
CA ALA A 283 0.14 10.28 16.69
C ALA A 283 -0.51 9.29 15.73
N PRO A 284 -1.38 8.37 16.17
CA PRO A 284 -2.02 7.46 15.21
C PRO A 284 -2.94 8.17 14.23
N GLU A 285 -3.39 9.39 14.53
CA GLU A 285 -4.25 10.13 13.62
C GLU A 285 -3.50 10.74 12.45
N VAL A 286 -2.17 10.82 12.52
CA VAL A 286 -1.34 11.40 11.47
C VAL A 286 -0.45 10.34 10.82
N ILE A 287 0.32 9.62 11.63
CA ILE A 287 1.24 8.61 11.11
C ILE A 287 0.45 7.35 10.76
N GLU A 288 0.67 6.84 9.56
CA GLU A 288 0.09 5.58 9.12
C GLU A 288 1.10 4.46 9.36
N HIS A 289 0.73 3.51 10.20
CA HIS A 289 1.65 2.45 10.60
C HIS A 289 1.99 1.57 9.40
N GLY A 290 3.29 1.39 9.15
CA GLY A 290 3.75 0.55 8.06
C GLY A 290 3.76 1.20 6.70
N LYS A 291 3.25 2.42 6.56
CA LYS A 291 3.20 3.11 5.28
C LYS A 291 4.10 4.34 5.27
N THR A 292 3.83 5.31 6.14
CA THR A 292 4.61 6.54 6.23
C THR A 292 5.15 6.76 7.64
N GLY A 293 5.66 5.71 8.25
CA GLY A 293 6.24 5.80 9.57
C GLY A 293 5.84 4.61 10.41
N PHE A 294 6.02 4.75 11.73
CA PHE A 294 5.71 3.68 12.66
C PHE A 294 5.21 4.28 13.97
N LEU A 295 4.49 3.46 14.73
CA LEU A 295 4.00 3.82 16.06
C LEU A 295 4.50 2.77 17.05
N CYS A 296 5.19 3.21 18.08
CA CYS A 296 5.81 2.31 19.05
C CYS A 296 5.30 2.58 20.45
N HIS A 297 5.36 1.56 21.30
CA HIS A 297 4.96 1.66 22.69
C HIS A 297 6.13 1.74 23.65
N SER A 298 7.36 1.75 23.15
CA SER A 298 8.55 1.80 23.99
C SER A 298 9.69 2.39 23.18
N VAL A 299 10.90 2.33 23.74
CA VAL A 299 12.08 2.84 23.06
C VAL A 299 12.74 1.77 22.20
N GLU A 300 12.83 0.54 22.70
CA GLU A 300 13.41 -0.53 21.92
C GLU A 300 12.54 -0.89 20.71
N ASP A 301 11.24 -0.62 20.79
CA ASP A 301 10.37 -0.82 19.64
C ASP A 301 10.69 0.15 18.51
N CYS A 302 11.28 1.30 18.82
CA CYS A 302 11.71 2.23 17.78
C CYS A 302 13.00 1.78 17.12
N VAL A 303 13.93 1.21 17.90
CA VAL A 303 15.18 0.72 17.34
C VAL A 303 14.91 -0.36 16.31
N ALA A 304 13.93 -1.23 16.58
CA ALA A 304 13.52 -2.22 15.59
C ALA A 304 12.77 -1.58 14.42
N ALA A 305 12.21 -0.39 14.63
CA ALA A 305 11.50 0.30 13.55
C ALA A 305 12.47 0.98 12.59
N VAL A 306 13.56 1.55 13.13
CA VAL A 306 14.55 2.19 12.27
C VAL A 306 15.18 1.18 11.33
N ALA A 307 15.34 -0.07 11.78
CA ALA A 307 15.82 -1.13 10.89
C ALA A 307 14.81 -1.49 9.82
N GLN A 308 13.57 -1.01 9.91
CA GLN A 308 12.54 -1.26 8.91
C GLN A 308 12.05 0.04 8.30
N VAL A 309 12.93 1.04 8.21
CA VAL A 309 12.59 2.33 7.62
C VAL A 309 13.03 2.39 6.16
N PRO A 310 14.23 1.94 5.77
CA PRO A 310 14.60 1.97 4.35
C PRO A 310 13.63 1.25 3.43
N GLN A 311 12.80 0.35 3.95
CA GLN A 311 11.79 -0.30 3.13
C GLN A 311 10.54 0.55 2.94
N LEU A 312 10.37 1.60 3.75
CA LEU A 312 9.18 2.44 3.66
C LEU A 312 9.23 3.28 2.39
N ASP A 313 8.07 3.57 1.80
CA ASP A 313 8.03 4.44 0.59
C ASP A 313 8.21 5.89 0.99
N ARG A 314 9.20 6.58 0.40
CA ARG A 314 9.49 7.99 0.78
C ARG A 314 8.72 8.95 -0.11
N MET A 315 8.37 8.53 -1.32
CA MET A 315 7.54 9.40 -2.18
C MET A 315 6.13 9.41 -1.61
N ALA A 316 5.64 8.25 -1.16
CA ALA A 316 4.25 8.18 -0.68
C ALA A 316 4.10 9.05 0.58
N CYS A 317 5.20 9.36 1.27
CA CYS A 317 5.13 10.24 2.45
C CYS A 317 4.65 11.61 1.97
N ARG A 318 5.16 12.12 0.85
CA ARG A 318 4.75 13.44 0.40
C ARG A 318 3.31 13.46 -0.05
N ASP A 319 2.91 12.46 -0.85
CA ASP A 319 1.54 12.40 -1.33
C ASP A 319 0.54 12.14 -0.21
N TYR A 320 0.99 11.56 0.91
CA TYR A 320 0.08 11.35 2.04
C TYR A 320 -0.30 12.66 2.71
N VAL A 321 0.62 13.63 2.75
CA VAL A 321 0.30 14.93 3.32
C VAL A 321 -0.72 15.66 2.44
N TRP A 322 -0.57 15.54 1.12
CA TRP A 322 -1.54 16.13 0.21
C TRP A 322 -2.93 15.52 0.38
N GLN A 323 -3.02 14.29 0.88
CA GLN A 323 -4.31 13.63 1.04
C GLN A 323 -5.18 14.36 2.06
N ARG A 324 -4.70 14.46 3.30
CA ARG A 324 -5.52 14.94 4.41
C ARG A 324 -4.88 16.10 5.17
N PHE A 325 -3.79 16.67 4.69
CA PHE A 325 -3.14 17.80 5.34
C PHE A 325 -2.77 18.87 4.32
N SER A 326 -3.73 19.24 3.48
CA SER A 326 -3.54 20.30 2.50
C SER A 326 -4.25 21.58 2.96
N VAL A 327 -3.68 22.72 2.59
CA VAL A 327 -4.25 24.00 3.00
C VAL A 327 -5.65 24.18 2.42
N GLU A 328 -5.86 23.73 1.18
CA GLU A 328 -7.18 23.86 0.56
C GLU A 328 -8.23 23.06 1.33
N ARG A 329 -7.84 21.94 1.94
CA ARG A 329 -8.81 21.13 2.73
C ARG A 329 -9.10 21.84 4.05
N MET A 330 -8.07 22.27 4.77
CA MET A 330 -8.24 22.94 6.08
C MET A 330 -9.15 24.15 5.93
N VAL A 331 -8.81 25.05 5.02
CA VAL A 331 -9.58 26.31 4.89
C VAL A 331 -11.01 26.00 4.47
N SER A 332 -11.22 24.97 3.66
CA SER A 332 -12.58 24.62 3.27
C SER A 332 -13.38 24.11 4.47
N GLU A 333 -12.74 23.37 5.36
CA GLU A 333 -13.42 22.90 6.56
C GLU A 333 -13.77 24.06 7.48
N TYR A 334 -12.83 24.98 7.68
CA TYR A 334 -13.11 26.14 8.51
C TYR A 334 -14.16 27.04 7.86
N GLU A 335 -14.11 27.18 6.54
CA GLU A 335 -15.12 27.95 5.83
C GLU A 335 -16.49 27.30 5.97
N ALA A 336 -16.54 25.98 6.08
CA ALA A 336 -17.79 25.28 6.34
C ALA A 336 -18.20 25.35 7.82
N VAL A 337 -17.25 25.61 8.71
CA VAL A 337 -17.59 25.78 10.12
C VAL A 337 -18.32 27.09 10.34
N TYR A 338 -17.92 28.14 9.63
CA TYR A 338 -18.55 29.46 9.79
C TYR A 338 -20.02 29.41 9.42
N ASP A 339 -20.37 28.67 8.35
CA ASP A 339 -21.77 28.55 7.98
C ASP A 339 -22.57 27.79 9.03
N THR A 340 -21.91 26.89 9.78
CA THR A 340 -22.60 26.20 10.86
C THR A 340 -22.88 27.15 12.02
N VAL A 341 -21.93 28.04 12.33
CA VAL A 341 -22.11 28.98 13.42
C VAL A 341 -23.06 30.11 13.04
N LEU A 342 -22.98 30.58 11.79
CA LEU A 342 -23.85 31.67 11.35
C LEU A 342 -25.29 31.21 11.15
N ALA A 343 -25.53 29.91 11.05
CA ALA A 343 -26.89 29.41 10.87
C ALA A 343 -27.59 29.12 12.19
N ASN A 344 -26.84 28.91 13.27
CA ASN A 344 -27.45 28.63 14.57
C ASN A 344 -28.02 29.87 15.24
N THR A 345 -27.75 31.05 14.73
CA THR A 345 -28.26 32.28 15.32
C THR A 345 -29.59 32.68 14.68
N HIS B 3 -25.15 15.97 2.50
CA HIS B 3 -26.40 15.96 3.25
C HIS B 3 -27.59 16.23 2.34
N MET B 4 -27.45 15.88 1.06
CA MET B 4 -28.48 16.14 0.06
C MET B 4 -28.65 14.91 -0.82
N ARG B 5 -29.79 14.86 -1.50
CA ARG B 5 -30.06 13.82 -2.49
C ARG B 5 -29.60 14.32 -3.85
N ILE B 6 -28.48 13.80 -4.33
CA ILE B 6 -27.89 14.20 -5.60
C ILE B 6 -27.98 13.04 -6.58
N ALA B 7 -28.12 13.38 -7.86
CA ALA B 7 -28.17 12.40 -8.93
C ALA B 7 -27.13 12.78 -9.97
N GLN B 8 -26.19 11.87 -10.23
CA GLN B 8 -25.15 12.08 -11.23
C GLN B 8 -25.48 11.24 -12.46
N VAL B 9 -25.92 11.90 -13.53
CA VAL B 9 -26.32 11.22 -14.76
C VAL B 9 -25.10 11.17 -15.66
N ALA B 10 -24.44 10.02 -15.68
CA ALA B 10 -23.23 9.81 -16.47
C ALA B 10 -23.59 9.23 -17.84
N PRO B 11 -22.72 9.43 -18.84
CA PRO B 11 -22.96 8.80 -20.14
C PRO B 11 -22.84 7.29 -20.06
N LEU B 12 -23.41 6.62 -21.06
CA LEU B 12 -23.40 5.17 -21.13
C LEU B 12 -22.36 4.63 -22.09
N TRP B 13 -21.57 5.49 -22.73
CA TRP B 13 -20.56 5.03 -23.68
C TRP B 13 -19.46 4.25 -22.98
N GLU B 14 -19.15 4.59 -21.73
CA GLU B 14 -18.05 3.93 -21.03
C GLU B 14 -18.42 3.50 -19.62
N ARG B 15 -17.41 3.19 -18.81
CA ARG B 15 -17.57 2.62 -17.49
C ARG B 15 -17.11 3.63 -16.45
N VAL B 16 -17.82 3.67 -15.31
CA VAL B 16 -17.30 4.50 -14.18
C VAL B 16 -16.01 3.79 -13.79
N PRO B 18 -13.41 4.16 -15.41
CA PRO B 18 -13.24 3.69 -16.78
C PRO B 18 -11.92 2.92 -16.90
N PRO B 19 -11.93 1.69 -17.40
CA PRO B 19 -10.72 0.89 -17.46
C PRO B 19 -9.67 1.51 -18.38
N ALA B 20 -10.10 2.15 -19.47
CA ALA B 20 -9.17 2.71 -20.47
C ALA B 20 -9.67 4.07 -20.95
N TYR B 21 -10.25 4.18 -22.15
CA TYR B 21 -10.73 5.49 -22.57
C TYR B 21 -11.94 5.90 -21.73
N GLY B 22 -12.14 7.21 -21.62
CA GLY B 22 -13.25 7.74 -20.87
C GLY B 22 -12.83 8.87 -19.95
N GLY B 23 -13.19 10.10 -20.31
CA GLY B 23 -12.84 11.25 -19.52
C GLY B 23 -13.92 11.68 -18.55
N VAL B 24 -15.14 11.87 -19.07
CA VAL B 24 -16.25 12.30 -18.24
C VAL B 24 -16.55 11.25 -17.16
N GLU B 25 -16.60 9.98 -17.56
CA GLU B 25 -16.89 8.92 -16.60
C GLU B 25 -15.84 8.85 -15.50
N LEU B 26 -14.61 9.27 -15.78
CA LEU B 26 -13.61 9.37 -14.73
C LEU B 26 -13.90 10.54 -13.80
N VAL B 27 -14.31 11.68 -14.36
CA VAL B 27 -14.65 12.84 -13.54
C VAL B 27 -15.87 12.56 -12.69
N VAL B 28 -16.90 11.95 -13.27
CA VAL B 28 -18.10 11.60 -12.51
C VAL B 28 -17.76 10.59 -11.42
N SER B 29 -16.76 9.73 -11.68
CA SER B 29 -16.34 8.77 -10.67
C SER B 29 -15.74 9.48 -9.45
N LEU B 30 -14.68 10.26 -9.67
CA LEU B 30 -14.02 10.95 -8.58
C LEU B 30 -14.96 11.89 -7.85
N LEU B 31 -15.98 12.41 -8.55
CA LEU B 31 -16.99 13.24 -7.90
C LEU B 31 -17.94 12.40 -7.07
N THR B 32 -18.47 11.32 -7.65
CA THR B 32 -19.44 10.50 -6.92
C THR B 32 -18.76 9.71 -5.80
N GLU B 33 -17.58 9.14 -6.08
CA GLU B 33 -16.89 8.35 -5.07
C GLU B 33 -16.45 9.18 -3.87
N GLU B 34 -16.44 10.50 -3.99
CA GLU B 34 -16.08 11.37 -2.88
C GLU B 34 -17.30 12.06 -2.25
N LEU B 35 -18.33 12.36 -3.05
CA LEU B 35 -19.53 12.95 -2.47
C LEU B 35 -20.19 12.01 -1.46
N VAL B 36 -20.28 10.72 -1.81
CA VAL B 36 -20.85 9.75 -0.87
C VAL B 36 -19.98 9.63 0.37
N LYS B 37 -18.66 9.77 0.22
CA LYS B 37 -17.75 9.72 1.36
C LYS B 37 -17.97 10.87 2.34
N ARG B 38 -18.60 11.95 1.90
CA ARG B 38 -18.86 13.11 2.75
C ARG B 38 -20.29 13.11 3.29
N GLY B 39 -20.83 11.93 3.58
CA GLY B 39 -22.14 11.84 4.19
C GLY B 39 -23.29 12.34 3.35
N HIS B 40 -23.14 12.37 2.04
CA HIS B 40 -24.21 12.81 1.14
C HIS B 40 -25.09 11.60 0.79
N GLU B 41 -25.93 11.76 -0.22
CA GLU B 41 -26.83 10.69 -0.66
C GLU B 41 -26.92 10.77 -2.19
N VAL B 42 -26.05 10.05 -2.86
CA VAL B 42 -25.94 10.09 -4.32
C VAL B 42 -26.52 8.80 -4.89
N THR B 43 -27.15 8.94 -6.06
CA THR B 43 -27.69 7.81 -6.81
C THR B 43 -27.11 7.87 -8.22
N LEU B 44 -26.10 7.05 -8.47
CA LEU B 44 -25.39 7.12 -9.75
C LEU B 44 -26.27 6.62 -10.88
N PHE B 45 -26.23 7.34 -12.00
CA PHE B 45 -26.95 6.98 -13.22
C PHE B 45 -25.92 6.72 -14.32
N ALA B 46 -25.57 5.44 -14.52
CA ALA B 46 -24.60 5.07 -15.54
C ALA B 46 -24.86 3.67 -16.05
N SER B 47 -23.80 2.90 -16.26
CA SER B 47 -23.92 1.53 -16.73
C SER B 47 -24.05 0.57 -15.55
N GLY B 48 -24.17 -0.72 -15.86
CA GLY B 48 -24.33 -1.72 -14.83
C GLY B 48 -23.02 -2.31 -14.33
N ASP B 49 -21.98 -2.23 -15.16
CA ASP B 49 -20.67 -2.74 -14.80
C ASP B 49 -19.87 -1.77 -13.93
N SER B 50 -20.50 -0.64 -13.63
CA SER B 50 -19.86 0.42 -12.82
C SER B 50 -19.65 -0.07 -11.40
N MET B 51 -18.45 0.16 -10.86
CA MET B 51 -18.15 -0.22 -9.47
C MET B 51 -18.21 1.03 -8.61
N THR B 52 -19.41 1.45 -8.22
CA THR B 52 -19.60 2.67 -7.40
C THR B 52 -19.90 2.30 -5.95
N GLN B 53 -19.96 3.28 -5.07
CA GLN B 53 -20.35 3.01 -3.69
C GLN B 53 -21.69 3.65 -3.35
N ALA B 54 -22.52 3.91 -4.35
CA ALA B 54 -23.83 4.53 -4.18
C ALA B 54 -24.89 3.64 -4.81
N LYS B 55 -26.15 4.05 -4.67
CA LYS B 55 -27.28 3.30 -5.23
C LYS B 55 -27.19 3.35 -6.75
N LEU B 56 -26.74 2.25 -7.35
CA LEU B 56 -26.60 2.17 -8.79
C LEU B 56 -27.98 1.99 -9.43
N VAL B 57 -28.26 2.80 -10.45
CA VAL B 57 -29.48 2.69 -11.25
C VAL B 57 -29.05 2.79 -12.71
N SER B 58 -29.16 1.68 -13.43
CA SER B 58 -28.67 1.61 -14.81
C SER B 58 -29.75 1.04 -15.71
N THR B 59 -29.64 1.36 -17.00
CA THR B 59 -30.52 0.81 -18.02
C THR B 59 -29.85 -0.24 -18.89
N TYR B 60 -28.52 -0.33 -18.87
CA TYR B 60 -27.77 -1.34 -19.60
C TYR B 60 -26.58 -1.78 -18.76
N PRO B 61 -26.29 -3.09 -18.72
CA PRO B 61 -25.19 -3.54 -17.85
C PRO B 61 -23.81 -3.23 -18.40
N HIS B 62 -23.62 -3.35 -19.71
CA HIS B 62 -22.31 -3.18 -20.32
C HIS B 62 -22.15 -1.75 -20.84
N ALA B 63 -20.98 -1.45 -21.39
CA ALA B 63 -20.71 -0.17 -22.02
C ALA B 63 -21.12 -0.23 -23.49
N ILE B 64 -21.67 0.87 -23.98
CA ILE B 64 -22.18 0.89 -25.35
C ILE B 64 -21.03 0.85 -26.36
N ARG B 65 -19.89 1.44 -26.03
CA ARG B 65 -18.77 1.46 -26.97
C ARG B 65 -18.24 0.04 -27.22
N LEU B 66 -17.69 -0.59 -26.18
CA LEU B 66 -17.15 -1.95 -26.30
C LEU B 66 -18.30 -2.94 -26.17
N ASP B 67 -19.07 -3.06 -27.25
CA ASP B 67 -20.20 -3.97 -27.30
C ASP B 67 -20.63 -4.20 -28.74
N PRO B 68 -20.56 -5.44 -29.24
CA PRO B 68 -21.01 -5.71 -30.61
C PRO B 68 -22.51 -5.95 -30.73
N ASN B 69 -23.22 -6.15 -29.63
CA ASN B 69 -24.64 -6.46 -29.65
C ASN B 69 -25.52 -5.21 -29.62
N VAL B 70 -24.93 -4.02 -29.49
CA VAL B 70 -25.69 -2.77 -29.46
C VAL B 70 -25.46 -2.03 -30.75
N GLN B 71 -26.49 -1.30 -31.19
CA GLN B 71 -26.43 -0.52 -32.42
C GLN B 71 -27.08 0.86 -32.31
N GLU B 72 -28.07 1.05 -31.47
CA GLU B 72 -28.78 2.32 -31.31
C GLU B 72 -28.52 2.83 -29.89
N TYR B 73 -27.54 3.72 -29.74
CA TYR B 73 -27.24 4.28 -28.42
C TYR B 73 -28.31 5.26 -27.97
N ALA B 74 -28.97 5.94 -28.91
CA ALA B 74 -30.00 6.91 -28.56
C ALA B 74 -31.17 6.27 -27.84
N VAL B 75 -31.36 4.96 -28.00
CA VAL B 75 -32.41 4.26 -27.26
C VAL B 75 -32.11 4.29 -25.77
N TYR B 76 -30.90 3.87 -25.39
CA TYR B 76 -30.51 3.89 -23.98
C TYR B 76 -30.22 5.30 -23.49
N GLU B 77 -29.92 6.23 -24.39
CA GLU B 77 -29.81 7.63 -23.99
C GLU B 77 -31.15 8.16 -23.49
N ALA B 78 -32.24 7.82 -24.20
CA ALA B 78 -33.57 8.22 -23.78
C ALA B 78 -34.11 7.35 -22.65
N LEU B 79 -33.63 6.12 -22.52
CA LEU B 79 -34.05 5.27 -21.42
C LEU B 79 -33.53 5.80 -20.09
N GLN B 80 -32.28 6.26 -20.07
CA GLN B 80 -31.71 6.78 -18.83
C GLN B 80 -32.44 8.03 -18.37
N LEU B 81 -32.63 9.00 -19.27
CA LEU B 81 -33.32 10.22 -18.90
C LEU B 81 -34.78 9.96 -18.53
N GLY B 82 -35.36 8.88 -19.07
CA GLY B 82 -36.71 8.52 -18.69
C GLY B 82 -36.83 8.07 -17.24
N GLU B 83 -35.74 7.54 -16.69
CA GLU B 83 -35.71 7.15 -15.29
C GLU B 83 -35.22 8.25 -14.37
N VAL B 84 -34.42 9.19 -14.89
CA VAL B 84 -33.93 10.30 -14.08
C VAL B 84 -35.07 11.23 -13.69
N PHE B 85 -35.72 11.82 -14.70
CA PHE B 85 -36.77 12.81 -14.46
C PHE B 85 -38.07 12.17 -13.98
N SER B 86 -38.22 10.86 -14.09
CA SER B 86 -39.34 10.20 -13.44
C SER B 86 -39.16 10.17 -11.93
N ARG B 87 -37.91 10.02 -11.48
CA ARG B 87 -37.56 10.11 -10.06
C ARG B 87 -37.08 11.50 -9.67
N ALA B 88 -37.55 12.54 -10.38
CA ALA B 88 -37.12 13.90 -10.09
C ALA B 88 -37.58 14.38 -8.72
N ASN B 89 -38.63 13.79 -8.17
CA ASN B 89 -39.11 14.17 -6.85
C ASN B 89 -38.29 13.55 -5.71
N GLU B 90 -37.42 12.59 -6.03
CA GLU B 90 -36.58 11.93 -5.03
C GLU B 90 -35.20 12.55 -4.93
N PHE B 91 -34.95 13.67 -5.60
CA PHE B 91 -33.64 14.29 -5.65
C PHE B 91 -33.74 15.75 -5.25
N ASP B 92 -32.69 16.25 -4.60
CA ASP B 92 -32.57 17.66 -4.28
C ASP B 92 -31.91 18.46 -5.39
N VAL B 93 -31.00 17.84 -6.13
CA VAL B 93 -30.33 18.48 -7.26
C VAL B 93 -29.86 17.38 -8.20
N ILE B 94 -30.01 17.61 -9.50
CA ILE B 94 -29.63 16.67 -10.53
C ILE B 94 -28.40 17.21 -11.24
N HIS B 95 -27.31 16.44 -11.22
CA HIS B 95 -26.07 16.81 -11.90
C HIS B 95 -26.01 16.05 -13.21
N SER B 96 -26.32 16.75 -14.31
CA SER B 96 -26.37 16.14 -15.63
C SER B 96 -25.03 16.29 -16.34
N HIS B 97 -24.47 15.17 -16.81
CA HIS B 97 -23.24 15.16 -17.57
C HIS B 97 -23.42 14.67 -18.99
N VAL B 98 -24.66 14.38 -19.41
CA VAL B 98 -24.92 13.84 -20.74
C VAL B 98 -24.94 14.90 -21.82
N GLY B 99 -24.93 16.19 -21.46
CA GLY B 99 -24.89 17.23 -22.45
C GLY B 99 -26.24 17.87 -22.72
N TYR B 100 -26.45 18.30 -23.96
CA TYR B 100 -27.65 19.02 -24.33
C TYR B 100 -28.88 18.14 -24.43
N THR B 101 -28.73 16.82 -24.30
CA THR B 101 -29.89 15.92 -24.41
C THR B 101 -30.85 16.04 -23.25
N ALA B 102 -30.46 16.73 -22.17
CA ALA B 102 -31.32 16.87 -20.99
C ALA B 102 -31.91 18.27 -20.86
N LEU B 103 -31.69 19.14 -21.85
CA LEU B 103 -32.23 20.50 -21.76
C LEU B 103 -33.76 20.52 -21.85
N PRO B 104 -34.41 19.88 -22.82
CA PRO B 104 -35.89 19.93 -22.85
C PRO B 104 -36.54 19.28 -21.65
N TYR B 105 -35.89 18.30 -21.03
CA TYR B 105 -36.49 17.64 -19.88
C TYR B 105 -36.45 18.52 -18.63
N THR B 106 -35.50 19.45 -18.56
CA THR B 106 -35.36 20.28 -17.38
C THR B 106 -36.54 21.25 -17.24
N SER B 107 -37.09 21.71 -18.35
CA SER B 107 -38.21 22.65 -18.33
C SER B 107 -39.55 21.99 -18.07
N LEU B 108 -39.56 20.73 -17.61
CA LEU B 108 -40.78 20.01 -17.32
C LEU B 108 -40.92 19.58 -15.87
N VAL B 109 -39.83 19.31 -15.18
CA VAL B 109 -39.88 18.85 -13.80
C VAL B 109 -39.79 20.03 -12.85
N LYS B 110 -39.73 19.74 -11.54
CA LYS B 110 -39.61 20.79 -10.53
C LYS B 110 -38.21 20.87 -9.92
N THR B 111 -37.49 19.76 -9.89
CA THR B 111 -36.18 19.74 -9.24
C THR B 111 -35.16 20.50 -10.08
N PRO B 112 -34.35 21.38 -9.46
CA PRO B 112 -33.31 22.07 -10.22
C PRO B 112 -32.24 21.12 -10.71
N VAL B 113 -31.80 21.33 -11.95
CA VAL B 113 -30.84 20.46 -12.61
C VAL B 113 -29.63 21.30 -13.01
N VAL B 114 -28.43 20.80 -12.72
CA VAL B 114 -27.18 21.44 -13.09
C VAL B 114 -26.56 20.67 -14.24
N HIS B 115 -26.04 21.40 -15.23
CA HIS B 115 -25.42 20.81 -16.42
C HIS B 115 -23.96 21.19 -16.45
N THR B 116 -23.08 20.20 -16.32
CA THR B 116 -21.64 20.41 -16.47
C THR B 116 -21.26 20.21 -17.93
N LEU B 117 -20.79 21.27 -18.57
CA LEU B 117 -20.41 21.19 -19.97
C LEU B 117 -19.09 20.43 -20.12
N HIS B 118 -19.02 19.59 -21.17
CA HIS B 118 -17.84 18.76 -21.40
C HIS B 118 -17.37 18.77 -22.85
N GLY B 119 -18.03 19.51 -23.74
CA GLY B 119 -17.69 19.50 -25.16
C GLY B 119 -17.60 20.90 -25.73
N ARG B 120 -17.29 20.95 -27.02
CA ARG B 120 -17.19 22.20 -27.76
C ARG B 120 -18.56 22.63 -28.29
N PHE B 121 -18.80 23.94 -28.25
CA PHE B 121 -19.98 24.51 -28.89
C PHE B 121 -19.74 24.58 -30.40
N THR B 122 -20.62 23.95 -31.17
CA THR B 122 -20.54 23.99 -32.62
C THR B 122 -21.61 24.93 -33.17
N ALA B 123 -21.61 25.11 -34.49
CA ALA B 123 -22.61 25.96 -35.13
C ALA B 123 -24.02 25.39 -35.02
N ASP B 124 -24.17 24.12 -34.64
CA ASP B 124 -25.47 23.48 -34.55
C ASP B 124 -25.99 23.42 -33.11
N ASN B 125 -25.20 22.90 -32.17
CA ASN B 125 -25.65 22.77 -30.80
C ASN B 125 -25.82 24.11 -30.09
N GLU B 126 -25.25 25.19 -30.65
CA GLU B 126 -25.42 26.51 -30.04
C GLU B 126 -26.87 26.98 -30.08
N ARG B 127 -27.71 26.36 -30.89
CA ARG B 127 -29.12 26.74 -30.94
C ARG B 127 -29.89 26.21 -29.73
N ILE B 128 -29.64 24.96 -29.35
CA ILE B 128 -30.36 24.39 -28.21
C ILE B 128 -29.90 25.03 -26.91
N PHE B 129 -28.65 25.50 -26.86
CA PHE B 129 -28.19 26.23 -25.67
C PHE B 129 -28.80 27.62 -25.61
N SER B 130 -29.03 28.25 -26.76
CA SER B 130 -29.64 29.57 -26.77
C SER B 130 -31.11 29.51 -26.38
N GLN B 131 -31.76 28.36 -26.60
CA GLN B 131 -33.15 28.19 -26.20
C GLN B 131 -33.30 27.87 -24.72
N TYR B 132 -32.21 27.53 -24.04
CA TYR B 132 -32.19 27.31 -22.60
C TYR B 132 -30.99 28.02 -21.99
N ARG B 133 -30.85 29.30 -22.32
CA ARG B 133 -29.68 30.06 -21.90
C ARG B 133 -29.67 30.33 -20.41
N ASN B 134 -30.85 30.55 -19.82
CA ASN B 134 -30.95 30.85 -18.39
C ASN B 134 -30.88 29.61 -17.52
N GLN B 135 -30.66 28.43 -18.09
CA GLN B 135 -30.52 27.21 -17.30
C GLN B 135 -29.21 27.23 -16.53
N ASN B 136 -29.05 26.26 -15.65
CA ASN B 136 -27.87 26.16 -14.80
C ASN B 136 -26.78 25.39 -15.54
N TYR B 137 -25.66 26.07 -15.80
CA TYR B 137 -24.52 25.46 -16.46
C TYR B 137 -23.30 25.54 -15.56
N VAL B 138 -22.32 24.68 -15.84
CA VAL B 138 -21.04 24.69 -15.15
C VAL B 138 -19.97 24.40 -16.20
N SER B 139 -19.07 25.35 -16.43
CA SER B 139 -18.01 25.19 -17.41
C SER B 139 -16.78 24.60 -16.74
N ILE B 140 -16.08 23.73 -17.48
CA ILE B 140 -14.86 23.11 -16.99
C ILE B 140 -13.63 23.96 -17.27
N SER B 141 -13.80 25.14 -17.86
CA SER B 141 -12.70 26.05 -18.16
C SER B 141 -13.27 27.39 -18.59
N HIS B 142 -12.54 28.46 -18.28
CA HIS B 142 -12.95 29.79 -18.72
C HIS B 142 -12.85 29.92 -20.24
N SER B 143 -11.93 29.18 -20.87
CA SER B 143 -11.82 29.22 -22.32
C SER B 143 -13.03 28.60 -22.98
N GLN B 144 -13.69 27.64 -22.32
CA GLN B 144 -14.88 27.03 -22.90
C GLN B 144 -16.04 28.00 -22.95
N ARG B 145 -16.16 28.88 -21.95
CA ARG B 145 -17.23 29.86 -21.90
C ARG B 145 -17.23 30.75 -23.14
N GLN B 146 -17.83 30.26 -24.22
CA GLN B 146 -17.80 30.96 -25.51
C GLN B 146 -19.11 31.66 -25.85
N LEU B 147 -20.23 31.20 -25.29
CA LEU B 147 -21.52 31.80 -25.61
C LEU B 147 -21.80 33.04 -24.78
N ARG B 148 -21.35 33.06 -23.51
CA ARG B 148 -21.52 34.19 -22.60
C ARG B 148 -22.99 34.49 -22.32
N GLU B 149 -23.83 34.47 -23.35
CA GLU B 149 -25.26 34.73 -23.16
C GLU B 149 -25.93 33.68 -22.29
N LEU B 150 -25.29 32.53 -22.08
CA LEU B 150 -25.84 31.50 -21.20
C LEU B 150 -25.76 31.95 -19.75
N ASN B 151 -26.20 31.08 -18.85
CA ASN B 151 -26.18 31.34 -17.41
C ASN B 151 -25.16 30.37 -16.79
N TYR B 152 -23.90 30.77 -16.81
CA TYR B 152 -22.83 29.98 -16.22
C TYR B 152 -22.78 30.23 -14.71
N ILE B 153 -22.91 29.16 -13.93
CA ILE B 153 -22.92 29.30 -12.48
C ILE B 153 -21.51 29.55 -11.96
N ALA B 154 -20.55 28.71 -12.35
CA ALA B 154 -19.17 28.85 -11.93
C ALA B 154 -18.29 28.11 -12.93
N THR B 155 -17.01 27.96 -12.59
CA THR B 155 -16.05 27.24 -13.42
C THR B 155 -15.24 26.32 -12.52
N VAL B 156 -15.35 25.01 -12.74
CA VAL B 156 -14.67 24.01 -11.92
C VAL B 156 -13.71 23.25 -12.82
N TYR B 157 -12.42 23.27 -12.46
CA TYR B 157 -11.41 22.56 -13.23
C TYR B 157 -11.49 21.07 -12.94
N ASN B 158 -11.45 20.26 -14.00
CA ASN B 158 -11.44 18.82 -13.83
C ASN B 158 -10.16 18.38 -13.12
N ALA B 159 -10.30 17.35 -12.28
CA ALA B 159 -9.18 16.87 -11.47
C ALA B 159 -9.04 15.36 -11.65
N ILE B 160 -7.94 14.83 -11.12
CA ILE B 160 -7.65 13.41 -11.13
C ILE B 160 -7.14 12.99 -9.76
N ALA B 161 -7.20 11.70 -9.48
CA ALA B 161 -6.63 11.13 -8.26
C ALA B 161 -5.13 11.06 -8.43
N VAL B 162 -4.42 12.06 -7.92
CA VAL B 162 -3.00 12.18 -8.18
C VAL B 162 -2.22 11.04 -7.52
N GLU B 163 -2.68 10.62 -6.33
CA GLU B 163 -1.99 9.55 -5.62
C GLU B 163 -2.03 8.23 -6.37
N THR B 164 -3.01 8.03 -7.25
CA THR B 164 -3.08 6.82 -8.06
C THR B 164 -2.13 6.86 -9.25
N HIS B 165 -1.54 8.01 -9.55
CA HIS B 165 -0.58 8.15 -10.64
C HIS B 165 0.82 8.08 -10.04
N HIS B 166 1.55 7.02 -10.36
CA HIS B 166 2.92 6.90 -9.90
C HIS B 166 3.78 7.98 -10.55
N PHE B 167 4.73 8.50 -9.77
CA PHE B 167 5.56 9.62 -10.21
C PHE B 167 6.92 9.11 -10.68
N TYR B 168 7.35 9.57 -11.84
CA TYR B 168 8.66 9.21 -12.40
C TYR B 168 9.55 10.43 -12.45
N PRO B 169 10.63 10.48 -11.66
CA PRO B 169 11.55 11.62 -11.74
C PRO B 169 12.31 11.65 -13.07
N GLN B 170 13.35 10.84 -13.16
CA GLN B 170 14.14 10.77 -14.38
C GLN B 170 13.45 9.87 -15.40
N PRO B 171 13.41 10.28 -16.68
CA PRO B 171 12.75 9.45 -17.69
C PRO B 171 13.53 8.19 -18.01
N SER B 172 13.09 7.44 -19.01
CA SER B 172 13.84 6.28 -19.47
C SER B 172 15.17 6.73 -20.05
N ASP B 173 16.20 5.91 -19.84
CA ASP B 173 17.53 6.28 -20.30
C ASP B 173 17.59 6.46 -21.82
N PRO B 174 17.02 5.60 -22.66
CA PRO B 174 16.78 5.97 -24.04
C PRO B 174 15.50 6.79 -24.16
N PRO B 175 15.60 8.09 -24.41
CA PRO B 175 14.42 8.95 -24.34
C PRO B 175 13.45 8.70 -25.48
N TYR B 176 12.20 9.08 -25.23
CA TYR B 176 11.13 8.97 -26.23
C TYR B 176 10.05 9.98 -25.88
N LEU B 177 9.24 10.30 -26.89
CA LEU B 177 8.16 11.27 -26.72
C LEU B 177 6.89 10.55 -26.29
N ALA B 178 5.76 11.25 -26.29
CA ALA B 178 4.51 10.64 -25.81
C ALA B 178 3.32 11.25 -26.54
N PHE B 179 2.26 10.46 -26.63
CA PHE B 179 0.99 10.91 -27.17
C PHE B 179 -0.12 10.09 -26.54
N LEU B 180 -1.12 10.76 -25.97
CA LEU B 180 -2.23 10.09 -25.31
C LEU B 180 -3.54 10.75 -25.73
N GLY B 181 -4.56 9.93 -25.91
CA GLY B 181 -5.86 10.38 -26.34
C GLY B 181 -6.29 9.75 -27.64
N ARG B 182 -7.52 10.07 -28.05
CA ARG B 182 -8.07 9.54 -29.29
C ARG B 182 -7.23 9.98 -30.47
N LEU B 183 -7.21 9.13 -31.51
CA LEU B 183 -6.46 9.41 -32.73
C LEU B 183 -7.26 10.24 -33.73
N SER B 184 -8.04 11.20 -33.23
CA SER B 184 -8.90 12.07 -34.02
C SER B 184 -8.15 13.32 -34.44
N PRO B 185 -8.57 13.96 -35.54
CA PRO B 185 -7.97 15.25 -35.92
C PRO B 185 -8.10 16.32 -34.84
N GLU B 186 -9.02 16.15 -33.89
CA GLU B 186 -9.16 17.10 -32.80
C GLU B 186 -7.96 17.09 -31.86
N LYS B 187 -7.14 16.03 -31.90
CA LYS B 187 -5.92 15.97 -31.10
C LYS B 187 -4.66 16.09 -31.94
N GLY B 188 -4.77 16.05 -33.26
CA GLY B 188 -3.65 16.24 -34.16
C GLY B 188 -2.45 15.36 -33.89
N PRO B 189 -2.61 14.04 -34.02
CA PRO B 189 -1.43 13.16 -33.91
C PRO B 189 -0.49 13.26 -35.09
N HIS B 190 -0.95 13.75 -36.23
CA HIS B 190 -0.07 13.90 -37.39
C HIS B 190 1.02 14.93 -37.15
N HIS B 191 0.72 15.97 -36.36
CA HIS B 191 1.77 16.91 -35.95
C HIS B 191 2.73 16.25 -34.99
N ALA B 192 2.22 15.43 -34.07
CA ALA B 192 3.08 14.73 -33.12
C ALA B 192 4.04 13.77 -33.84
N ILE B 193 3.60 13.21 -34.98
CA ILE B 193 4.49 12.35 -35.75
C ILE B 193 5.63 13.15 -36.36
N GLU B 194 5.33 14.34 -36.89
CA GLU B 194 6.38 15.16 -37.49
C GLU B 194 7.29 15.77 -36.44
N ILE B 195 6.74 16.18 -35.31
CA ILE B 195 7.55 16.77 -34.24
C ILE B 195 8.58 15.77 -33.74
N ALA B 196 8.17 14.51 -33.56
CA ALA B 196 9.11 13.49 -33.10
C ALA B 196 10.16 13.19 -34.14
N LYS B 197 9.86 13.40 -35.43
CA LYS B 197 10.82 13.13 -36.49
C LYS B 197 11.69 14.34 -36.82
N ARG B 198 11.19 15.56 -36.60
CA ARG B 198 12.00 16.76 -36.77
C ARG B 198 13.00 16.97 -35.64
N VAL B 199 12.93 16.16 -34.58
CA VAL B 199 13.86 16.28 -33.46
C VAL B 199 14.77 15.08 -33.30
N GLY B 200 14.43 13.92 -33.84
CA GLY B 200 15.26 12.75 -33.71
C GLY B 200 15.02 11.93 -32.47
N ILE B 201 13.81 12.00 -31.91
CA ILE B 201 13.45 11.26 -30.71
C ILE B 201 12.24 10.40 -31.04
N PRO B 202 12.26 9.09 -30.73
CA PRO B 202 11.14 8.23 -31.10
C PRO B 202 9.86 8.63 -30.40
N LEU B 203 8.73 8.16 -30.95
CA LEU B 203 7.41 8.49 -30.46
C LEU B 203 6.67 7.21 -30.06
N ARG B 204 6.08 7.23 -28.88
CA ARG B 204 5.29 6.08 -28.40
C ARG B 204 3.86 6.57 -28.24
N MET B 205 3.05 6.38 -29.28
CA MET B 205 1.65 6.85 -29.27
C MET B 205 0.78 5.90 -28.45
N ALA B 206 -0.47 6.29 -28.18
CA ALA B 206 -1.44 5.46 -27.44
C ALA B 206 -2.82 6.10 -27.50
N GLY B 207 -3.83 5.35 -27.93
CA GLY B 207 -5.20 5.82 -27.95
C GLY B 207 -6.10 4.86 -28.70
N LYS B 208 -7.34 5.30 -28.86
CA LYS B 208 -8.37 4.52 -29.53
C LYS B 208 -8.69 5.14 -30.90
N VAL B 209 -9.23 4.30 -31.78
CA VAL B 209 -9.62 4.73 -33.12
C VAL B 209 -11.03 4.22 -33.36
N ASP B 210 -12.02 5.08 -33.11
CA ASP B 210 -13.39 4.77 -33.51
C ASP B 210 -13.59 5.14 -34.98
N ARG B 211 -14.77 4.81 -35.50
CA ARG B 211 -15.06 5.18 -36.87
C ARG B 211 -15.32 6.69 -36.97
N VAL B 212 -15.40 7.18 -38.21
CA VAL B 212 -15.27 8.58 -38.59
C VAL B 212 -13.79 8.96 -38.52
N ASP B 213 -13.03 8.31 -37.64
CA ASP B 213 -11.58 8.42 -37.63
C ASP B 213 -10.91 7.36 -38.50
N ARG B 214 -11.67 6.39 -39.00
CA ARG B 214 -11.10 5.37 -39.89
C ARG B 214 -10.45 6.00 -41.11
N ASP B 215 -11.09 7.03 -41.68
CA ASP B 215 -10.56 7.66 -42.88
C ASP B 215 -9.27 8.41 -42.58
N TYR B 216 -9.27 9.21 -41.51
CA TYR B 216 -8.10 10.04 -41.23
C TYR B 216 -6.94 9.22 -40.69
N PHE B 217 -7.23 8.15 -39.95
CA PHE B 217 -6.15 7.35 -39.36
C PHE B 217 -5.35 6.63 -40.42
N LYS B 218 -6.01 5.79 -41.23
CA LYS B 218 -5.32 4.96 -42.20
C LYS B 218 -4.87 5.73 -43.45
N GLU B 219 -5.01 7.05 -43.46
CA GLU B 219 -4.49 7.88 -44.55
C GLU B 219 -3.37 8.81 -44.12
N LEU B 220 -3.15 8.98 -42.81
CA LEU B 220 -2.09 9.85 -42.32
C LEU B 220 -1.36 9.33 -41.09
N ILE B 221 -1.94 8.41 -40.32
CA ILE B 221 -1.30 7.88 -39.13
C ILE B 221 -0.77 6.47 -39.36
N GLU B 222 -1.61 5.58 -39.90
CA GLU B 222 -1.16 4.24 -40.22
C GLU B 222 -0.01 4.20 -41.21
N PRO B 223 0.05 5.03 -42.26
CA PRO B 223 1.22 5.00 -43.15
C PRO B 223 2.53 5.31 -42.44
N HIS B 224 2.51 5.94 -41.27
CA HIS B 224 3.71 6.37 -40.57
C HIS B 224 3.92 5.62 -39.26
N ILE B 225 3.56 4.34 -39.21
CA ILE B 225 3.82 3.49 -38.04
C ILE B 225 4.91 2.51 -38.42
N ASP B 226 5.79 2.21 -37.46
CA ASP B 226 6.90 1.29 -37.66
C ASP B 226 7.12 0.32 -36.52
N GLY B 227 6.75 0.65 -35.29
CA GLY B 227 7.08 -0.16 -34.12
C GLY B 227 8.47 0.13 -33.59
N GLU B 228 9.41 0.44 -34.48
CA GLU B 228 10.76 0.83 -34.07
C GLU B 228 10.78 2.29 -33.62
N PHE B 229 10.53 3.20 -34.55
CA PHE B 229 10.52 4.63 -34.24
C PHE B 229 9.15 5.13 -33.86
N ILE B 230 8.09 4.55 -34.41
CA ILE B 230 6.71 4.96 -34.14
C ILE B 230 5.93 3.73 -33.71
N GLN B 231 5.54 3.69 -32.43
CA GLN B 231 4.69 2.63 -31.90
C GLN B 231 3.24 3.10 -31.86
N PHE B 232 2.33 2.17 -31.56
CA PHE B 232 0.91 2.48 -31.57
C PHE B 232 0.23 2.20 -30.24
N ILE B 233 0.31 0.97 -29.72
CA ILE B 233 -0.46 0.47 -28.57
C ILE B 233 -1.87 1.04 -28.55
N GLY B 234 -2.80 0.36 -29.23
CA GLY B 234 -4.16 0.80 -29.32
C GLY B 234 -4.93 0.75 -28.01
N GLU B 235 -5.21 1.92 -27.44
CA GLU B 235 -6.00 2.07 -26.22
C GLU B 235 -5.37 1.34 -25.03
N ALA B 236 -4.68 2.08 -24.17
CA ALA B 236 -4.03 1.53 -22.99
C ALA B 236 -4.92 1.71 -21.76
N ASP B 237 -4.52 1.06 -20.68
CA ASP B 237 -5.23 1.14 -19.42
C ASP B 237 -4.56 2.21 -18.53
N HIS B 238 -4.77 2.11 -17.22
CA HIS B 238 -4.17 3.06 -16.29
C HIS B 238 -2.70 2.76 -16.03
N PRO B 239 -2.32 1.51 -15.69
CA PRO B 239 -0.90 1.26 -15.41
C PRO B 239 0.01 1.49 -16.60
N THR B 240 -0.51 1.46 -17.83
CA THR B 240 0.32 1.70 -19.00
C THR B 240 0.61 3.18 -19.18
N LYS B 241 -0.45 3.99 -19.35
CA LYS B 241 -0.27 5.43 -19.48
C LYS B 241 0.44 6.04 -18.28
N ASN B 242 0.37 5.38 -17.12
CA ASN B 242 1.14 5.83 -15.96
C ASN B 242 2.63 5.75 -16.23
N ALA B 243 3.08 4.64 -16.82
CA ALA B 243 4.49 4.47 -17.17
C ALA B 243 4.80 4.89 -18.59
N LEU B 244 3.80 4.93 -19.47
CA LEU B 244 4.04 5.39 -20.83
C LEU B 244 4.44 6.86 -20.84
N LEU B 245 3.72 7.69 -20.08
CA LEU B 245 4.05 9.10 -19.98
C LEU B 245 5.17 9.37 -18.98
N GLY B 246 5.36 8.48 -18.00
CA GLY B 246 6.40 8.69 -17.02
C GLY B 246 7.80 8.57 -17.60
N GLY B 247 8.03 7.55 -18.42
CA GLY B 247 9.32 7.38 -19.05
C GLY B 247 9.61 8.33 -20.19
N ALA B 248 8.58 9.04 -20.68
CA ALA B 248 8.78 9.98 -21.76
C ALA B 248 9.27 11.32 -21.22
N ILE B 249 9.86 12.12 -22.12
CA ILE B 249 10.37 13.42 -21.70
C ILE B 249 9.27 14.46 -21.65
N ALA B 250 8.33 14.39 -22.62
CA ALA B 250 7.21 15.36 -22.71
C ALA B 250 6.04 14.74 -23.45
N MET B 251 4.83 15.13 -23.08
CA MET B 251 3.61 14.61 -23.74
C MET B 251 3.21 15.58 -24.83
N LEU B 252 3.44 15.19 -26.08
CA LEU B 252 2.99 16.04 -27.20
C LEU B 252 1.47 16.15 -27.19
N PHE B 253 0.96 17.36 -27.15
CA PHE B 253 -0.48 17.60 -27.19
C PHE B 253 -0.79 18.68 -28.22
N PRO B 254 -0.45 18.45 -29.50
CA PRO B 254 -0.67 19.49 -30.52
C PRO B 254 -2.10 19.50 -31.05
N ILE B 255 -3.01 20.06 -30.25
CA ILE B 255 -4.42 20.06 -30.62
C ILE B 255 -4.67 21.05 -31.75
N THR B 256 -5.65 20.72 -32.59
CA THR B 256 -6.14 21.60 -33.63
C THR B 256 -7.64 21.84 -33.44
N TRP B 257 -8.05 21.93 -32.18
CA TRP B 257 -9.47 21.96 -31.83
C TRP B 257 -9.63 22.64 -30.48
N GLN B 258 -10.70 23.41 -30.34
CA GLN B 258 -10.99 24.13 -29.10
C GLN B 258 -11.14 23.15 -27.94
N GLU B 259 -10.04 22.84 -27.26
CA GLU B 259 -10.06 21.87 -26.18
C GLU B 259 -10.83 22.43 -24.99
N PRO B 260 -11.91 21.79 -24.54
CA PRO B 260 -12.60 22.27 -23.33
C PRO B 260 -11.73 22.22 -22.09
N PHE B 261 -11.01 21.12 -21.89
CA PHE B 261 -10.06 21.02 -20.77
C PHE B 261 -8.81 20.26 -21.22
N GLY B 262 -8.89 18.93 -21.19
CA GLY B 262 -7.75 18.10 -21.51
C GLY B 262 -7.22 17.34 -20.31
N LEU B 263 -7.86 16.24 -19.93
CA LEU B 263 -7.44 15.54 -18.70
C LEU B 263 -6.11 14.83 -18.95
N VAL B 264 -5.76 14.60 -20.21
CA VAL B 264 -4.51 13.86 -20.53
C VAL B 264 -3.32 14.78 -20.25
N MET B 265 -3.57 16.08 -20.14
CA MET B 265 -2.49 17.03 -19.80
C MET B 265 -2.20 16.91 -18.30
N ILE B 266 -3.25 16.96 -17.47
CA ILE B 266 -3.09 16.88 -15.99
C ILE B 266 -2.67 15.45 -15.58
N GLU B 267 -3.01 14.44 -16.37
CA GLU B 267 -2.58 13.06 -16.09
C GLU B 267 -1.08 12.95 -16.34
N SER B 268 -0.60 13.53 -17.43
CA SER B 268 0.84 13.51 -17.75
C SER B 268 1.62 14.17 -16.62
N MET B 269 1.18 15.34 -16.18
CA MET B 269 1.95 16.12 -15.18
C MET B 269 1.97 15.42 -13.81
N ALA B 270 0.94 14.66 -13.45
CA ALA B 270 0.98 13.90 -12.18
C ALA B 270 2.11 12.89 -12.25
N ALA B 271 2.21 12.17 -13.36
CA ALA B 271 3.36 11.28 -13.48
C ALA B 271 4.68 12.04 -13.50
N GLY B 272 4.65 13.37 -13.46
CA GLY B 272 5.84 14.18 -13.47
C GLY B 272 6.39 14.42 -14.85
N THR B 273 5.53 14.84 -15.78
CA THR B 273 5.95 15.05 -17.15
C THR B 273 5.33 16.33 -17.71
N PRO B 274 6.14 17.29 -18.15
CA PRO B 274 5.58 18.52 -18.72
C PRO B 274 4.95 18.25 -20.09
N VAL B 275 3.93 19.04 -20.41
CA VAL B 275 3.17 18.88 -21.64
C VAL B 275 3.50 20.05 -22.57
N VAL B 276 3.97 19.73 -23.77
CA VAL B 276 4.23 20.71 -24.81
C VAL B 276 3.03 20.68 -25.74
N ALA B 277 2.15 21.66 -25.59
CA ALA B 277 0.88 21.69 -26.31
C ALA B 277 0.72 23.01 -27.06
N ILE B 278 -0.25 23.02 -27.97
CA ILE B 278 -0.60 24.24 -28.70
C ILE B 278 -1.56 25.07 -27.87
N ALA B 279 -1.29 26.37 -27.78
CA ALA B 279 -2.09 27.27 -26.95
C ALA B 279 -3.49 27.47 -27.53
N LYS B 280 -4.26 26.38 -27.61
CA LYS B 280 -5.64 26.43 -28.08
C LYS B 280 -6.56 25.92 -26.98
N GLY B 281 -7.76 26.51 -26.92
CA GLY B 281 -8.71 26.08 -25.91
C GLY B 281 -8.22 26.38 -24.52
N ALA B 282 -8.29 25.36 -23.65
CA ALA B 282 -7.89 25.49 -22.25
C ALA B 282 -6.44 25.08 -21.99
N ALA B 283 -5.56 25.21 -22.99
CA ALA B 283 -4.16 24.86 -22.84
C ALA B 283 -3.43 25.86 -21.95
N PRO B 284 -3.62 27.17 -22.13
CA PRO B 284 -3.02 28.14 -21.19
C PRO B 284 -3.62 28.06 -19.79
N GLU B 285 -4.86 27.61 -19.65
CA GLU B 285 -5.47 27.51 -18.33
C GLU B 285 -4.90 26.37 -17.50
N VAL B 286 -4.21 25.43 -18.15
CA VAL B 286 -3.64 24.28 -17.47
C VAL B 286 -2.12 24.37 -17.42
N ILE B 287 -1.48 24.59 -18.56
CA ILE B 287 -0.03 24.58 -18.64
C ILE B 287 0.51 25.90 -18.07
N GLU B 288 1.31 25.80 -17.01
CA GLU B 288 2.08 26.93 -16.51
C GLU B 288 3.32 27.07 -17.39
N HIS B 289 3.38 28.14 -18.19
CA HIS B 289 4.46 28.30 -19.14
C HIS B 289 5.80 28.43 -18.42
N GLY B 290 6.82 27.79 -18.98
CA GLY B 290 8.15 27.82 -18.41
C GLY B 290 8.33 27.09 -17.10
N LYS B 291 7.28 26.44 -16.59
CA LYS B 291 7.37 25.74 -15.31
C LYS B 291 6.87 24.31 -15.45
N THR B 292 5.68 24.14 -16.04
CA THR B 292 5.07 22.82 -16.21
C THR B 292 4.69 22.59 -17.67
N GLY B 293 5.52 23.04 -18.58
CA GLY B 293 5.28 22.84 -20.00
C GLY B 293 5.57 24.11 -20.78
N PHE B 294 5.19 24.08 -22.06
CA PHE B 294 5.46 25.19 -22.97
C PHE B 294 4.24 25.42 -23.84
N LEU B 295 3.67 26.62 -23.77
CA LEU B 295 2.53 27.01 -24.59
C LEU B 295 3.04 27.41 -25.96
N CYS B 296 3.10 26.44 -26.87
CA CYS B 296 3.59 26.68 -28.22
C CYS B 296 2.48 27.20 -29.11
N HIS B 297 2.87 27.91 -30.17
CA HIS B 297 1.92 28.49 -31.12
C HIS B 297 2.16 28.03 -32.55
N SER B 298 2.99 27.02 -32.75
CA SER B 298 3.23 26.46 -34.08
C SER B 298 3.87 25.10 -33.93
N VAL B 299 3.94 24.37 -35.04
CA VAL B 299 4.58 23.06 -35.03
C VAL B 299 6.08 23.20 -34.76
N GLU B 300 6.69 24.24 -35.33
CA GLU B 300 8.12 24.47 -35.13
C GLU B 300 8.41 24.96 -33.71
N ASP B 301 7.45 25.60 -33.07
CA ASP B 301 7.63 25.99 -31.67
C ASP B 301 7.76 24.78 -30.77
N CYS B 302 7.06 23.68 -31.10
CA CYS B 302 7.17 22.47 -30.29
C CYS B 302 8.54 21.82 -30.45
N VAL B 303 9.08 21.84 -31.67
CA VAL B 303 10.39 21.25 -31.91
C VAL B 303 11.46 21.98 -31.12
N ALA B 304 11.37 23.30 -31.05
CA ALA B 304 12.32 24.08 -30.28
C ALA B 304 12.09 23.92 -28.78
N ALA B 305 10.84 23.73 -28.37
CA ALA B 305 10.54 23.55 -26.96
C ALA B 305 11.01 22.20 -26.44
N VAL B 306 11.17 21.21 -27.31
CA VAL B 306 11.61 19.88 -26.89
C VAL B 306 12.99 19.95 -26.26
N ALA B 307 13.89 20.72 -26.86
CA ALA B 307 15.23 20.88 -26.29
C ALA B 307 15.19 21.65 -24.96
N GLN B 308 14.11 22.37 -24.68
CA GLN B 308 13.95 23.11 -23.44
C GLN B 308 13.16 22.33 -22.40
N VAL B 309 12.88 21.05 -22.65
CA VAL B 309 12.09 20.22 -21.74
C VAL B 309 12.94 19.67 -20.60
N PRO B 310 14.11 19.07 -20.85
CA PRO B 310 14.88 18.49 -19.73
C PRO B 310 15.27 19.48 -18.65
N GLN B 311 15.33 20.78 -18.97
CA GLN B 311 15.69 21.77 -17.97
C GLN B 311 14.56 22.08 -17.00
N LEU B 312 13.36 21.57 -17.24
CA LEU B 312 12.25 21.79 -16.34
C LEU B 312 12.32 20.83 -15.16
N ASP B 313 11.63 21.20 -14.08
CA ASP B 313 11.60 20.39 -12.86
C ASP B 313 10.38 19.47 -12.92
N ARG B 314 10.61 18.18 -13.06
CA ARG B 314 9.48 17.22 -13.19
C ARG B 314 8.89 16.93 -11.81
N MET B 315 9.59 17.25 -10.73
CA MET B 315 9.06 17.06 -9.35
C MET B 315 8.04 18.16 -9.05
N ALA B 316 8.16 19.29 -9.74
CA ALA B 316 7.23 20.42 -9.55
C ALA B 316 5.97 20.15 -10.32
N CYS B 317 6.08 19.40 -11.40
CA CYS B 317 4.86 19.21 -12.19
C CYS B 317 3.80 18.47 -11.40
N ARG B 318 4.20 17.57 -10.50
CA ARG B 318 3.22 16.82 -9.71
C ARG B 318 2.62 17.70 -8.62
N ASP B 319 3.45 18.49 -7.93
CA ASP B 319 2.94 19.42 -6.93
C ASP B 319 2.06 20.50 -7.54
N TYR B 320 2.19 20.76 -8.84
CA TYR B 320 1.31 21.71 -9.49
C TYR B 320 -0.09 21.13 -9.68
N VAL B 321 -0.18 19.82 -9.96
CA VAL B 321 -1.49 19.18 -10.09
C VAL B 321 -2.16 19.08 -8.73
N TRP B 322 -1.38 18.89 -7.67
CA TRP B 322 -1.93 18.84 -6.32
C TRP B 322 -2.50 20.18 -5.87
N GLN B 323 -2.27 21.26 -6.63
CA GLN B 323 -2.78 22.58 -6.25
C GLN B 323 -4.13 22.85 -6.90
N ARG B 324 -4.14 23.01 -8.23
CA ARG B 324 -5.34 23.40 -8.96
C ARG B 324 -6.16 22.22 -9.46
N PHE B 325 -5.58 21.02 -9.49
CA PHE B 325 -6.29 19.88 -10.07
C PHE B 325 -6.40 18.73 -9.07
N SER B 326 -7.02 19.00 -7.92
CA SER B 326 -7.23 18.00 -6.89
C SER B 326 -8.72 17.73 -6.72
N VAL B 327 -9.05 16.51 -6.32
CA VAL B 327 -10.45 16.15 -6.12
C VAL B 327 -11.04 16.90 -4.93
N GLU B 328 -10.22 17.17 -3.90
CA GLU B 328 -10.71 17.98 -2.78
C GLU B 328 -11.08 19.38 -3.25
N ARG B 329 -10.39 19.91 -4.24
CA ARG B 329 -10.77 21.23 -4.78
C ARG B 329 -12.03 21.12 -5.62
N MET B 330 -12.11 20.10 -6.48
CA MET B 330 -13.24 19.96 -7.42
C MET B 330 -14.54 19.65 -6.68
N VAL B 331 -14.56 18.60 -5.87
CA VAL B 331 -15.81 18.19 -5.20
C VAL B 331 -16.29 19.33 -4.30
N SER B 332 -15.40 19.92 -3.50
CA SER B 332 -15.81 20.98 -2.56
C SER B 332 -16.24 22.21 -3.36
N GLU B 333 -15.76 22.34 -4.58
CA GLU B 333 -16.24 23.42 -5.44
C GLU B 333 -17.60 23.12 -6.05
N TYR B 334 -17.97 21.83 -6.18
CA TYR B 334 -19.33 21.49 -6.57
C TYR B 334 -20.30 21.56 -5.40
N GLU B 335 -19.82 21.32 -4.19
CA GLU B 335 -20.70 21.40 -3.02
C GLU B 335 -21.24 22.80 -2.82
N ALA B 336 -20.50 23.82 -3.26
CA ALA B 336 -20.99 25.19 -3.23
C ALA B 336 -21.83 25.54 -4.46
N VAL B 337 -21.61 24.84 -5.57
CA VAL B 337 -22.43 25.07 -6.76
C VAL B 337 -23.86 24.57 -6.52
N TYR B 338 -24.00 23.42 -5.85
CA TYR B 338 -25.33 22.88 -5.59
C TYR B 338 -26.12 23.78 -4.66
N ASP B 339 -25.45 24.36 -3.66
CA ASP B 339 -26.14 25.27 -2.73
C ASP B 339 -26.54 26.56 -3.43
N THR B 340 -25.68 27.08 -4.31
CA THR B 340 -26.03 28.28 -5.06
C THR B 340 -27.24 28.04 -5.95
N VAL B 341 -27.30 26.87 -6.59
CA VAL B 341 -28.45 26.54 -7.41
C VAL B 341 -29.70 26.38 -6.55
N LEU B 342 -29.56 25.79 -5.37
CA LEU B 342 -30.70 25.58 -4.49
C LEU B 342 -31.12 26.84 -3.77
N ALA B 343 -30.18 27.74 -3.46
CA ALA B 343 -30.54 28.98 -2.77
C ALA B 343 -31.11 30.01 -3.73
N ASN B 344 -30.74 29.95 -5.01
CA ASN B 344 -31.22 30.89 -6.03
C ASN B 344 -32.22 30.16 -6.91
N THR B 345 -33.43 29.99 -6.39
CA THR B 345 -34.49 29.31 -7.12
C THR B 345 -35.65 30.26 -7.40
N PHE B 346 -36.57 30.40 -6.45
CA PHE B 346 -37.76 31.23 -6.60
C PHE B 346 -37.45 32.67 -6.27
N VAL B 347 -38.20 33.58 -6.90
CA VAL B 347 -38.02 35.01 -6.67
C VAL B 347 -39.36 35.73 -6.76
N GLY C 1 22.81 -34.81 8.49
CA GLY C 1 22.54 -33.39 8.42
C GLY C 1 21.08 -33.08 8.14
N SER C 2 20.56 -33.60 7.04
CA SER C 2 19.17 -33.37 6.66
C SER C 2 18.35 -34.65 6.80
N HIS C 3 18.54 -35.37 7.91
CA HIS C 3 17.82 -36.61 8.17
C HIS C 3 17.88 -36.95 9.65
N MET C 4 17.16 -36.19 10.47
CA MET C 4 17.25 -36.28 11.91
C MET C 4 16.17 -37.20 12.48
N ARG C 5 16.30 -37.50 13.77
CA ARG C 5 15.32 -38.27 14.52
C ARG C 5 14.70 -37.35 15.57
N ILE C 6 13.52 -36.82 15.25
CA ILE C 6 12.84 -35.86 16.11
C ILE C 6 11.86 -36.58 17.00
N ALA C 7 11.63 -36.02 18.19
CA ALA C 7 10.66 -36.54 19.16
C ALA C 7 9.71 -35.41 19.54
N GLN C 8 8.55 -35.39 18.90
CA GLN C 8 7.56 -34.34 19.12
C GLN C 8 6.63 -34.77 20.25
N VAL C 9 6.77 -34.15 21.42
CA VAL C 9 5.99 -34.51 22.61
C VAL C 9 4.86 -33.49 22.73
N ALA C 10 3.64 -33.92 22.36
CA ALA C 10 2.43 -33.11 22.40
C ALA C 10 1.60 -33.46 23.64
N PRO C 11 0.84 -32.51 24.16
CA PRO C 11 -0.02 -32.81 25.33
C PRO C 11 -1.10 -33.81 24.98
N LEU C 12 -1.77 -34.28 26.04
CA LEU C 12 -2.84 -35.27 25.91
C LEU C 12 -4.22 -34.66 26.09
N TRP C 13 -4.32 -33.34 26.28
CA TRP C 13 -5.62 -32.73 26.48
C TRP C 13 -6.48 -32.79 25.22
N GLU C 14 -5.85 -32.76 24.05
CA GLU C 14 -6.58 -32.80 22.79
C GLU C 14 -5.89 -33.74 21.83
N ARG C 15 -6.62 -34.09 20.78
CA ARG C 15 -6.07 -34.99 19.76
C ARG C 15 -5.13 -34.23 18.86
N VAL C 16 -4.10 -34.89 18.30
CA VAL C 16 -3.27 -34.23 17.27
C VAL C 16 -4.19 -34.08 16.06
N PRO C 18 -6.39 -31.71 15.80
CA PRO C 18 -7.57 -31.62 16.67
C PRO C 18 -8.89 -31.35 15.94
N PRO C 19 -10.04 -31.85 16.43
CA PRO C 19 -11.35 -31.64 15.78
C PRO C 19 -11.94 -30.23 15.91
N ALA C 20 -11.63 -29.51 16.97
CA ALA C 20 -12.11 -28.17 17.28
C ALA C 20 -11.07 -27.38 18.07
N TYR C 21 -11.36 -27.11 19.34
CA TYR C 21 -10.43 -26.36 20.17
C TYR C 21 -9.13 -27.13 20.36
N GLY C 22 -8.01 -26.40 20.34
CA GLY C 22 -6.71 -27.01 20.51
C GLY C 22 -5.61 -26.20 19.87
N GLY C 23 -5.14 -25.17 20.58
CA GLY C 23 -4.09 -24.33 20.03
C GLY C 23 -2.74 -25.03 19.97
N VAL C 24 -2.30 -25.56 21.11
CA VAL C 24 -0.98 -26.20 21.17
C VAL C 24 -0.95 -27.43 20.29
N GLU C 25 -2.03 -28.22 20.31
CA GLU C 25 -2.07 -29.44 19.51
C GLU C 25 -2.18 -29.17 18.02
N LEU C 26 -2.54 -27.94 17.63
CA LEU C 26 -2.60 -27.61 16.21
C LEU C 26 -1.24 -27.20 15.66
N VAL C 27 -0.40 -26.58 16.49
CA VAL C 27 0.94 -26.21 16.04
C VAL C 27 1.80 -27.45 15.87
N VAL C 28 1.71 -28.39 16.82
CA VAL C 28 2.45 -29.65 16.70
C VAL C 28 1.98 -30.41 15.47
N SER C 29 0.71 -30.25 15.09
CA SER C 29 0.18 -30.90 13.89
C SER C 29 0.96 -30.48 12.66
N LEU C 30 0.95 -29.18 12.35
CA LEU C 30 1.60 -28.70 11.13
C LEU C 30 3.10 -28.84 11.21
N LEU C 31 3.68 -28.83 12.42
CA LEU C 31 5.12 -29.04 12.55
C LEU C 31 5.49 -30.49 12.28
N THR C 32 4.73 -31.43 12.82
CA THR C 32 5.05 -32.85 12.64
C THR C 32 4.73 -33.32 11.22
N GLU C 33 3.63 -32.84 10.65
CA GLU C 33 3.24 -33.30 9.32
C GLU C 33 4.25 -32.86 8.26
N GLU C 34 4.81 -31.66 8.40
CA GLU C 34 5.77 -31.17 7.42
C GLU C 34 7.16 -31.74 7.64
N LEU C 35 7.54 -31.95 8.91
CA LEU C 35 8.85 -32.54 9.19
C LEU C 35 8.96 -33.94 8.60
N VAL C 36 7.87 -34.70 8.60
CA VAL C 36 7.88 -36.03 7.98
C VAL C 36 7.94 -35.91 6.46
N LYS C 37 7.22 -34.93 5.90
CA LYS C 37 7.27 -34.72 4.46
C LYS C 37 8.67 -34.28 4.01
N ARG C 38 9.42 -33.62 4.89
CA ARG C 38 10.75 -33.17 4.52
C ARG C 38 11.76 -34.32 4.49
N GLY C 39 11.62 -35.28 5.39
CA GLY C 39 12.48 -36.45 5.36
C GLY C 39 13.03 -36.88 6.70
N HIS C 40 12.54 -36.26 7.77
CA HIS C 40 12.99 -36.60 9.11
C HIS C 40 12.19 -37.77 9.68
N GLU C 41 12.78 -38.42 10.68
CA GLU C 41 12.15 -39.54 11.38
C GLU C 41 11.58 -39.00 12.68
N VAL C 42 10.27 -38.76 12.69
CA VAL C 42 9.62 -38.08 13.80
C VAL C 42 8.83 -39.10 14.62
N THR C 43 8.89 -38.95 15.94
CA THR C 43 8.12 -39.77 16.87
C THR C 43 7.21 -38.87 17.68
N LEU C 44 5.90 -39.09 17.57
CA LEU C 44 4.89 -38.23 18.19
C LEU C 44 4.35 -38.92 19.43
N PHE C 45 4.81 -38.48 20.59
CA PHE C 45 4.30 -38.99 21.87
C PHE C 45 3.02 -38.22 22.20
N ALA C 46 1.87 -38.82 21.91
CA ALA C 46 0.59 -38.18 22.18
C ALA C 46 -0.52 -39.21 22.31
N SER C 47 -1.71 -38.88 21.83
CA SER C 47 -2.85 -39.77 21.90
C SER C 47 -2.73 -40.87 20.85
N GLY C 48 -3.73 -41.75 20.81
CA GLY C 48 -3.72 -42.88 19.88
C GLY C 48 -4.52 -42.62 18.62
N ASP C 49 -5.62 -41.88 18.75
CA ASP C 49 -6.45 -41.51 17.62
C ASP C 49 -5.82 -40.38 16.79
N SER C 50 -4.57 -40.06 17.09
CA SER C 50 -3.85 -38.97 16.39
C SER C 50 -3.63 -39.39 14.95
N MET C 51 -3.94 -38.49 14.02
CA MET C 51 -3.75 -38.79 12.60
C MET C 51 -2.43 -38.18 12.13
N THR C 52 -1.36 -38.98 12.08
CA THR C 52 -0.06 -38.51 11.56
C THR C 52 0.70 -39.67 10.91
N GLN C 53 1.54 -39.39 9.93
CA GLN C 53 2.37 -40.41 9.29
C GLN C 53 3.66 -40.67 10.04
N ALA C 54 3.80 -40.12 11.24
CA ALA C 54 4.98 -40.33 12.08
C ALA C 54 4.73 -41.46 13.06
N LYS C 55 5.80 -42.16 13.44
CA LYS C 55 5.71 -43.22 14.43
C LYS C 55 5.21 -42.68 15.76
N LEU C 56 3.91 -42.76 16.00
CA LEU C 56 3.33 -42.23 17.23
C LEU C 56 3.28 -43.30 18.30
N VAL C 57 3.65 -42.91 19.52
CA VAL C 57 3.65 -43.80 20.67
C VAL C 57 2.46 -43.39 21.54
N SER C 58 1.38 -44.16 21.45
CA SER C 58 0.14 -43.84 22.15
C SER C 58 0.26 -44.21 23.62
N THR C 59 0.06 -43.22 24.50
CA THR C 59 -0.01 -43.47 25.93
C THR C 59 -1.44 -43.41 26.48
N TYR C 60 -2.38 -42.84 25.72
CA TYR C 60 -3.79 -42.86 26.04
C TYR C 60 -4.57 -42.55 24.76
N PRO C 61 -5.21 -43.54 24.15
CA PRO C 61 -5.75 -43.36 22.80
C PRO C 61 -7.03 -42.55 22.73
N HIS C 62 -7.14 -41.49 23.52
CA HIS C 62 -8.31 -40.62 23.48
C HIS C 62 -7.98 -39.25 24.05
N ALA C 63 -8.64 -38.23 23.53
CA ALA C 63 -8.49 -36.89 24.08
C ALA C 63 -9.03 -36.84 25.50
N ILE C 64 -8.19 -36.39 26.44
CA ILE C 64 -8.54 -36.46 27.85
C ILE C 64 -9.61 -35.42 28.19
N ARG C 65 -9.55 -34.24 27.56
CA ARG C 65 -10.51 -33.19 27.89
C ARG C 65 -11.93 -33.61 27.55
N LEU C 66 -12.11 -34.40 26.50
CA LEU C 66 -13.43 -34.86 26.09
C LEU C 66 -13.82 -36.19 26.74
N ASP C 67 -12.85 -36.99 27.17
CA ASP C 67 -13.11 -38.28 27.79
C ASP C 67 -13.55 -38.08 29.23
N PRO C 68 -14.83 -38.33 29.55
CA PRO C 68 -15.30 -38.11 30.92
C PRO C 68 -14.84 -39.16 31.92
N ASN C 69 -14.29 -40.28 31.45
CA ASN C 69 -13.80 -41.32 32.34
C ASN C 69 -12.46 -40.98 32.96
N VAL C 70 -11.85 -39.86 32.57
CA VAL C 70 -10.57 -39.43 33.11
C VAL C 70 -10.83 -38.44 34.23
N GLN C 71 -10.16 -38.66 35.37
CA GLN C 71 -10.30 -37.79 36.53
C GLN C 71 -8.97 -37.34 37.12
N GLU C 72 -7.86 -37.96 36.74
CA GLU C 72 -6.52 -37.60 37.23
C GLU C 72 -5.60 -37.47 36.02
N TYR C 73 -5.53 -36.26 35.46
CA TYR C 73 -4.74 -36.05 34.26
C TYR C 73 -3.24 -36.15 34.53
N ALA C 74 -2.80 -35.80 35.74
CA ALA C 74 -1.38 -35.86 36.06
C ALA C 74 -0.84 -37.28 36.03
N VAL C 75 -1.72 -38.28 36.04
CA VAL C 75 -1.26 -39.66 35.94
C VAL C 75 -0.69 -39.94 34.55
N TYR C 76 -1.35 -39.44 33.51
CA TYR C 76 -0.95 -39.72 32.14
C TYR C 76 0.25 -38.89 31.69
N GLU C 77 0.57 -37.81 32.42
CA GLU C 77 1.78 -37.05 32.11
C GLU C 77 3.02 -37.90 32.34
N ALA C 78 3.16 -38.45 33.56
CA ALA C 78 4.35 -39.22 33.89
C ALA C 78 4.45 -40.49 33.05
N LEU C 79 3.33 -41.02 32.59
CA LEU C 79 3.38 -42.16 31.67
C LEU C 79 3.98 -41.76 30.34
N GLN C 80 3.57 -40.61 29.81
CA GLN C 80 4.16 -40.13 28.56
C GLN C 80 5.62 -39.72 28.76
N LEU C 81 5.88 -38.92 29.79
CA LEU C 81 7.27 -38.55 30.09
C LEU C 81 8.10 -39.75 30.48
N GLY C 82 7.47 -40.79 31.04
CA GLY C 82 8.20 -42.00 31.37
C GLY C 82 8.57 -42.83 30.17
N GLU C 83 7.95 -42.57 29.02
CA GLU C 83 8.30 -43.25 27.78
C GLU C 83 9.18 -42.41 26.86
N VAL C 84 9.18 -41.09 27.03
CA VAL C 84 9.99 -40.21 26.20
C VAL C 84 11.45 -40.31 26.64
N PHE C 85 11.73 -39.88 27.87
CA PHE C 85 13.10 -39.87 28.37
C PHE C 85 13.66 -41.26 28.63
N SER C 86 12.80 -42.30 28.65
CA SER C 86 13.30 -43.66 28.68
C SER C 86 13.99 -44.00 27.36
N ARG C 87 13.35 -43.68 26.24
CA ARG C 87 13.94 -43.83 24.91
C ARG C 87 14.65 -42.57 24.45
N ALA C 88 15.41 -41.92 25.34
CA ALA C 88 16.10 -40.69 24.97
C ALA C 88 17.23 -40.96 24.00
N ASN C 89 17.81 -42.16 24.02
CA ASN C 89 18.89 -42.50 23.11
C ASN C 89 18.41 -42.82 21.71
N GLU C 90 17.10 -42.92 21.50
CA GLU C 90 16.54 -43.17 20.17
C GLU C 90 16.32 -41.90 19.38
N PHE C 91 16.73 -40.74 19.89
CA PHE C 91 16.48 -39.47 19.25
C PHE C 91 17.75 -38.64 19.17
N ASP C 92 17.73 -37.67 18.27
CA ASP C 92 18.79 -36.67 18.20
C ASP C 92 18.46 -35.42 19.00
N VAL C 93 17.18 -35.08 19.08
CA VAL C 93 16.72 -33.94 19.87
C VAL C 93 15.24 -34.15 20.17
N ILE C 94 14.83 -33.78 21.38
CA ILE C 94 13.47 -33.96 21.84
C ILE C 94 12.79 -32.58 21.88
N HIS C 95 11.58 -32.50 21.31
CA HIS C 95 10.78 -31.29 21.31
C HIS C 95 9.64 -31.47 22.29
N SER C 96 9.65 -30.69 23.37
CA SER C 96 8.66 -30.79 24.44
C SER C 96 7.71 -29.60 24.35
N HIS C 97 6.42 -29.87 24.26
CA HIS C 97 5.39 -28.84 24.25
C HIS C 97 4.50 -28.92 25.48
N VAL C 98 4.85 -29.76 26.46
CA VAL C 98 4.01 -29.97 27.64
C VAL C 98 4.22 -28.92 28.72
N GLY C 99 5.26 -28.09 28.61
CA GLY C 99 5.48 -27.04 29.57
C GLY C 99 6.63 -27.32 30.53
N TYR C 100 6.43 -26.96 31.79
CA TYR C 100 7.47 -27.07 32.81
C TYR C 100 7.52 -28.45 33.47
N THR C 101 6.82 -29.44 32.91
CA THR C 101 6.82 -30.77 33.50
C THR C 101 8.00 -31.61 33.05
N ALA C 102 8.66 -31.25 31.95
CA ALA C 102 9.79 -32.00 31.43
C ALA C 102 11.13 -31.35 31.76
N LEU C 103 11.13 -30.29 32.57
CA LEU C 103 12.40 -29.63 32.90
C LEU C 103 13.31 -30.51 33.74
N PRO C 104 12.86 -31.13 34.84
CA PRO C 104 13.80 -31.96 35.62
C PRO C 104 14.31 -33.17 34.87
N TYR C 105 13.56 -33.70 33.90
CA TYR C 105 14.03 -34.85 33.15
C TYR C 105 15.18 -34.52 32.22
N THR C 106 15.32 -33.26 31.82
CA THR C 106 16.39 -32.88 30.91
C THR C 106 17.77 -33.08 31.53
N SER C 107 17.88 -32.87 32.84
CA SER C 107 19.15 -33.04 33.54
C SER C 107 19.47 -34.50 33.85
N LEU C 108 18.61 -35.44 33.43
CA LEU C 108 18.81 -36.86 33.71
C LEU C 108 19.18 -37.68 32.49
N VAL C 109 19.17 -37.10 31.30
CA VAL C 109 19.50 -37.81 30.07
C VAL C 109 20.55 -37.00 29.30
N LYS C 110 21.19 -37.66 28.35
CA LYS C 110 22.19 -37.03 27.50
C LYS C 110 21.61 -36.43 26.22
N THR C 111 20.38 -36.78 25.88
CA THR C 111 19.77 -36.25 24.67
C THR C 111 19.28 -34.83 24.92
N PRO C 112 19.64 -33.87 24.07
CA PRO C 112 19.19 -32.49 24.29
C PRO C 112 17.69 -32.35 24.08
N VAL C 113 17.10 -31.42 24.84
CA VAL C 113 15.66 -31.17 24.80
C VAL C 113 15.45 -29.70 24.46
N VAL C 114 14.56 -29.44 23.51
CA VAL C 114 14.18 -28.08 23.12
C VAL C 114 12.75 -27.84 23.58
N HIS C 115 12.56 -26.82 24.41
CA HIS C 115 11.26 -26.52 24.99
C HIS C 115 10.63 -25.34 24.26
N THR C 116 9.37 -25.51 23.85
CA THR C 116 8.58 -24.44 23.25
C THR C 116 7.51 -24.01 24.23
N LEU C 117 7.45 -22.72 24.52
CA LEU C 117 6.55 -22.19 25.53
C LEU C 117 5.24 -21.71 24.89
N HIS C 118 4.12 -22.05 25.53
CA HIS C 118 2.80 -21.63 25.08
C HIS C 118 1.97 -21.10 26.25
N GLY C 119 2.63 -20.57 27.29
CA GLY C 119 1.92 -20.13 28.47
C GLY C 119 2.55 -18.89 29.07
N ARG C 120 1.81 -18.26 29.97
CA ARG C 120 2.27 -17.09 30.70
C ARG C 120 3.26 -17.49 31.79
N PHE C 121 4.17 -16.57 32.09
CA PHE C 121 5.11 -16.75 33.20
C PHE C 121 4.39 -16.37 34.50
N THR C 122 3.64 -17.33 35.02
CA THR C 122 2.91 -17.13 36.27
C THR C 122 3.88 -16.92 37.42
N ALA C 123 3.38 -16.31 38.50
CA ALA C 123 4.19 -16.12 39.69
C ALA C 123 4.69 -17.43 40.30
N ASP C 124 4.16 -18.57 39.85
CA ASP C 124 4.58 -19.87 40.35
C ASP C 124 5.66 -20.49 39.47
N ASN C 125 5.40 -20.62 38.17
CA ASN C 125 6.36 -21.28 37.29
C ASN C 125 7.61 -20.45 37.04
N GLU C 126 7.61 -19.18 37.39
CA GLU C 126 8.83 -18.38 37.30
C GLU C 126 9.91 -18.86 38.28
N ARG C 127 9.55 -19.70 39.25
CA ARG C 127 10.53 -20.24 40.19
C ARG C 127 11.22 -21.49 39.66
N ILE C 128 10.53 -22.29 38.84
CA ILE C 128 11.17 -23.48 38.29
C ILE C 128 11.95 -23.14 37.03
N PHE C 129 11.47 -22.18 36.23
CA PHE C 129 12.23 -21.74 35.06
C PHE C 129 13.53 -21.07 35.47
N SER C 130 13.53 -20.35 36.60
CA SER C 130 14.75 -19.70 37.06
C SER C 130 15.81 -20.71 37.50
N GLN C 131 15.38 -21.88 37.99
CA GLN C 131 16.34 -22.89 38.38
C GLN C 131 16.94 -23.61 37.18
N TYR C 132 16.14 -23.83 36.15
CA TYR C 132 16.61 -24.45 34.90
C TYR C 132 16.74 -23.40 33.79
N ARG C 133 17.45 -22.31 34.08
CA ARG C 133 17.54 -21.21 33.14
C ARG C 133 18.45 -21.53 31.96
N ASN C 134 19.49 -22.35 32.19
CA ASN C 134 20.47 -22.64 31.15
C ASN C 134 20.08 -23.95 30.46
N GLN C 135 19.08 -23.86 29.60
CA GLN C 135 18.65 -25.00 28.81
C GLN C 135 18.42 -24.59 27.36
N ASN C 136 17.35 -25.08 26.75
CA ASN C 136 17.01 -24.77 25.35
C ASN C 136 15.53 -24.40 25.29
N TYR C 137 15.25 -23.11 25.25
CA TYR C 137 13.89 -22.61 25.18
C TYR C 137 13.67 -21.90 23.84
N VAL C 138 12.46 -21.99 23.33
CA VAL C 138 12.07 -21.34 22.08
C VAL C 138 10.76 -20.61 22.34
N SER C 139 10.80 -19.29 22.30
CA SER C 139 9.62 -18.48 22.54
C SER C 139 8.77 -18.38 21.28
N ILE C 140 7.46 -18.20 21.49
CA ILE C 140 6.53 -18.03 20.37
C ILE C 140 6.25 -16.56 20.07
N SER C 141 6.75 -15.64 20.90
CA SER C 141 6.62 -14.21 20.64
C SER C 141 7.62 -13.48 21.53
N HIS C 142 7.99 -12.28 21.09
CA HIS C 142 8.96 -11.50 21.87
C HIS C 142 8.39 -11.05 23.20
N SER C 143 7.11 -10.68 23.22
CA SER C 143 6.48 -10.23 24.46
C SER C 143 6.31 -11.36 25.47
N GLN C 144 6.29 -12.60 25.01
CA GLN C 144 6.15 -13.73 25.94
C GLN C 144 7.38 -13.87 26.82
N ARG C 145 8.53 -13.39 26.35
CA ARG C 145 9.77 -13.40 27.15
C ARG C 145 9.62 -12.39 28.28
N GLN C 146 9.28 -12.87 29.47
CA GLN C 146 9.14 -12.01 30.64
C GLN C 146 10.19 -12.24 31.71
N LEU C 147 10.86 -13.39 31.70
CA LEU C 147 11.97 -13.63 32.61
C LEU C 147 13.30 -13.17 32.04
N ARG C 148 13.49 -13.30 30.72
CA ARG C 148 14.67 -12.80 30.01
C ARG C 148 15.96 -13.51 30.41
N GLU C 149 16.10 -13.84 31.70
CA GLU C 149 17.33 -14.46 32.19
C GLU C 149 17.34 -15.96 31.93
N LEU C 150 16.63 -16.40 30.90
CA LEU C 150 16.62 -17.81 30.53
C LEU C 150 17.65 -18.07 29.43
N ASN C 151 17.37 -19.04 28.56
CA ASN C 151 18.23 -19.38 27.42
C ASN C 151 17.33 -19.52 26.20
N TYR C 152 16.89 -18.39 25.66
CA TYR C 152 16.02 -18.37 24.49
C TYR C 152 16.86 -18.64 23.24
N ILE C 153 16.68 -19.83 22.65
CA ILE C 153 17.44 -20.18 21.46
C ILE C 153 16.97 -19.37 20.26
N ALA C 154 15.65 -19.26 20.09
CA ALA C 154 15.08 -18.53 18.97
C ALA C 154 13.63 -18.18 19.28
N THR C 155 13.10 -17.24 18.50
CA THR C 155 11.70 -16.85 18.58
C THR C 155 11.04 -17.27 17.26
N VAL C 156 10.26 -18.36 17.32
CA VAL C 156 9.56 -18.89 16.16
C VAL C 156 8.09 -18.58 16.33
N TYR C 157 7.58 -17.67 15.49
CA TYR C 157 6.15 -17.37 15.49
C TYR C 157 5.37 -18.60 15.02
N ASN C 158 4.22 -18.84 15.64
CA ASN C 158 3.37 -19.95 15.23
C ASN C 158 2.75 -19.65 13.86
N ALA C 159 2.24 -20.71 13.23
CA ALA C 159 1.70 -20.59 11.89
C ALA C 159 0.55 -21.56 11.70
N ILE C 160 -0.33 -21.24 10.75
CA ILE C 160 -1.45 -22.09 10.40
C ILE C 160 -1.38 -22.38 8.91
N ALA C 161 -2.13 -23.40 8.49
CA ALA C 161 -2.22 -23.78 7.09
C ALA C 161 -3.29 -22.92 6.42
N VAL C 162 -2.86 -21.95 5.61
CA VAL C 162 -3.81 -21.02 5.01
C VAL C 162 -4.57 -21.70 3.87
N GLU C 163 -3.95 -22.66 3.19
CA GLU C 163 -4.63 -23.35 2.09
C GLU C 163 -5.88 -24.07 2.58
N THR C 164 -5.90 -24.51 3.84
CA THR C 164 -7.08 -25.11 4.44
C THR C 164 -8.06 -24.08 4.99
N HIS C 165 -8.01 -22.85 4.49
CA HIS C 165 -8.86 -21.76 4.96
C HIS C 165 -9.40 -21.03 3.74
N HIS C 166 -10.65 -21.31 3.38
CA HIS C 166 -11.24 -20.67 2.21
C HIS C 166 -11.44 -19.18 2.46
N PHE C 167 -11.10 -18.36 1.47
CA PHE C 167 -11.19 -16.92 1.59
C PHE C 167 -12.59 -16.44 1.25
N TYR C 168 -13.12 -15.53 2.08
CA TYR C 168 -14.44 -14.95 1.88
C TYR C 168 -14.30 -13.48 1.54
N PRO C 169 -14.47 -13.07 0.28
CA PRO C 169 -14.28 -11.66 -0.08
C PRO C 169 -15.46 -10.79 0.34
N GLN C 170 -16.68 -11.26 0.08
CA GLN C 170 -17.88 -10.48 0.37
C GLN C 170 -18.56 -11.01 1.61
N PRO C 171 -18.55 -10.27 2.72
CA PRO C 171 -19.30 -10.71 3.91
C PRO C 171 -20.81 -10.63 3.66
N SER C 172 -21.55 -11.27 4.56
CA SER C 172 -23.00 -11.32 4.43
C SER C 172 -23.61 -9.93 4.58
N ASP C 173 -24.72 -9.70 3.88
CA ASP C 173 -25.38 -8.39 3.95
C ASP C 173 -25.86 -8.06 5.36
N PRO C 174 -26.53 -8.94 6.10
CA PRO C 174 -26.77 -8.68 7.52
C PRO C 174 -25.47 -8.76 8.30
N PRO C 175 -24.98 -7.63 8.82
CA PRO C 175 -23.66 -7.62 9.44
C PRO C 175 -23.67 -8.23 10.83
N TYR C 176 -22.55 -8.87 11.17
CA TYR C 176 -22.36 -9.42 12.50
C TYR C 176 -20.87 -9.48 12.80
N LEU C 177 -20.52 -9.26 14.07
CA LEU C 177 -19.15 -9.38 14.52
C LEU C 177 -18.83 -10.85 14.79
N ALA C 178 -17.71 -11.12 15.46
CA ALA C 178 -17.33 -12.49 15.71
C ALA C 178 -16.44 -12.55 16.94
N PHE C 179 -16.46 -13.70 17.62
CA PHE C 179 -15.59 -13.96 18.75
C PHE C 179 -15.26 -15.44 18.77
N LEU C 180 -13.97 -15.78 18.78
CA LEU C 180 -13.52 -17.15 18.79
C LEU C 180 -12.56 -17.36 19.96
N GLY C 181 -12.53 -18.58 20.46
CA GLY C 181 -11.67 -18.94 21.58
C GLY C 181 -12.49 -19.28 22.82
N ARG C 182 -11.79 -19.88 23.78
CA ARG C 182 -12.43 -20.27 25.03
C ARG C 182 -12.95 -19.05 25.77
N LEU C 183 -14.10 -19.20 26.43
CA LEU C 183 -14.76 -18.10 27.11
C LEU C 183 -14.18 -17.91 28.51
N SER C 184 -12.89 -17.58 28.55
CA SER C 184 -12.15 -17.36 29.78
C SER C 184 -11.87 -15.87 29.97
N PRO C 185 -11.87 -15.39 31.21
CA PRO C 185 -11.53 -13.97 31.44
C PRO C 185 -10.14 -13.60 30.94
N GLU C 186 -9.26 -14.58 30.74
CA GLU C 186 -7.96 -14.28 30.13
C GLU C 186 -8.12 -13.80 28.70
N LYS C 187 -9.04 -14.40 27.96
CA LYS C 187 -9.30 -14.02 26.57
C LYS C 187 -10.48 -13.06 26.43
N GLY C 188 -11.15 -12.74 27.54
CA GLY C 188 -12.15 -11.68 27.56
C GLY C 188 -13.31 -11.88 26.61
N PRO C 189 -14.29 -12.67 27.03
CA PRO C 189 -15.50 -12.81 26.20
C PRO C 189 -16.55 -11.76 26.52
N HIS C 190 -16.47 -11.17 27.70
CA HIS C 190 -17.48 -10.21 28.13
C HIS C 190 -17.27 -8.84 27.50
N HIS C 191 -16.00 -8.44 27.31
CA HIS C 191 -15.72 -7.15 26.67
C HIS C 191 -16.18 -7.14 25.22
N ALA C 192 -16.14 -8.29 24.55
CA ALA C 192 -16.62 -8.36 23.17
C ALA C 192 -18.12 -8.12 23.09
N ILE C 193 -18.86 -8.44 24.16
CA ILE C 193 -20.30 -8.15 24.17
C ILE C 193 -20.53 -6.65 24.29
N GLU C 194 -19.69 -5.96 25.06
CA GLU C 194 -19.82 -4.51 25.19
C GLU C 194 -19.51 -3.79 23.88
N ILE C 195 -18.75 -4.42 22.98
CA ILE C 195 -18.46 -3.81 21.70
C ILE C 195 -19.66 -3.92 20.76
N ALA C 196 -20.39 -5.03 20.82
CA ALA C 196 -21.55 -5.21 19.96
C ALA C 196 -22.73 -4.35 20.37
N LYS C 197 -22.74 -3.85 21.61
CA LYS C 197 -23.83 -2.99 22.07
C LYS C 197 -23.62 -1.52 21.72
N ARG C 198 -22.39 -1.03 21.85
CA ARG C 198 -22.12 0.36 21.49
C ARG C 198 -22.08 0.55 19.99
N VAL C 199 -21.56 -0.44 19.26
CA VAL C 199 -21.54 -0.36 17.80
C VAL C 199 -22.94 -0.51 17.23
N GLY C 200 -23.70 -1.49 17.74
CA GLY C 200 -25.03 -1.76 17.27
C GLY C 200 -25.15 -2.98 16.37
N ILE C 201 -24.04 -3.60 16.00
CA ILE C 201 -24.03 -4.77 15.13
C ILE C 201 -24.09 -6.02 16.00
N PRO C 202 -24.95 -6.99 15.68
CA PRO C 202 -25.05 -8.20 16.50
C PRO C 202 -23.74 -8.96 16.55
N LEU C 203 -23.57 -9.74 17.62
CA LEU C 203 -22.37 -10.53 17.86
C LEU C 203 -22.71 -12.01 17.77
N ARG C 204 -21.86 -12.77 17.09
CA ARG C 204 -22.03 -14.24 17.04
C ARG C 204 -20.84 -14.85 17.76
N MET C 205 -20.98 -15.05 19.07
CA MET C 205 -19.87 -15.59 19.90
C MET C 205 -19.64 -17.07 19.58
N ALA C 206 -18.54 -17.62 20.07
CA ALA C 206 -18.24 -19.06 19.89
C ALA C 206 -17.06 -19.44 20.77
N GLY C 207 -16.90 -20.73 21.00
CA GLY C 207 -15.85 -21.23 21.86
C GLY C 207 -16.37 -22.36 22.72
N LYS C 208 -15.67 -22.58 23.84
CA LYS C 208 -16.03 -23.65 24.75
C LYS C 208 -15.85 -23.16 26.19
N VAL C 209 -16.59 -23.77 27.10
CA VAL C 209 -16.47 -23.50 28.52
C VAL C 209 -16.04 -24.77 29.24
N ASP C 210 -15.31 -24.59 30.33
CA ASP C 210 -14.81 -25.71 31.13
C ASP C 210 -14.79 -25.29 32.59
N ARG C 211 -14.31 -26.19 33.44
CA ARG C 211 -14.25 -25.91 34.87
C ARG C 211 -13.36 -24.69 35.13
N VAL C 212 -13.59 -24.06 36.28
CA VAL C 212 -13.00 -22.78 36.68
C VAL C 212 -13.64 -21.65 35.88
N ASP C 213 -14.11 -21.96 34.66
CA ASP C 213 -14.82 -21.01 33.81
C ASP C 213 -16.31 -21.29 33.70
N ARG C 214 -16.76 -22.47 34.12
CA ARG C 214 -18.20 -22.77 34.07
C ARG C 214 -18.98 -21.81 34.96
N ASP C 215 -18.42 -21.45 36.11
CA ASP C 215 -19.09 -20.49 36.99
C ASP C 215 -19.02 -19.08 36.41
N TYR C 216 -17.88 -18.73 35.80
CA TYR C 216 -17.75 -17.42 35.18
C TYR C 216 -18.74 -17.22 34.05
N PHE C 217 -19.00 -18.27 33.27
CA PHE C 217 -19.81 -18.13 32.07
C PHE C 217 -21.28 -17.94 32.40
N LYS C 218 -21.74 -18.44 33.56
CA LYS C 218 -23.15 -18.38 33.91
C LYS C 218 -23.58 -17.00 34.41
N GLU C 219 -22.64 -16.14 34.79
CA GLU C 219 -22.99 -14.86 35.41
C GLU C 219 -22.74 -13.65 34.54
N LEU C 220 -21.76 -13.71 33.64
CA LEU C 220 -21.44 -12.58 32.77
C LEU C 220 -21.65 -12.84 31.29
N ILE C 221 -21.85 -14.10 30.88
CA ILE C 221 -21.99 -14.46 29.48
C ILE C 221 -23.33 -15.14 29.20
N GLU C 222 -23.74 -16.07 30.06
CA GLU C 222 -24.97 -16.81 29.84
C GLU C 222 -26.21 -15.91 29.75
N PRO C 223 -26.43 -14.92 30.65
CA PRO C 223 -27.67 -14.13 30.56
C PRO C 223 -27.72 -13.20 29.35
N HIS C 224 -27.18 -13.63 28.21
CA HIS C 224 -27.15 -12.76 27.04
C HIS C 224 -27.31 -13.50 25.72
N ILE C 225 -27.37 -14.84 25.71
CA ILE C 225 -27.30 -15.59 24.46
C ILE C 225 -28.66 -16.11 24.01
N ASP C 226 -29.72 -15.90 24.78
CA ASP C 226 -31.07 -16.34 24.40
C ASP C 226 -31.71 -15.27 23.53
N GLY C 227 -31.30 -15.24 22.27
CA GLY C 227 -31.83 -14.28 21.32
C GLY C 227 -31.06 -14.26 20.01
N GLU C 228 -31.69 -13.73 18.96
CA GLU C 228 -31.03 -13.65 17.66
C GLU C 228 -29.85 -12.67 17.67
N PHE C 229 -29.86 -11.70 18.59
CA PHE C 229 -28.75 -10.74 18.66
C PHE C 229 -27.44 -11.44 18.98
N ILE C 230 -27.45 -12.37 19.92
CA ILE C 230 -26.25 -13.06 20.38
C ILE C 230 -26.50 -14.55 20.24
N GLN C 231 -26.06 -15.14 19.13
CA GLN C 231 -26.09 -16.58 18.99
C GLN C 231 -24.79 -17.18 19.51
N PHE C 232 -24.78 -18.51 19.69
CA PHE C 232 -23.68 -19.17 20.38
C PHE C 232 -22.98 -20.19 19.50
N ILE C 233 -23.65 -21.31 19.14
CA ILE C 233 -23.05 -22.49 18.52
C ILE C 233 -21.63 -22.70 19.04
N GLY C 234 -21.53 -23.15 20.29
CA GLY C 234 -20.23 -23.23 20.93
C GLY C 234 -19.40 -24.38 20.40
N GLU C 235 -18.07 -24.15 20.41
CA GLU C 235 -17.09 -25.12 19.92
C GLU C 235 -17.40 -25.57 18.50
N ALA C 236 -16.98 -24.78 17.52
CA ALA C 236 -17.18 -25.09 16.11
C ALA C 236 -15.95 -25.79 15.55
N ASP C 237 -16.18 -26.67 14.58
CA ASP C 237 -15.07 -27.38 13.94
C ASP C 237 -14.34 -26.47 12.96
N HIS C 238 -13.54 -27.05 12.07
CA HIS C 238 -12.77 -26.23 11.14
C HIS C 238 -13.63 -25.58 10.07
N PRO C 239 -14.47 -26.32 9.32
CA PRO C 239 -15.26 -25.66 8.27
C PRO C 239 -16.32 -24.70 8.80
N THR C 240 -16.63 -24.73 10.09
CA THR C 240 -17.64 -23.85 10.65
C THR C 240 -17.04 -22.52 11.11
N LYS C 241 -15.91 -22.57 11.83
CA LYS C 241 -15.28 -21.34 12.30
C LYS C 241 -14.72 -20.53 11.13
N ASN C 242 -14.40 -21.19 10.02
CA ASN C 242 -13.92 -20.46 8.84
C ASN C 242 -15.04 -19.62 8.24
N ALA C 243 -16.26 -20.17 8.18
CA ALA C 243 -17.41 -19.41 7.71
C ALA C 243 -17.91 -18.42 8.74
N LEU C 244 -17.63 -18.65 10.03
CA LEU C 244 -18.01 -17.69 11.06
C LEU C 244 -17.16 -16.44 10.98
N LEU C 245 -15.83 -16.61 10.83
CA LEU C 245 -14.92 -15.47 10.73
C LEU C 245 -14.85 -14.91 9.31
N GLY C 246 -15.36 -15.62 8.32
CA GLY C 246 -15.34 -15.14 6.95
C GLY C 246 -16.49 -14.21 6.63
N GLY C 247 -17.68 -14.56 7.12
CA GLY C 247 -18.85 -13.72 6.91
C GLY C 247 -18.94 -12.52 7.83
N ALA C 248 -18.17 -12.52 8.91
CA ALA C 248 -18.15 -11.39 9.83
C ALA C 248 -17.23 -10.30 9.32
N ILE C 249 -17.52 -9.06 9.73
CA ILE C 249 -16.72 -7.93 9.27
C ILE C 249 -15.39 -7.88 10.00
N ALA C 250 -15.40 -8.32 11.27
CA ALA C 250 -14.18 -8.27 12.10
C ALA C 250 -14.25 -9.25 13.26
N MET C 251 -13.09 -9.62 13.79
CA MET C 251 -13.05 -10.52 14.98
C MET C 251 -12.63 -9.70 16.19
N LEU C 252 -13.43 -9.74 17.24
CA LEU C 252 -13.11 -8.99 18.48
C LEU C 252 -12.19 -9.88 19.32
N PHE C 253 -11.06 -9.33 19.75
CA PHE C 253 -10.10 -10.04 20.59
C PHE C 253 -9.73 -9.20 21.81
N PRO C 254 -10.70 -8.86 22.66
CA PRO C 254 -10.37 -8.07 23.86
C PRO C 254 -9.78 -8.97 24.94
N ILE C 255 -8.53 -8.73 25.29
CA ILE C 255 -7.79 -9.56 26.24
C ILE C 255 -7.42 -8.72 27.45
N THR C 256 -7.51 -9.34 28.63
CA THR C 256 -7.01 -8.75 29.86
C THR C 256 -5.97 -9.69 30.46
N TRP C 257 -5.07 -10.18 29.61
CA TRP C 257 -4.10 -11.20 30.00
C TRP C 257 -2.96 -11.19 28.99
N GLN C 258 -1.72 -11.23 29.48
CA GLN C 258 -0.56 -11.20 28.61
C GLN C 258 -0.56 -12.37 27.63
N GLU C 259 -1.20 -12.18 26.48
CA GLU C 259 -1.36 -13.25 25.50
C GLU C 259 -0.01 -13.66 24.93
N PRO C 260 0.38 -14.94 25.02
CA PRO C 260 1.63 -15.36 24.39
C PRO C 260 1.59 -15.29 22.87
N PHE C 261 0.43 -15.53 22.27
CA PHE C 261 0.28 -15.43 20.83
C PHE C 261 -1.19 -15.22 20.44
N GLY C 262 -1.90 -16.32 20.22
CA GLY C 262 -3.29 -16.25 19.79
C GLY C 262 -3.47 -16.69 18.35
N LEU C 263 -3.57 -18.00 18.14
CA LEU C 263 -3.74 -18.53 16.79
C LEU C 263 -5.05 -18.05 16.16
N VAL C 264 -6.02 -17.78 17.00
CA VAL C 264 -7.36 -17.36 16.51
C VAL C 264 -7.20 -16.05 15.74
N MET C 265 -6.19 -15.25 16.05
CA MET C 265 -6.07 -13.93 15.37
C MET C 265 -5.60 -14.16 13.95
N ILE C 266 -4.58 -15.03 13.78
CA ILE C 266 -4.03 -15.30 12.43
C ILE C 266 -5.04 -16.14 11.63
N GLU C 267 -5.86 -16.94 12.32
CA GLU C 267 -6.92 -17.71 11.64
C GLU C 267 -8.01 -16.77 11.15
N SER C 268 -8.27 -15.69 11.90
CA SER C 268 -9.26 -14.68 11.46
C SER C 268 -8.72 -13.95 10.24
N MET C 269 -7.43 -13.64 10.21
CA MET C 269 -6.86 -12.86 9.09
C MET C 269 -6.73 -13.73 7.83
N ALA C 270 -6.61 -15.05 7.99
CA ALA C 270 -6.52 -15.97 6.84
C ALA C 270 -7.81 -15.96 6.07
N ALA C 271 -8.94 -16.15 6.75
CA ALA C 271 -10.21 -16.03 6.05
C ALA C 271 -10.45 -14.62 5.53
N GLY C 272 -9.44 -13.75 5.59
CA GLY C 272 -9.60 -12.37 5.17
C GLY C 272 -10.54 -11.60 6.08
N THR C 273 -10.07 -11.28 7.28
CA THR C 273 -10.87 -10.56 8.25
C THR C 273 -9.97 -9.89 9.28
N PRO C 274 -10.08 -8.57 9.46
CA PRO C 274 -9.22 -7.88 10.42
C PRO C 274 -9.58 -8.24 11.85
N VAL C 275 -8.60 -8.09 12.74
CA VAL C 275 -8.76 -8.41 14.15
C VAL C 275 -8.56 -7.13 14.94
N VAL C 276 -9.58 -6.74 15.70
CA VAL C 276 -9.51 -5.60 16.60
C VAL C 276 -9.26 -6.15 18.00
N ALA C 277 -8.04 -5.96 18.51
CA ALA C 277 -7.63 -6.52 19.78
C ALA C 277 -7.09 -5.41 20.68
N ILE C 278 -6.96 -5.74 21.96
CA ILE C 278 -6.40 -4.81 22.93
C ILE C 278 -4.89 -4.83 22.84
N ALA C 279 -4.28 -3.65 22.92
CA ALA C 279 -2.82 -3.52 22.85
C ALA C 279 -2.16 -4.16 24.07
N LYS C 280 -2.24 -5.48 24.19
CA LYS C 280 -1.72 -6.21 25.33
C LYS C 280 -1.11 -7.51 24.85
N GLY C 281 -0.03 -7.94 25.51
CA GLY C 281 0.57 -9.21 25.15
C GLY C 281 1.30 -9.12 23.82
N ALA C 282 1.04 -10.11 22.96
CA ALA C 282 1.68 -10.21 21.65
C ALA C 282 0.80 -9.72 20.52
N ALA C 283 -0.23 -8.92 20.83
CA ALA C 283 -1.16 -8.40 19.82
C ALA C 283 -0.44 -7.45 18.86
N PRO C 284 0.37 -6.50 19.34
CA PRO C 284 1.13 -5.66 18.40
C PRO C 284 2.11 -6.44 17.55
N GLU C 285 2.64 -7.55 18.06
CA GLU C 285 3.58 -8.36 17.28
C GLU C 285 2.91 -9.01 16.07
N VAL C 286 1.59 -9.16 16.10
CA VAL C 286 0.85 -9.84 15.04
C VAL C 286 -0.04 -8.88 14.28
N ILE C 287 -0.88 -8.12 14.99
CA ILE C 287 -1.83 -7.22 14.34
C ILE C 287 -1.08 -6.01 13.81
N GLU C 288 -1.19 -5.77 12.50
CA GLU C 288 -0.61 -4.59 11.86
C GLU C 288 -1.68 -3.51 11.82
N HIS C 289 -1.46 -2.44 12.58
CA HIS C 289 -2.45 -1.37 12.70
C HIS C 289 -2.63 -0.66 11.35
N GLY C 290 -3.88 -0.44 10.98
CA GLY C 290 -4.17 0.27 9.75
C GLY C 290 -3.91 -0.50 8.49
N LYS C 291 -3.70 -1.81 8.58
CA LYS C 291 -3.44 -2.63 7.40
C LYS C 291 -4.19 -3.95 7.47
N THR C 292 -4.02 -4.68 8.57
CA THR C 292 -4.68 -5.97 8.77
C THR C 292 -5.43 -6.04 10.09
N GLY C 293 -5.65 -4.90 10.74
CA GLY C 293 -6.37 -4.89 12.00
C GLY C 293 -6.22 -3.54 12.67
N PHE C 294 -6.56 -3.52 13.96
CA PHE C 294 -6.49 -2.31 14.75
C PHE C 294 -6.20 -2.66 16.20
N LEU C 295 -5.33 -1.87 16.83
CA LEU C 295 -5.01 -2.02 18.23
C LEU C 295 -5.77 -0.98 19.06
N CYS C 296 -6.02 -1.31 20.32
CA CYS C 296 -6.83 -0.47 21.17
C CYS C 296 -6.35 -0.58 22.61
N HIS C 297 -6.74 0.40 23.43
CA HIS C 297 -6.41 0.40 24.84
C HIS C 297 -7.64 0.47 25.73
N SER C 298 -8.84 0.45 25.15
CA SER C 298 -10.08 0.49 25.93
C SER C 298 -11.19 -0.25 25.18
N VAL C 299 -12.44 0.14 25.44
CA VAL C 299 -13.59 -0.45 24.79
C VAL C 299 -14.18 0.50 23.74
N GLU C 300 -14.25 1.79 24.05
CA GLU C 300 -14.79 2.75 23.09
C GLU C 300 -13.84 2.94 21.91
N ASP C 301 -12.54 2.70 22.10
CA ASP C 301 -11.61 2.74 20.97
C ASP C 301 -11.92 1.67 19.95
N CYS C 302 -12.37 0.50 20.40
CA CYS C 302 -12.81 -0.54 19.47
C CYS C 302 -14.08 -0.15 18.75
N VAL C 303 -14.98 0.59 19.42
CA VAL C 303 -16.18 1.08 18.76
C VAL C 303 -15.82 2.00 17.62
N ALA C 304 -14.81 2.85 17.81
CA ALA C 304 -14.30 3.67 16.72
C ALA C 304 -13.51 2.83 15.72
N ALA C 305 -12.94 1.70 16.16
CA ALA C 305 -12.20 0.85 15.24
C ALA C 305 -13.12 0.08 14.30
N VAL C 306 -14.33 -0.27 14.77
CA VAL C 306 -15.28 -0.98 13.92
C VAL C 306 -15.70 -0.10 12.75
N ALA C 307 -15.89 1.19 12.99
CA ALA C 307 -16.26 2.11 11.92
C ALA C 307 -15.16 2.24 10.87
N GLN C 308 -13.92 1.89 11.21
CA GLN C 308 -12.80 1.94 10.27
C GLN C 308 -12.37 0.56 9.81
N VAL C 309 -13.28 -0.42 9.86
CA VAL C 309 -12.99 -1.78 9.40
C VAL C 309 -13.21 -1.91 7.90
N PRO C 310 -14.33 -1.47 7.33
CA PRO C 310 -14.52 -1.65 5.88
C PRO C 310 -13.50 -0.91 5.03
N GLN C 311 -12.86 0.13 5.56
CA GLN C 311 -11.89 0.88 4.76
C GLN C 311 -10.60 0.09 4.54
N LEU C 312 -10.37 -0.96 5.31
CA LEU C 312 -9.20 -1.81 5.10
C LEU C 312 -9.43 -2.76 3.93
N ASP C 313 -8.34 -3.36 3.45
CA ASP C 313 -8.41 -4.33 2.38
C ASP C 313 -8.66 -5.71 2.97
N ARG C 314 -9.63 -6.48 2.49
CA ARG C 314 -9.76 -7.83 3.12
C ARG C 314 -8.73 -8.83 2.59
N MET C 315 -8.28 -8.69 1.34
CA MET C 315 -7.35 -9.67 0.72
C MET C 315 -5.98 -9.57 1.40
N ALA C 316 -5.49 -8.36 1.61
CA ALA C 316 -4.16 -8.17 2.23
C ALA C 316 -4.11 -8.84 3.58
N CYS C 317 -5.24 -8.96 4.26
CA CYS C 317 -5.26 -9.70 5.54
C CYS C 317 -4.85 -11.13 5.21
N ARG C 318 -5.41 -11.74 4.17
CA ARG C 318 -5.03 -13.13 3.90
C ARG C 318 -3.57 -13.22 3.47
N ASP C 319 -3.13 -12.31 2.60
CA ASP C 319 -1.75 -12.33 2.14
C ASP C 319 -0.75 -12.03 3.25
N TYR C 320 -1.18 -11.36 4.31
CA TYR C 320 -0.27 -11.08 5.42
C TYR C 320 0.04 -12.34 6.21
N VAL C 321 -0.92 -13.26 6.34
CA VAL C 321 -0.67 -14.50 7.06
C VAL C 321 0.32 -15.37 6.30
N TRP C 322 0.18 -15.42 4.97
CA TRP C 322 1.10 -16.20 4.15
C TRP C 322 2.55 -15.73 4.30
N GLN C 323 2.77 -14.50 4.75
CA GLN C 323 4.12 -13.97 4.85
C GLN C 323 4.79 -14.38 6.15
N ARG C 324 4.26 -13.92 7.28
CA ARG C 324 4.92 -14.12 8.56
C ARG C 324 4.49 -15.41 9.28
N PHE C 325 3.37 -16.00 8.88
CA PHE C 325 2.83 -17.18 9.57
C PHE C 325 2.46 -18.24 8.52
N SER C 326 3.47 -18.76 7.83
CA SER C 326 3.29 -19.83 6.87
C SER C 326 3.86 -21.13 7.42
N VAL C 327 3.36 -22.25 6.90
CA VAL C 327 3.77 -23.56 7.41
C VAL C 327 5.25 -23.80 7.12
N GLU C 328 5.75 -23.34 5.98
CA GLU C 328 7.18 -23.61 5.66
C GLU C 328 8.07 -22.81 6.61
N ARG C 329 7.75 -21.54 6.84
CA ARG C 329 8.61 -20.65 7.68
C ARG C 329 8.87 -21.27 9.05
N MET C 330 7.82 -21.72 9.72
CA MET C 330 7.97 -22.27 11.08
C MET C 330 8.90 -23.48 11.05
N VAL C 331 8.62 -24.46 10.21
CA VAL C 331 9.41 -25.71 10.22
C VAL C 331 10.85 -25.44 9.78
N SER C 332 11.07 -24.55 8.83
CA SER C 332 12.45 -24.22 8.46
C SER C 332 13.17 -23.53 9.61
N GLU C 333 12.46 -22.69 10.38
CA GLU C 333 13.07 -22.05 11.54
C GLU C 333 13.37 -23.07 12.62
N TYR C 334 12.42 -23.96 12.91
CA TYR C 334 12.66 -25.00 13.90
C TYR C 334 13.76 -25.96 13.46
N GLU C 335 13.84 -26.23 12.15
CA GLU C 335 14.90 -27.10 11.65
C GLU C 335 16.27 -26.49 11.89
N ALA C 336 16.37 -25.16 11.75
CA ALA C 336 17.62 -24.47 12.07
C ALA C 336 17.88 -24.41 13.57
N VAL C 337 16.83 -24.53 14.40
CA VAL C 337 17.03 -24.58 15.83
C VAL C 337 17.68 -25.88 16.25
N TYR C 338 17.27 -27.00 15.62
CA TYR C 338 17.87 -28.29 15.93
C TYR C 338 19.35 -28.32 15.57
N ASP C 339 19.72 -27.68 14.46
CA ASP C 339 21.13 -27.61 14.09
C ASP C 339 21.91 -26.75 15.09
N THR C 340 21.26 -25.73 15.67
CA THR C 340 21.92 -24.93 16.70
C THR C 340 22.14 -25.75 17.97
N VAL C 341 21.19 -26.62 18.30
CA VAL C 341 21.29 -27.42 19.51
C VAL C 341 22.25 -28.58 19.31
N LEU C 342 22.23 -29.21 18.13
CA LEU C 342 23.12 -30.33 17.86
C LEU C 342 24.57 -29.93 17.72
N ALA C 343 24.87 -28.64 17.61
CA ALA C 343 26.25 -28.17 17.46
C ALA C 343 26.92 -27.85 18.79
N ASN C 344 26.16 -27.39 19.78
CA ASN C 344 26.74 -27.00 21.06
C ASN C 344 26.88 -28.20 21.99
N THR C 345 27.15 -29.37 21.41
CA THR C 345 27.33 -30.58 22.21
C THR C 345 28.75 -31.10 22.11
N HIS D 3 24.78 -15.54 7.44
CA HIS D 3 25.94 -15.45 8.32
C HIS D 3 27.22 -15.81 7.58
N MET D 4 27.16 -15.77 6.25
CA MET D 4 28.29 -16.09 5.39
C MET D 4 28.52 -14.96 4.40
N ARG D 5 29.68 -15.00 3.75
CA ARG D 5 30.04 -14.03 2.71
C ARG D 5 29.62 -14.61 1.37
N ILE D 6 28.46 -14.20 0.87
CA ILE D 6 27.92 -14.69 -0.38
C ILE D 6 28.15 -13.65 -1.46
N ALA D 7 28.27 -14.12 -2.71
CA ALA D 7 28.45 -13.25 -3.86
C ALA D 7 27.41 -13.61 -4.91
N GLN D 8 26.56 -12.64 -5.25
CA GLN D 8 25.54 -12.82 -6.29
C GLN D 8 26.10 -12.27 -7.60
N VAL D 9 26.45 -13.16 -8.51
CA VAL D 9 27.00 -12.77 -9.82
C VAL D 9 25.82 -12.72 -10.78
N ALA D 10 25.21 -11.53 -10.88
CA ALA D 10 24.06 -11.27 -11.72
C ALA D 10 24.50 -10.85 -13.11
N PRO D 11 23.67 -11.10 -14.14
CA PRO D 11 24.01 -10.64 -15.49
C PRO D 11 23.90 -9.13 -15.59
N LEU D 12 24.33 -8.62 -16.75
CA LEU D 12 24.33 -7.19 -17.01
C LEU D 12 23.38 -6.79 -18.14
N TRP D 13 22.71 -7.75 -18.78
CA TRP D 13 21.76 -7.41 -19.84
C TRP D 13 20.66 -6.52 -19.33
N GLU D 14 20.20 -6.75 -18.11
CA GLU D 14 19.11 -5.96 -17.55
C GLU D 14 19.48 -5.40 -16.18
N ARG D 15 18.48 -4.84 -15.49
CA ARG D 15 18.64 -4.25 -14.18
C ARG D 15 18.03 -5.18 -13.14
N VAL D 16 18.64 -5.18 -11.95
CA VAL D 16 18.01 -5.93 -10.82
C VAL D 16 16.73 -5.14 -10.51
N PRO D 18 14.17 -5.57 -11.97
CA PRO D 18 14.03 -5.23 -13.39
C PRO D 18 12.77 -4.41 -13.68
N PRO D 19 12.91 -3.24 -14.34
CA PRO D 19 11.75 -2.38 -14.60
C PRO D 19 10.72 -3.04 -15.51
N ALA D 20 11.15 -3.88 -16.45
CA ALA D 20 10.31 -4.55 -17.42
C ALA D 20 10.76 -5.99 -17.62
N TYR D 21 11.37 -6.29 -18.76
CA TYR D 21 11.83 -7.64 -19.02
C TYR D 21 13.00 -8.00 -18.11
N GLY D 22 13.06 -9.28 -17.73
CA GLY D 22 14.14 -9.76 -16.89
C GLY D 22 13.69 -10.81 -15.89
N GLY D 23 14.19 -12.03 -16.03
CA GLY D 23 13.84 -13.10 -15.12
C GLY D 23 14.91 -13.37 -14.08
N VAL D 24 16.15 -13.55 -14.53
CA VAL D 24 17.25 -13.83 -13.62
C VAL D 24 17.48 -12.66 -12.67
N GLU D 25 17.37 -11.44 -13.18
CA GLU D 25 17.60 -10.27 -12.35
C GLU D 25 16.56 -10.12 -11.26
N LEU D 26 15.34 -10.63 -11.48
CA LEU D 26 14.32 -10.61 -10.44
C LEU D 26 14.55 -11.70 -9.41
N VAL D 27 15.01 -12.88 -9.84
CA VAL D 27 15.32 -13.94 -8.89
C VAL D 27 16.53 -13.57 -8.04
N VAL D 28 17.55 -12.98 -8.66
CA VAL D 28 18.69 -12.47 -7.89
C VAL D 28 18.23 -11.41 -6.91
N SER D 29 17.26 -10.59 -7.30
CA SER D 29 16.72 -9.57 -6.42
C SER D 29 16.12 -10.18 -5.16
N LEU D 30 15.08 -11.00 -5.33
CA LEU D 30 14.42 -11.62 -4.19
C LEU D 30 15.34 -12.52 -3.40
N LEU D 31 16.41 -13.02 -4.02
CA LEU D 31 17.40 -13.81 -3.28
C LEU D 31 18.33 -12.93 -2.48
N THR D 32 18.86 -11.87 -3.10
CA THR D 32 19.79 -10.98 -2.41
C THR D 32 19.09 -10.18 -1.31
N GLU D 33 17.91 -9.64 -1.61
CA GLU D 33 17.21 -8.81 -0.65
C GLU D 33 16.81 -9.58 0.59
N GLU D 34 16.54 -10.89 0.45
CA GLU D 34 16.13 -11.69 1.60
C GLU D 34 17.32 -12.20 2.40
N LEU D 35 18.44 -12.50 1.74
CA LEU D 35 19.62 -12.98 2.46
C LEU D 35 20.15 -11.90 3.40
N VAL D 36 20.20 -10.64 2.93
CA VAL D 36 20.66 -9.56 3.80
C VAL D 36 19.63 -9.27 4.87
N LYS D 37 18.35 -9.57 4.61
CA LYS D 37 17.33 -9.43 5.64
C LYS D 37 17.46 -10.47 6.74
N ARG D 38 18.18 -11.56 6.48
CA ARG D 38 18.38 -12.63 7.45
C ARG D 38 19.80 -12.62 8.02
N GLY D 39 20.45 -11.46 8.01
CA GLY D 39 21.76 -11.32 8.64
C GLY D 39 22.91 -11.97 7.91
N HIS D 40 22.93 -11.88 6.59
CA HIS D 40 24.04 -12.39 5.80
C HIS D 40 24.93 -11.22 5.35
N GLU D 41 26.00 -11.56 4.62
CA GLU D 41 26.96 -10.57 4.12
C GLU D 41 27.13 -10.83 2.61
N VAL D 42 26.16 -10.37 1.83
CA VAL D 42 26.10 -10.63 0.40
C VAL D 42 26.63 -9.42 -0.34
N THR D 43 27.41 -9.65 -1.39
CA THR D 43 27.95 -8.60 -2.26
C THR D 43 27.37 -8.79 -3.65
N LEU D 44 26.53 -7.86 -4.07
CA LEU D 44 25.83 -7.98 -5.35
C LEU D 44 26.70 -7.49 -6.49
N PHE D 45 26.84 -8.31 -7.53
CA PHE D 45 27.59 -7.97 -8.73
C PHE D 45 26.58 -7.78 -9.87
N ALA D 46 26.25 -6.53 -10.16
CA ALA D 46 25.29 -6.22 -11.21
C ALA D 46 25.63 -4.91 -11.90
N SER D 47 24.62 -4.08 -12.14
CA SER D 47 24.80 -2.80 -12.79
C SER D 47 24.83 -1.68 -11.76
N GLY D 48 24.88 -0.43 -12.23
CA GLY D 48 24.94 0.71 -11.33
C GLY D 48 23.60 1.33 -11.03
N ASP D 49 22.65 1.19 -11.96
CA ASP D 49 21.28 1.65 -11.76
C ASP D 49 20.48 0.73 -10.85
N SER D 50 21.16 -0.25 -10.25
CA SER D 50 20.46 -1.29 -9.46
C SER D 50 19.90 -0.73 -8.16
N MET D 51 18.95 -1.46 -7.57
CA MET D 51 18.42 -1.03 -6.26
C MET D 51 18.64 -2.16 -5.24
N THR D 52 19.71 -2.06 -4.46
CA THR D 52 20.04 -3.14 -3.51
C THR D 52 20.31 -2.60 -2.11
N GLN D 53 20.13 -3.45 -1.11
CA GLN D 53 20.50 -3.12 0.26
C GLN D 53 21.81 -3.79 0.67
N ALA D 54 22.46 -4.50 -0.24
CA ALA D 54 23.73 -5.16 0.00
C ALA D 54 24.86 -4.39 -0.69
N LYS D 55 26.09 -4.83 -0.46
CA LYS D 55 27.23 -4.21 -1.13
C LYS D 55 27.12 -4.42 -2.64
N LEU D 56 27.25 -3.33 -3.38
CA LEU D 56 27.06 -3.34 -4.83
C LEU D 56 28.41 -3.14 -5.50
N VAL D 57 28.80 -4.10 -6.33
CA VAL D 57 29.99 -4.01 -7.16
C VAL D 57 29.55 -4.12 -8.60
N SER D 58 29.83 -3.09 -9.39
CA SER D 58 29.33 -3.02 -10.76
C SER D 58 30.44 -2.56 -11.69
N THR D 59 30.27 -2.87 -12.98
CA THR D 59 31.18 -2.45 -14.02
C THR D 59 30.55 -1.52 -15.04
N TYR D 60 29.22 -1.43 -15.10
CA TYR D 60 28.53 -0.52 -16.00
C TYR D 60 27.32 0.04 -15.26
N PRO D 61 27.08 1.35 -15.32
CA PRO D 61 26.00 1.94 -14.52
C PRO D 61 24.60 1.62 -15.04
N HIS D 62 24.44 1.37 -16.33
CA HIS D 62 23.13 1.17 -16.92
C HIS D 62 22.96 -0.28 -17.36
N ALA D 63 21.89 -0.54 -18.10
CA ALA D 63 21.62 -1.86 -18.67
C ALA D 63 22.08 -1.92 -20.11
N ILE D 64 22.72 -3.03 -20.48
CA ILE D 64 23.32 -3.14 -21.80
C ILE D 64 22.27 -3.19 -22.90
N ARG D 65 21.11 -3.80 -22.62
CA ARG D 65 20.11 -3.97 -23.68
C ARG D 65 19.49 -2.63 -24.08
N LEU D 66 19.16 -1.79 -23.10
CA LEU D 66 18.56 -0.48 -23.38
C LEU D 66 19.60 0.63 -23.45
N ASP D 67 20.73 0.38 -24.11
CA ASP D 67 21.80 1.36 -24.21
C ASP D 67 22.34 1.38 -25.63
N PRO D 68 22.31 2.54 -26.32
CA PRO D 68 22.80 2.59 -27.69
C PRO D 68 24.31 2.83 -27.80
N ASN D 69 24.98 3.10 -26.69
CA ASN D 69 26.42 3.35 -26.69
C ASN D 69 27.24 2.09 -26.48
N VAL D 70 26.61 0.93 -26.33
CA VAL D 70 27.29 -0.34 -26.14
C VAL D 70 27.05 -1.23 -27.35
N GLN D 71 28.06 -2.00 -27.73
CA GLN D 71 27.96 -2.87 -28.88
C GLN D 71 28.48 -4.27 -28.55
N GLU D 72 29.42 -4.35 -27.62
CA GLU D 72 30.04 -5.62 -27.24
C GLU D 72 29.72 -5.91 -25.78
N TYR D 73 28.96 -6.99 -25.54
CA TYR D 73 28.63 -7.40 -24.19
C TYR D 73 29.67 -8.31 -23.57
N ALA D 74 30.47 -9.01 -24.39
CA ALA D 74 31.52 -9.88 -23.86
C ALA D 74 32.60 -9.09 -23.13
N VAL D 75 32.71 -7.79 -23.38
CA VAL D 75 33.67 -6.97 -22.66
C VAL D 75 33.32 -6.92 -21.18
N TYR D 76 32.05 -6.67 -20.87
CA TYR D 76 31.62 -6.52 -19.49
C TYR D 76 31.46 -7.85 -18.77
N GLU D 77 31.35 -8.97 -19.52
CA GLU D 77 31.45 -10.28 -18.89
C GLU D 77 32.84 -10.51 -18.32
N ALA D 78 33.86 -10.36 -19.16
CA ALA D 78 35.24 -10.46 -18.68
C ALA D 78 35.58 -9.37 -17.68
N LEU D 79 34.81 -8.28 -17.65
CA LEU D 79 35.00 -7.26 -16.63
C LEU D 79 34.41 -7.70 -15.29
N GLN D 80 33.18 -8.23 -15.32
CA GLN D 80 32.54 -8.65 -14.08
C GLN D 80 33.23 -9.89 -13.50
N LEU D 81 33.44 -10.90 -14.33
CA LEU D 81 34.14 -12.11 -13.86
C LEU D 81 35.58 -11.82 -13.48
N GLY D 82 36.15 -10.70 -13.91
CA GLY D 82 37.48 -10.32 -13.49
C GLY D 82 37.52 -9.74 -12.08
N GLU D 83 36.42 -9.16 -11.62
CA GLU D 83 36.35 -8.59 -10.28
C GLU D 83 35.98 -9.62 -9.22
N VAL D 84 35.05 -10.53 -9.54
CA VAL D 84 34.55 -11.51 -8.58
C VAL D 84 35.69 -12.40 -8.10
N PHE D 85 36.25 -13.19 -9.01
CA PHE D 85 37.27 -14.16 -8.63
C PHE D 85 38.57 -13.49 -8.21
N SER D 86 38.75 -12.21 -8.52
CA SER D 86 39.86 -11.47 -7.93
C SER D 86 39.65 -11.27 -6.44
N ARG D 87 38.41 -10.98 -6.04
CA ARG D 87 38.04 -10.83 -4.63
C ARG D 87 37.40 -12.11 -4.07
N ALA D 88 37.68 -13.26 -4.68
CA ALA D 88 37.07 -14.51 -4.24
C ALA D 88 37.50 -14.92 -2.84
N ASN D 89 38.66 -14.45 -2.38
CA ASN D 89 39.11 -14.79 -1.03
C ASN D 89 38.25 -14.13 0.04
N GLU D 90 37.56 -13.04 -0.29
CA GLU D 90 36.70 -12.34 0.65
C GLU D 90 35.28 -12.91 0.70
N PHE D 91 35.05 -14.06 0.06
CA PHE D 91 33.73 -14.68 0.02
C PHE D 91 33.82 -16.11 0.49
N ASP D 92 32.80 -16.55 1.23
CA ASP D 92 32.72 -17.95 1.63
C ASP D 92 32.16 -18.82 0.52
N VAL D 93 31.23 -18.28 -0.28
CA VAL D 93 30.66 -18.99 -1.41
C VAL D 93 30.25 -17.97 -2.46
N ILE D 94 30.36 -18.36 -3.72
CA ILE D 94 30.07 -17.49 -4.85
C ILE D 94 28.91 -18.10 -5.63
N HIS D 95 27.80 -17.37 -5.69
CA HIS D 95 26.59 -17.84 -6.40
C HIS D 95 26.56 -17.19 -7.77
N SER D 96 26.88 -17.98 -8.80
CA SER D 96 26.95 -17.48 -10.16
C SER D 96 25.62 -17.69 -10.87
N HIS D 97 25.15 -16.65 -11.56
CA HIS D 97 23.95 -16.72 -12.38
C HIS D 97 24.20 -16.40 -13.84
N VAL D 98 25.45 -16.17 -14.24
CA VAL D 98 25.73 -15.72 -15.60
C VAL D 98 25.69 -16.87 -16.58
N GLY D 99 26.05 -18.09 -16.15
CA GLY D 99 26.01 -19.25 -17.02
C GLY D 99 27.37 -19.92 -17.12
N TYR D 100 27.60 -20.56 -18.26
CA TYR D 100 28.81 -21.34 -18.47
C TYR D 100 30.07 -20.50 -18.57
N THR D 101 29.94 -19.18 -18.77
CA THR D 101 31.12 -18.34 -18.93
C THR D 101 31.98 -18.31 -17.68
N ALA D 102 31.37 -18.54 -16.52
CA ALA D 102 32.07 -18.51 -15.24
C ALA D 102 32.49 -19.89 -14.76
N LEU D 103 32.64 -20.84 -15.67
CA LEU D 103 33.04 -22.19 -15.30
C LEU D 103 34.56 -22.35 -15.28
N PRO D 104 35.29 -21.91 -16.33
CA PRO D 104 36.76 -21.98 -16.24
C PRO D 104 37.34 -21.10 -15.16
N TYR D 105 36.61 -20.07 -14.69
CA TYR D 105 37.08 -19.24 -13.60
C TYR D 105 37.01 -19.93 -12.26
N THR D 106 36.34 -21.08 -12.17
CA THR D 106 36.26 -21.84 -10.92
C THR D 106 37.45 -22.77 -10.75
N SER D 107 37.97 -23.31 -11.86
CA SER D 107 39.07 -24.27 -11.81
C SER D 107 40.39 -23.54 -11.65
N LEU D 108 40.39 -22.44 -10.91
CA LEU D 108 41.61 -21.65 -10.69
C LEU D 108 41.74 -21.07 -9.29
N VAL D 109 40.65 -20.90 -8.54
CA VAL D 109 40.72 -20.26 -7.23
C VAL D 109 40.46 -21.27 -6.12
N LYS D 110 40.41 -20.80 -4.88
CA LYS D 110 40.18 -21.66 -3.73
C LYS D 110 38.73 -21.69 -3.28
N THR D 111 37.97 -20.63 -3.52
CA THR D 111 36.58 -20.58 -3.08
C THR D 111 35.69 -21.36 -4.05
N PRO D 112 34.84 -22.25 -3.55
CA PRO D 112 33.94 -22.98 -4.45
C PRO D 112 32.82 -22.09 -4.94
N VAL D 113 32.41 -22.31 -6.19
CA VAL D 113 31.38 -21.51 -6.85
C VAL D 113 30.14 -22.36 -7.01
N VAL D 114 28.98 -21.78 -6.69
CA VAL D 114 27.69 -22.43 -6.87
C VAL D 114 27.05 -21.87 -8.13
N HIS D 115 26.74 -22.74 -9.09
CA HIS D 115 26.20 -22.33 -10.37
C HIS D 115 24.72 -22.66 -10.44
N THR D 116 23.92 -21.69 -10.88
CA THR D 116 22.49 -21.88 -11.12
C THR D 116 22.24 -21.88 -12.61
N LEU D 117 21.39 -22.80 -13.06
CA LEU D 117 21.11 -22.99 -14.47
C LEU D 117 19.79 -22.32 -14.83
N HIS D 118 19.85 -21.32 -15.71
CA HIS D 118 18.67 -20.59 -16.15
C HIS D 118 18.36 -20.79 -17.64
N GLY D 119 19.22 -21.49 -18.38
CA GLY D 119 19.00 -21.64 -19.80
C GLY D 119 18.79 -23.08 -20.24
N ARG D 120 18.74 -23.31 -21.55
CA ARG D 120 18.57 -24.63 -22.11
C ARG D 120 19.92 -25.21 -22.52
N PHE D 121 20.08 -26.51 -22.33
CA PHE D 121 21.29 -27.21 -22.75
C PHE D 121 21.21 -27.45 -24.25
N THR D 122 21.85 -26.59 -25.03
CA THR D 122 21.84 -26.73 -26.48
C THR D 122 22.86 -27.78 -26.90
N ALA D 123 23.13 -27.87 -28.20
CA ALA D 123 24.06 -28.87 -28.72
C ALA D 123 25.51 -28.50 -28.46
N ASP D 124 25.82 -27.22 -28.25
CA ASP D 124 27.19 -26.76 -28.07
C ASP D 124 27.60 -26.64 -26.61
N ASN D 125 26.74 -26.06 -25.77
CA ASN D 125 27.08 -25.82 -24.37
C ASN D 125 27.19 -27.11 -23.55
N GLU D 126 26.85 -28.26 -24.13
CA GLU D 126 27.10 -29.52 -23.43
C GLU D 126 28.59 -29.76 -23.24
N ARG D 127 29.40 -29.34 -24.21
CA ARG D 127 30.83 -29.60 -24.15
C ARG D 127 31.50 -28.83 -23.02
N ILE D 128 31.08 -27.59 -22.79
CA ILE D 128 31.64 -26.83 -21.68
C ILE D 128 31.07 -27.33 -20.35
N PHE D 129 29.83 -27.82 -20.36
CA PHE D 129 29.25 -28.36 -19.13
C PHE D 129 29.80 -29.74 -18.81
N SER D 130 30.21 -30.51 -19.83
CA SER D 130 30.75 -31.84 -19.58
C SER D 130 32.17 -31.76 -19.02
N GLN D 131 32.97 -30.79 -19.47
CA GLN D 131 34.31 -30.65 -18.96
C GLN D 131 34.33 -30.27 -17.49
N TYR D 132 33.28 -29.59 -17.01
CA TYR D 132 33.15 -29.20 -15.62
C TYR D 132 31.96 -29.91 -14.97
N ARG D 133 31.78 -31.19 -15.30
CA ARG D 133 30.66 -31.95 -14.78
C ARG D 133 30.72 -32.11 -13.26
N ASN D 134 31.92 -32.03 -12.67
CA ASN D 134 32.09 -32.19 -11.24
C ASN D 134 31.90 -30.89 -10.47
N GLN D 135 31.35 -29.86 -11.12
CA GLN D 135 31.11 -28.57 -10.47
C GLN D 135 29.76 -28.57 -9.75
N ASN D 136 29.53 -27.53 -8.95
CA ASN D 136 28.33 -27.42 -8.14
C ASN D 136 27.24 -26.73 -8.95
N TYR D 137 26.38 -27.50 -9.59
CA TYR D 137 25.25 -26.98 -10.34
C TYR D 137 23.99 -27.03 -9.49
N VAL D 138 23.03 -26.17 -9.85
CA VAL D 138 21.73 -26.12 -9.20
C VAL D 138 20.68 -25.91 -10.28
N SER D 139 19.76 -26.86 -10.42
CA SER D 139 18.69 -26.75 -11.40
C SER D 139 17.50 -26.01 -10.79
N ILE D 140 16.72 -25.38 -11.67
CA ILE D 140 15.48 -24.73 -11.26
C ILE D 140 14.26 -25.58 -11.59
N SER D 141 14.46 -26.79 -12.11
CA SER D 141 13.39 -27.70 -12.44
C SER D 141 14.00 -29.06 -12.77
N HIS D 142 13.24 -30.12 -12.46
CA HIS D 142 13.71 -31.46 -12.81
C HIS D 142 13.60 -31.72 -14.30
N SER D 143 12.66 -31.05 -14.98
CA SER D 143 12.58 -31.17 -16.43
C SER D 143 13.80 -30.59 -17.12
N GLN D 144 14.42 -29.57 -16.51
CA GLN D 144 15.63 -28.99 -17.07
C GLN D 144 16.76 -30.01 -17.12
N ARG D 145 16.88 -30.83 -16.07
CA ARG D 145 17.92 -31.84 -15.99
C ARG D 145 17.87 -32.78 -17.19
N GLN D 146 18.69 -32.50 -18.21
CA GLN D 146 18.73 -33.33 -19.41
C GLN D 146 20.14 -33.82 -19.72
N LEU D 147 21.10 -33.62 -18.84
CA LEU D 147 22.45 -34.16 -19.01
C LEU D 147 22.70 -35.41 -18.19
N ARG D 148 22.22 -35.44 -16.95
CA ARG D 148 22.36 -36.59 -16.03
C ARG D 148 23.81 -36.84 -15.65
N GLU D 149 24.75 -36.43 -16.50
CA GLU D 149 26.17 -36.59 -16.25
C GLU D 149 26.78 -35.39 -15.52
N LEU D 150 25.96 -34.61 -14.83
CA LEU D 150 26.43 -33.45 -14.10
C LEU D 150 26.31 -33.70 -12.60
N ASN D 151 26.62 -32.67 -11.81
CA ASN D 151 26.58 -32.74 -10.35
C ASN D 151 25.54 -31.75 -9.84
N TYR D 152 24.27 -32.06 -10.07
CA TYR D 152 23.18 -31.21 -9.60
C TYR D 152 23.08 -31.31 -8.09
N ILE D 153 23.34 -30.20 -7.39
CA ILE D 153 23.29 -30.21 -5.94
C ILE D 153 21.86 -30.36 -5.45
N ALA D 154 20.93 -29.61 -6.04
CA ALA D 154 19.53 -29.66 -5.66
C ALA D 154 18.69 -29.14 -6.82
N THR D 155 17.41 -28.91 -6.56
CA THR D 155 16.49 -28.35 -7.55
C THR D 155 15.64 -27.30 -6.85
N VAL D 156 16.03 -26.04 -6.96
CA VAL D 156 15.38 -24.93 -6.28
C VAL D 156 14.43 -24.24 -7.25
N TYR D 157 13.15 -24.28 -6.95
CA TYR D 157 12.16 -23.62 -7.80
C TYR D 157 12.27 -22.11 -7.66
N ASN D 158 12.16 -21.42 -8.79
CA ASN D 158 12.12 -19.96 -8.76
C ASN D 158 10.81 -19.48 -8.15
N ALA D 159 10.84 -18.25 -7.63
CA ALA D 159 9.69 -17.71 -6.92
C ALA D 159 9.59 -16.21 -7.14
N ILE D 160 8.40 -15.68 -6.90
CA ILE D 160 8.12 -14.25 -7.02
C ILE D 160 7.53 -13.77 -5.70
N ALA D 161 7.42 -12.44 -5.58
CA ALA D 161 6.77 -11.82 -4.44
C ALA D 161 5.27 -11.80 -4.72
N VAL D 162 4.55 -12.73 -4.11
CA VAL D 162 3.12 -12.89 -4.40
C VAL D 162 2.33 -11.67 -3.94
N GLU D 163 2.78 -11.00 -2.87
CA GLU D 163 2.06 -9.84 -2.37
C GLU D 163 2.17 -8.64 -3.32
N THR D 164 3.18 -8.61 -4.18
CA THR D 164 3.36 -7.51 -5.12
C THR D 164 2.45 -7.63 -6.34
N HIS D 165 1.71 -8.74 -6.47
CA HIS D 165 0.79 -8.95 -7.58
C HIS D 165 -0.63 -8.81 -7.03
N HIS D 166 -1.34 -7.77 -7.49
CA HIS D 166 -2.71 -7.57 -7.07
C HIS D 166 -3.58 -8.71 -7.56
N PHE D 167 -4.40 -9.26 -6.65
CA PHE D 167 -5.23 -10.41 -6.96
C PHE D 167 -6.54 -9.97 -7.60
N TYR D 168 -6.87 -10.57 -8.73
CA TYR D 168 -8.12 -10.30 -9.42
C TYR D 168 -9.01 -11.54 -9.36
N PRO D 169 -10.21 -11.44 -8.77
CA PRO D 169 -11.07 -12.63 -8.65
C PRO D 169 -11.87 -12.91 -9.91
N GLN D 170 -12.32 -11.86 -10.61
CA GLN D 170 -13.13 -12.02 -11.80
C GLN D 170 -12.49 -11.23 -12.93
N PRO D 171 -12.38 -11.81 -14.13
CA PRO D 171 -11.79 -11.07 -15.25
C PRO D 171 -12.70 -9.94 -15.76
N SER D 172 -12.26 -9.23 -16.79
CA SER D 172 -13.04 -8.14 -17.34
C SER D 172 -14.31 -8.67 -18.01
N ASP D 173 -15.35 -7.84 -17.99
CA ASP D 173 -16.60 -8.23 -18.65
C ASP D 173 -16.42 -8.47 -20.14
N PRO D 174 -15.67 -7.65 -20.89
CA PRO D 174 -15.21 -8.07 -22.21
C PRO D 174 -13.97 -8.95 -22.09
N PRO D 175 -14.10 -10.25 -22.26
CA PRO D 175 -12.98 -11.15 -21.97
C PRO D 175 -11.91 -11.08 -23.04
N TYR D 176 -10.66 -11.28 -22.61
CA TYR D 176 -9.53 -11.32 -23.51
C TYR D 176 -8.51 -12.32 -23.01
N LEU D 177 -7.73 -12.87 -23.93
CA LEU D 177 -6.62 -13.75 -23.57
C LEU D 177 -5.36 -12.91 -23.35
N ALA D 178 -4.34 -13.55 -22.78
CA ALA D 178 -3.13 -12.85 -22.40
C ALA D 178 -1.90 -13.60 -22.89
N PHE D 179 -0.85 -12.85 -23.18
CA PHE D 179 0.45 -13.42 -23.55
C PHE D 179 1.53 -12.52 -22.96
N LEU D 180 2.43 -13.11 -22.18
CA LEU D 180 3.51 -12.38 -21.55
C LEU D 180 4.82 -13.11 -21.80
N GLY D 181 5.83 -12.37 -22.23
CA GLY D 181 7.13 -12.93 -22.55
C GLY D 181 7.65 -12.40 -23.88
N ARG D 182 8.92 -12.72 -24.14
CA ARG D 182 9.57 -12.25 -25.35
C ARG D 182 8.87 -12.80 -26.59
N LEU D 183 8.99 -12.07 -27.68
CA LEU D 183 8.34 -12.43 -28.95
C LEU D 183 9.16 -13.40 -29.78
N SER D 184 9.81 -14.38 -29.13
CA SER D 184 10.60 -15.38 -29.83
C SER D 184 9.76 -16.61 -30.14
N PRO D 185 10.12 -17.37 -31.17
CA PRO D 185 9.41 -18.63 -31.45
C PRO D 185 9.43 -19.62 -30.29
N GLU D 186 10.37 -19.47 -29.36
CA GLU D 186 10.37 -20.31 -28.17
C GLU D 186 9.08 -20.15 -27.38
N LYS D 187 8.66 -18.91 -27.15
CA LYS D 187 7.37 -18.67 -26.50
C LYS D 187 6.20 -18.94 -27.44
N GLY D 188 6.46 -19.00 -28.75
CA GLY D 188 5.44 -19.28 -29.73
C GLY D 188 4.26 -18.33 -29.68
N PRO D 189 4.49 -17.04 -29.99
CA PRO D 189 3.35 -16.11 -30.02
C PRO D 189 2.45 -16.29 -31.22
N HIS D 190 2.97 -16.84 -32.32
CA HIS D 190 2.11 -17.11 -33.47
C HIS D 190 1.10 -18.20 -33.17
N HIS D 191 1.44 -19.14 -32.29
CA HIS D 191 0.47 -20.15 -31.86
C HIS D 191 -0.63 -19.52 -31.02
N ALA D 192 -0.27 -18.61 -30.11
CA ALA D 192 -1.28 -17.97 -29.26
C ALA D 192 -2.24 -17.10 -30.07
N ILE D 193 -1.78 -16.56 -31.20
CA ILE D 193 -2.67 -15.77 -32.05
C ILE D 193 -3.68 -16.69 -32.73
N GLU D 194 -3.25 -17.89 -33.13
CA GLU D 194 -4.16 -18.83 -33.76
C GLU D 194 -5.22 -19.33 -32.78
N ILE D 195 -4.86 -19.45 -31.50
CA ILE D 195 -5.83 -19.91 -30.50
C ILE D 195 -6.89 -18.84 -30.25
N ALA D 196 -6.49 -17.58 -30.16
CA ALA D 196 -7.43 -16.51 -29.86
C ALA D 196 -8.45 -16.32 -30.97
N LYS D 197 -8.04 -16.54 -32.23
CA LYS D 197 -8.98 -16.41 -33.34
C LYS D 197 -9.84 -17.65 -33.52
N ARG D 198 -9.30 -18.84 -33.20
CA ARG D 198 -10.08 -20.06 -33.28
C ARG D 198 -11.21 -20.11 -32.26
N VAL D 199 -11.10 -19.33 -31.18
CA VAL D 199 -12.16 -19.25 -30.18
C VAL D 199 -12.96 -17.96 -30.28
N GLY D 200 -12.41 -16.92 -30.90
CA GLY D 200 -13.12 -15.66 -31.06
C GLY D 200 -12.93 -14.67 -29.94
N ILE D 201 -11.89 -14.82 -29.14
CA ILE D 201 -11.62 -13.94 -28.01
C ILE D 201 -10.38 -13.11 -28.34
N PRO D 202 -10.38 -11.80 -28.11
CA PRO D 202 -9.19 -11.00 -28.38
C PRO D 202 -7.98 -11.46 -27.57
N LEU D 203 -6.80 -11.14 -28.08
CA LEU D 203 -5.54 -11.46 -27.43
C LEU D 203 -4.78 -10.17 -27.16
N ARG D 204 -4.36 -9.99 -25.90
CA ARG D 204 -3.58 -8.81 -25.53
C ARG D 204 -2.16 -9.27 -25.28
N MET D 205 -1.31 -9.08 -26.28
CA MET D 205 0.10 -9.55 -26.18
C MET D 205 0.94 -8.55 -25.41
N ALA D 206 2.17 -8.91 -25.05
CA ALA D 206 3.11 -8.04 -24.31
C ALA D 206 4.46 -8.71 -24.22
N GLY D 207 5.50 -8.02 -24.66
CA GLY D 207 6.85 -8.54 -24.57
C GLY D 207 7.82 -7.68 -25.36
N LYS D 208 9.04 -8.20 -25.48
CA LYS D 208 10.13 -7.50 -26.13
C LYS D 208 10.52 -8.22 -27.42
N VAL D 209 11.14 -7.46 -28.32
CA VAL D 209 11.66 -7.98 -29.58
C VAL D 209 13.11 -7.55 -29.70
N ASP D 210 13.99 -8.50 -30.04
CA ASP D 210 15.40 -8.21 -30.17
C ASP D 210 15.98 -8.78 -31.46
N ARG D 211 17.30 -8.75 -31.59
CA ARG D 211 17.96 -9.23 -32.80
C ARG D 211 17.57 -10.68 -33.10
N VAL D 212 17.73 -11.05 -34.38
CA VAL D 212 17.41 -12.38 -34.91
C VAL D 212 15.90 -12.61 -34.92
N ASP D 213 15.20 -11.95 -34.00
CA ASP D 213 13.74 -12.09 -33.90
C ASP D 213 12.99 -11.11 -34.79
N ARG D 214 13.66 -10.10 -35.37
CA ARG D 214 12.99 -9.23 -36.32
C ARG D 214 12.54 -10.00 -37.56
N ASP D 215 13.31 -11.02 -37.96
CA ASP D 215 12.86 -11.88 -39.05
C ASP D 215 11.57 -12.59 -38.69
N TYR D 216 11.48 -13.10 -37.45
CA TYR D 216 10.25 -13.74 -36.98
C TYR D 216 9.12 -12.74 -36.85
N PHE D 217 9.41 -11.54 -36.34
CA PHE D 217 8.36 -10.58 -36.02
C PHE D 217 7.68 -10.04 -37.27
N LYS D 218 8.45 -9.44 -38.17
CA LYS D 218 7.87 -8.73 -39.30
C LYS D 218 7.28 -9.66 -40.37
N GLU D 219 7.25 -10.96 -40.13
CA GLU D 219 6.69 -11.90 -41.11
C GLU D 219 5.68 -12.86 -40.53
N LEU D 220 5.57 -12.99 -39.21
CA LEU D 220 4.62 -13.92 -38.60
C LEU D 220 3.82 -13.35 -37.44
N ILE D 221 4.24 -12.26 -36.82
CA ILE D 221 3.51 -11.65 -35.70
C ILE D 221 2.90 -10.31 -36.09
N GLU D 222 3.72 -9.42 -36.66
CA GLU D 222 3.23 -8.10 -37.04
C GLU D 222 2.14 -8.14 -38.12
N PRO D 223 2.23 -9.01 -39.16
CA PRO D 223 1.12 -9.07 -40.13
C PRO D 223 -0.17 -9.61 -39.55
N HIS D 224 -0.24 -9.77 -38.23
CA HIS D 224 -1.41 -10.37 -37.59
C HIS D 224 -1.95 -9.54 -36.43
N ILE D 225 -1.43 -8.32 -36.22
CA ILE D 225 -1.91 -7.44 -35.17
C ILE D 225 -2.82 -6.37 -35.78
N ASP D 226 -3.89 -6.03 -35.08
CA ASP D 226 -4.84 -5.02 -35.53
C ASP D 226 -4.98 -3.86 -34.57
N GLY D 227 -4.82 -4.08 -33.27
CA GLY D 227 -5.06 -3.04 -32.28
C GLY D 227 -6.38 -3.24 -31.58
N GLU D 228 -7.44 -3.49 -32.36
CA GLU D 228 -8.76 -3.71 -31.78
C GLU D 228 -8.89 -5.14 -31.25
N PHE D 229 -8.52 -6.12 -32.07
CA PHE D 229 -8.58 -7.52 -31.67
C PHE D 229 -7.26 -8.06 -31.15
N ILE D 230 -6.13 -7.59 -31.68
CA ILE D 230 -4.81 -8.05 -31.28
C ILE D 230 -3.99 -6.81 -30.90
N GLN D 231 -3.87 -6.54 -29.60
CA GLN D 231 -2.98 -5.49 -29.13
C GLN D 231 -1.55 -6.02 -29.07
N PHE D 232 -0.62 -5.19 -28.59
CA PHE D 232 0.76 -5.64 -28.51
C PHE D 232 1.50 -5.13 -27.28
N ILE D 233 1.30 -3.87 -26.92
CA ILE D 233 2.02 -3.15 -25.87
C ILE D 233 3.46 -3.63 -25.74
N GLY D 234 4.37 -3.02 -26.49
CA GLY D 234 5.76 -3.43 -26.49
C GLY D 234 6.43 -3.36 -25.14
N GLU D 235 6.61 -4.52 -24.50
CA GLU D 235 7.32 -4.65 -23.23
C GLU D 235 6.64 -3.87 -22.11
N ALA D 236 5.85 -4.56 -21.29
CA ALA D 236 5.17 -3.94 -20.17
C ALA D 236 5.98 -4.08 -18.89
N ASP D 237 5.57 -3.33 -17.87
CA ASP D 237 6.23 -3.32 -16.58
C ASP D 237 5.40 -4.09 -15.56
N HIS D 238 5.75 -3.95 -14.27
CA HIS D 238 5.05 -4.67 -13.23
C HIS D 238 3.60 -4.21 -13.08
N PRO D 239 3.29 -2.92 -12.96
CA PRO D 239 1.88 -2.54 -12.79
C PRO D 239 1.00 -2.89 -13.98
N THR D 240 1.55 -2.93 -15.18
CA THR D 240 0.73 -3.26 -16.35
C THR D 240 0.52 -4.76 -16.49
N LYS D 241 1.61 -5.54 -16.41
CA LYS D 241 1.50 -6.99 -16.49
C LYS D 241 0.70 -7.57 -15.34
N ASN D 242 0.58 -6.85 -14.23
CA ASN D 242 -0.20 -7.34 -13.10
C ASN D 242 -1.70 -7.24 -13.40
N ALA D 243 -2.11 -6.21 -14.13
CA ALA D 243 -3.49 -6.10 -14.58
C ALA D 243 -3.71 -6.74 -15.94
N LEU D 244 -2.64 -6.96 -16.71
CA LEU D 244 -2.76 -7.65 -17.98
C LEU D 244 -3.22 -9.10 -17.79
N LEU D 245 -2.64 -9.80 -16.82
CA LEU D 245 -3.00 -11.17 -16.54
C LEU D 245 -4.21 -11.29 -15.62
N GLY D 246 -4.39 -10.35 -14.69
CA GLY D 246 -5.53 -10.41 -13.81
C GLY D 246 -6.85 -10.20 -14.54
N GLY D 247 -6.88 -9.23 -15.46
CA GLY D 247 -8.09 -8.96 -16.22
C GLY D 247 -8.39 -9.98 -17.29
N ALA D 248 -7.42 -10.82 -17.64
CA ALA D 248 -7.65 -11.85 -18.65
C ALA D 248 -8.27 -13.08 -18.02
N ILE D 249 -8.97 -13.86 -18.86
CA ILE D 249 -9.55 -15.11 -18.37
C ILE D 249 -8.47 -16.19 -18.24
N ALA D 250 -7.42 -16.08 -19.04
CA ALA D 250 -6.33 -17.09 -19.02
C ALA D 250 -5.06 -16.53 -19.62
N MET D 251 -3.93 -17.20 -19.37
CA MET D 251 -2.64 -16.78 -19.96
C MET D 251 -2.22 -17.84 -20.96
N LEU D 252 -2.06 -17.46 -22.22
CA LEU D 252 -1.61 -18.41 -23.26
C LEU D 252 -0.10 -18.52 -23.17
N PHE D 253 0.39 -19.75 -23.13
CA PHE D 253 1.82 -20.02 -23.03
C PHE D 253 2.18 -21.19 -23.95
N PRO D 254 1.96 -21.04 -25.26
CA PRO D 254 2.20 -22.18 -26.18
C PRO D 254 3.66 -22.28 -26.62
N ILE D 255 4.48 -22.84 -25.73
CA ILE D 255 5.91 -22.94 -25.98
C ILE D 255 6.20 -24.13 -26.89
N THR D 256 7.27 -24.00 -27.67
CA THR D 256 7.80 -25.06 -28.51
C THR D 256 9.28 -25.24 -28.24
N TRP D 257 9.67 -25.23 -26.96
CA TRP D 257 11.06 -25.15 -26.58
C TRP D 257 11.19 -25.58 -25.12
N GLN D 258 12.29 -26.27 -24.81
CA GLN D 258 12.52 -26.78 -23.46
C GLN D 258 12.67 -25.65 -22.46
N GLU D 259 11.55 -25.14 -21.95
CA GLU D 259 11.58 -24.03 -21.01
C GLU D 259 12.20 -24.48 -19.69
N PRO D 260 13.22 -23.79 -19.18
CA PRO D 260 13.80 -24.18 -17.89
C PRO D 260 12.84 -24.03 -16.73
N PHE D 261 12.07 -22.94 -16.68
CA PHE D 261 11.09 -22.75 -15.63
C PHE D 261 9.81 -22.12 -16.17
N GLY D 262 9.78 -20.79 -16.24
CA GLY D 262 8.60 -20.07 -16.70
C GLY D 262 8.04 -19.15 -15.63
N LEU D 263 8.77 -18.06 -15.34
CA LEU D 263 8.32 -17.13 -14.31
C LEU D 263 7.01 -16.46 -14.70
N VAL D 264 6.71 -16.43 -15.99
CA VAL D 264 5.49 -15.74 -16.46
C VAL D 264 4.24 -16.54 -16.08
N MET D 265 4.38 -17.83 -15.80
CA MET D 265 3.21 -18.68 -15.48
C MET D 265 2.81 -18.44 -14.05
N ILE D 266 3.78 -18.43 -13.15
CA ILE D 266 3.50 -18.21 -11.70
C ILE D 266 3.04 -16.78 -11.45
N GLU D 267 3.53 -15.81 -12.23
CA GLU D 267 3.09 -14.40 -12.10
C GLU D 267 1.61 -14.28 -12.44
N SER D 268 1.15 -15.00 -13.45
CA SER D 268 -0.26 -14.92 -13.89
C SER D 268 -1.15 -15.47 -12.79
N MET D 269 -0.77 -16.61 -12.23
CA MET D 269 -1.60 -17.30 -11.20
C MET D 269 -1.70 -16.44 -9.94
N ALA D 270 -0.66 -15.71 -9.59
CA ALA D 270 -0.74 -14.81 -8.42
C ALA D 270 -1.87 -13.81 -8.64
N ALA D 271 -2.01 -13.26 -9.84
CA ALA D 271 -3.13 -12.38 -10.08
C ALA D 271 -4.45 -13.12 -10.21
N GLY D 272 -4.47 -14.42 -9.92
CA GLY D 272 -5.66 -15.23 -10.08
C GLY D 272 -6.01 -15.45 -11.55
N THR D 273 -5.15 -16.18 -12.27
CA THR D 273 -5.37 -16.42 -13.69
C THR D 273 -4.70 -17.73 -14.11
N PRO D 274 -5.47 -18.74 -14.51
CA PRO D 274 -4.87 -20.02 -14.91
C PRO D 274 -4.07 -19.88 -16.19
N VAL D 275 -3.22 -20.88 -16.42
CA VAL D 275 -2.29 -20.89 -17.54
C VAL D 275 -2.60 -22.07 -18.45
N VAL D 276 -2.80 -21.80 -19.73
CA VAL D 276 -3.01 -22.83 -20.74
C VAL D 276 -1.72 -22.90 -21.55
N ALA D 277 -0.93 -23.94 -21.32
CA ALA D 277 0.40 -24.05 -21.90
C ALA D 277 0.60 -25.42 -22.54
N ILE D 278 1.56 -25.49 -23.45
CA ILE D 278 1.95 -26.75 -24.07
C ILE D 278 2.79 -27.53 -23.08
N ALA D 279 2.48 -28.83 -22.93
CA ALA D 279 3.16 -29.69 -21.97
C ALA D 279 4.58 -29.96 -22.44
N LYS D 280 5.46 -28.99 -22.19
CA LYS D 280 6.88 -29.10 -22.50
C LYS D 280 7.68 -28.37 -21.45
N GLY D 281 8.88 -28.86 -21.18
CA GLY D 281 9.74 -28.22 -20.20
C GLY D 281 9.17 -28.36 -18.79
N ALA D 282 9.33 -27.30 -18.01
CA ALA D 282 8.90 -27.27 -16.62
C ALA D 282 7.42 -26.93 -16.46
N ALA D 283 6.67 -26.83 -17.55
CA ALA D 283 5.24 -26.56 -17.44
C ALA D 283 4.48 -27.62 -16.65
N PRO D 284 4.69 -28.93 -16.87
CA PRO D 284 4.01 -29.91 -16.01
C PRO D 284 4.38 -29.79 -14.55
N GLU D 285 5.61 -29.35 -14.25
CA GLU D 285 6.01 -29.20 -12.86
C GLU D 285 5.37 -27.99 -12.21
N VAL D 286 5.11 -26.94 -12.99
CA VAL D 286 4.55 -25.71 -12.44
C VAL D 286 3.03 -25.77 -12.35
N ILE D 287 2.37 -26.22 -13.42
CA ILE D 287 0.92 -26.21 -13.49
C ILE D 287 0.37 -27.50 -12.91
N GLU D 288 -0.59 -27.37 -12.00
CA GLU D 288 -1.40 -28.50 -11.55
C GLU D 288 -2.59 -28.63 -12.50
N HIS D 289 -2.57 -29.66 -13.35
CA HIS D 289 -3.58 -29.79 -14.39
C HIS D 289 -4.97 -29.91 -13.77
N GLY D 290 -5.96 -29.33 -14.45
CA GLY D 290 -7.33 -29.37 -14.01
C GLY D 290 -7.66 -28.53 -12.80
N LYS D 291 -6.67 -27.99 -12.11
CA LYS D 291 -6.90 -27.19 -10.90
C LYS D 291 -6.39 -25.76 -11.03
N THR D 292 -5.22 -25.55 -11.62
CA THR D 292 -4.68 -24.21 -11.82
C THR D 292 -4.32 -23.93 -13.27
N GLY D 293 -4.61 -24.84 -14.18
CA GLY D 293 -4.29 -24.62 -15.58
C GLY D 293 -4.68 -25.82 -16.43
N PHE D 294 -4.01 -25.94 -17.57
CA PHE D 294 -4.31 -27.03 -18.50
C PHE D 294 -3.06 -27.34 -19.31
N LEU D 295 -2.43 -28.47 -19.01
CA LEU D 295 -1.25 -28.95 -19.74
C LEU D 295 -1.72 -29.63 -21.03
N CYS D 296 -1.84 -28.85 -22.09
CA CYS D 296 -2.26 -29.37 -23.38
C CYS D 296 -1.06 -29.82 -24.19
N HIS D 297 -1.33 -30.58 -25.25
CA HIS D 297 -0.27 -31.11 -26.11
C HIS D 297 -0.39 -30.66 -27.56
N SER D 298 -1.37 -29.82 -27.89
CA SER D 298 -1.52 -29.34 -29.26
C SER D 298 -2.26 -28.00 -29.22
N VAL D 299 -2.20 -27.30 -30.35
CA VAL D 299 -2.92 -26.02 -30.47
C VAL D 299 -4.42 -26.26 -30.42
N GLU D 300 -4.89 -27.39 -30.95
CA GLU D 300 -6.31 -27.70 -30.92
C GLU D 300 -6.78 -28.09 -29.51
N ASP D 301 -5.88 -28.57 -28.65
CA ASP D 301 -6.26 -28.85 -27.27
C ASP D 301 -6.40 -27.58 -26.45
N CYS D 302 -5.61 -26.54 -26.76
CA CYS D 302 -5.73 -25.29 -26.04
C CYS D 302 -7.01 -24.54 -26.40
N VAL D 303 -7.50 -24.73 -27.62
CA VAL D 303 -8.74 -24.07 -28.03
C VAL D 303 -9.92 -24.58 -27.19
N ALA D 304 -9.99 -25.89 -26.99
CA ALA D 304 -11.06 -26.45 -26.16
C ALA D 304 -10.79 -26.26 -24.68
N ALA D 305 -9.52 -26.12 -24.29
CA ALA D 305 -9.19 -25.89 -22.89
C ALA D 305 -9.61 -24.51 -22.41
N VAL D 306 -9.75 -23.55 -23.33
CA VAL D 306 -10.20 -22.22 -22.95
C VAL D 306 -11.64 -22.26 -22.45
N ALA D 307 -12.48 -23.08 -23.07
CA ALA D 307 -13.85 -23.23 -22.61
C ALA D 307 -13.93 -23.84 -21.21
N GLN D 308 -12.91 -24.58 -20.80
CA GLN D 308 -12.86 -25.20 -19.48
C GLN D 308 -12.14 -24.32 -18.46
N VAL D 309 -12.02 -23.02 -18.72
CA VAL D 309 -11.30 -22.10 -17.85
C VAL D 309 -12.24 -21.43 -16.85
N PRO D 310 -13.41 -20.90 -17.24
CA PRO D 310 -14.27 -20.24 -16.26
C PRO D 310 -14.70 -21.13 -15.09
N GLN D 311 -14.53 -22.44 -15.18
CA GLN D 311 -14.85 -23.34 -14.08
C GLN D 311 -13.72 -23.48 -13.07
N LEU D 312 -12.57 -22.84 -13.31
CA LEU D 312 -11.44 -22.90 -12.41
C LEU D 312 -11.50 -21.74 -11.42
N ASP D 313 -11.29 -22.05 -10.15
CA ASP D 313 -11.33 -21.03 -9.09
C ASP D 313 -10.02 -20.25 -9.11
N ARG D 314 -10.12 -18.97 -9.47
CA ARG D 314 -8.88 -18.17 -9.64
C ARG D 314 -8.26 -17.89 -8.27
N MET D 315 -9.06 -17.86 -7.22
CA MET D 315 -8.48 -17.68 -5.86
C MET D 315 -7.52 -18.84 -5.60
N ALA D 316 -7.93 -20.06 -5.88
CA ALA D 316 -7.08 -21.25 -5.62
C ALA D 316 -5.72 -21.05 -6.28
N CYS D 317 -5.71 -20.39 -7.43
CA CYS D 317 -4.43 -20.28 -8.13
C CYS D 317 -3.43 -19.42 -7.37
N ARG D 318 -3.90 -18.50 -6.52
CA ARG D 318 -2.98 -17.64 -5.78
C ARG D 318 -2.37 -18.39 -4.59
N ASP D 319 -3.19 -19.11 -3.83
CA ASP D 319 -2.66 -19.90 -2.72
C ASP D 319 -1.74 -21.00 -3.19
N TYR D 320 -1.88 -21.45 -4.44
CA TYR D 320 -0.95 -22.43 -4.99
C TYR D 320 0.43 -21.83 -5.20
N VAL D 321 0.50 -20.55 -5.57
CA VAL D 321 1.79 -19.90 -5.73
C VAL D 321 2.40 -19.61 -4.37
N TRP D 322 1.58 -19.31 -3.37
CA TRP D 322 2.07 -19.04 -2.02
C TRP D 322 2.80 -20.24 -1.42
N GLN D 323 2.61 -21.43 -1.98
CA GLN D 323 3.24 -22.63 -1.44
C GLN D 323 4.52 -22.97 -2.20
N ARG D 324 4.38 -23.52 -3.41
CA ARG D 324 5.54 -24.02 -4.14
C ARG D 324 6.43 -22.90 -4.68
N PHE D 325 5.88 -21.70 -4.88
CA PHE D 325 6.67 -20.62 -5.48
C PHE D 325 6.72 -19.40 -4.56
N SER D 326 7.20 -19.59 -3.33
CA SER D 326 7.31 -18.52 -2.36
C SER D 326 8.77 -18.13 -2.17
N VAL D 327 9.00 -16.86 -1.85
CA VAL D 327 10.36 -16.37 -1.66
C VAL D 327 10.98 -16.98 -0.40
N GLU D 328 10.16 -17.30 0.59
CA GLU D 328 10.68 -17.92 1.81
C GLU D 328 11.15 -19.35 1.54
N ARG D 329 10.45 -20.10 0.70
CA ARG D 329 10.95 -21.45 0.36
C ARG D 329 12.28 -21.34 -0.37
N MET D 330 12.33 -20.53 -1.42
CA MET D 330 13.54 -20.41 -2.27
C MET D 330 14.78 -20.16 -1.40
N VAL D 331 14.80 -19.07 -0.66
CA VAL D 331 16.01 -18.72 0.11
C VAL D 331 16.35 -19.89 1.02
N SER D 332 15.38 -20.40 1.78
CA SER D 332 15.70 -21.51 2.68
C SER D 332 16.28 -22.70 1.94
N GLU D 333 15.99 -22.83 0.64
CA GLU D 333 16.56 -23.93 -0.14
C GLU D 333 17.95 -23.59 -0.63
N TYR D 334 18.17 -22.36 -1.11
CA TYR D 334 19.51 -21.95 -1.52
C TYR D 334 20.47 -21.94 -0.33
N GLU D 335 19.99 -21.53 0.84
CA GLU D 335 20.83 -21.55 2.03
C GLU D 335 21.21 -22.98 2.42
N ALA D 336 20.32 -23.93 2.15
CA ALA D 336 20.69 -25.33 2.34
C ALA D 336 21.70 -25.79 1.30
N VAL D 337 21.61 -25.25 0.08
CA VAL D 337 22.60 -25.55 -0.94
C VAL D 337 23.94 -24.93 -0.58
N TYR D 338 23.91 -23.72 0.00
CA TYR D 338 25.16 -23.05 0.38
C TYR D 338 25.89 -23.85 1.46
N ASP D 339 25.17 -24.28 2.50
CA ASP D 339 25.78 -25.08 3.54
C ASP D 339 26.20 -26.46 3.05
N THR D 340 25.61 -26.94 1.96
CA THR D 340 25.98 -28.25 1.43
C THR D 340 27.32 -28.19 0.70
N VAL D 341 27.53 -27.13 -0.08
CA VAL D 341 28.77 -27.01 -0.85
C VAL D 341 29.95 -26.74 0.08
N LEU D 342 29.75 -25.92 1.11
CA LEU D 342 30.84 -25.60 2.02
C LEU D 342 31.21 -26.78 2.91
N ALA D 343 30.25 -27.65 3.23
CA ALA D 343 30.54 -28.79 4.08
C ALA D 343 31.25 -29.90 3.30
N ASN D 344 30.73 -30.24 2.12
CA ASN D 344 31.32 -31.31 1.31
C ASN D 344 32.38 -30.70 0.40
N THR D 345 33.57 -30.52 0.96
CA THR D 345 34.70 -29.98 0.20
C THR D 345 35.82 -31.01 0.10
N PHE D 346 36.89 -30.79 0.87
CA PHE D 346 38.04 -31.69 0.83
C PHE D 346 37.72 -33.00 1.56
N VAL D 347 38.28 -34.09 1.05
CA VAL D 347 38.07 -35.41 1.64
C VAL D 347 39.30 -36.28 1.45
#